data_2C5J
# 
_entry.id   2C5J 
# 
_audit_conform.dict_name       mmcif_pdbx.dic 
_audit_conform.dict_version    5.382 
_audit_conform.dict_location   http://mmcif.pdb.org/dictionaries/ascii/mmcif_pdbx.dic 
# 
loop_
_database_2.database_id 
_database_2.database_code 
_database_2.pdbx_database_accession 
_database_2.pdbx_DOI 
PDB   2C5J         pdb_00002c5j 10.2210/pdb2c5j/pdb 
PDBE  EBI-26194    ?            ?                   
WWPDB D_1290026194 ?            ?                   
# 
loop_
_pdbx_database_related.db_name 
_pdbx_database_related.db_id 
_pdbx_database_related.content_type 
_pdbx_database_related.details 
PDB 2C5I unspecified 'N-TERMINAL DOMAIN OF TLG1 COMPLEXED WITH N -TERMINUS OF VPS51 IN DISTORTED CONFORMATION' 
PDB 2C5K unspecified 'N-TERMINAL DOMAIN OF TLG1 COMPLEXED WITH N -TERMINUS OF VPS51'                           
# 
_pdbx_database_status.status_code                     REL 
_pdbx_database_status.entry_id                        2C5J 
_pdbx_database_status.deposit_site                    PDBE 
_pdbx_database_status.process_site                    PDBE 
_pdbx_database_status.SG_entry                        . 
_pdbx_database_status.recvd_initial_deposition_date   2005-10-27 
_pdbx_database_status.pdb_format_compatible           Y 
_pdbx_database_status.status_code_sf                  REL 
_pdbx_database_status.status_code_mr                  ? 
_pdbx_database_status.status_code_cs                  ? 
_pdbx_database_status.methods_development_category    ? 
_pdbx_database_status.status_code_nmr_data            ? 
# 
loop_
_audit_author.name 
_audit_author.pdbx_ordinal 
'Fridmann-Sirkis, Y.' 1 
'Kent, H.M.'          2 
'Lewis, M.J.'         3 
'Evans, P.R.'         4 
'Pelham, H.R.B.'      5 
# 
_citation.id                        primary 
_citation.title                     'Structural Analysis of the Interaction between the Snare Tlg1 and Vps51.' 
_citation.journal_abbrev            Traffic 
_citation.journal_volume            7 
_citation.page_first                182 
_citation.page_last                 ? 
_citation.year                      2006 
_citation.journal_id_ASTM           ? 
_citation.country                   DK 
_citation.journal_id_ISSN           1398-9219 
_citation.journal_id_CSD            ? 
_citation.book_publisher            ? 
_citation.pdbx_database_id_PubMed   16420526 
_citation.pdbx_database_id_DOI      10.1111/J.1600-0854.2005.00374.X 
# 
loop_
_citation_author.citation_id 
_citation_author.name 
_citation_author.ordinal 
_citation_author.identifier_ORCID 
primary 'Fridmann-Sirkis, Y.' 1 ? 
primary 'Kent, H.M.'          2 ? 
primary 'Lewis, M.J.'         3 ? 
primary 'Evans, P.R.'         4 ? 
primary 'Pelham, H.R.B.'      5 ? 
# 
_cell.entry_id           2C5J 
_cell.length_a           44.666 
_cell.length_b           46.104 
_cell.length_c           117.887 
_cell.angle_alpha        90.00 
_cell.angle_beta         90.00 
_cell.angle_gamma        90.00 
_cell.Z_PDB              8 
_cell.pdbx_unique_axis   ? 
# 
_symmetry.entry_id                         2C5J 
_symmetry.space_group_name_H-M             'P 21 21 21' 
_symmetry.pdbx_full_space_group_name_H-M   ? 
_symmetry.cell_setting                     ? 
_symmetry.Int_Tables_number                19 
# 
loop_
_entity.id 
_entity.type 
_entity.src_method 
_entity.pdbx_description 
_entity.formula_weight 
_entity.pdbx_number_of_molecules 
_entity.pdbx_ec 
_entity.pdbx_mutation 
_entity.pdbx_fragment 
_entity.details 
1 polymer man 'T-SNARE AFFECTING A LATE GOLGI COMPARTMENT PROTEIN 1' 11244.396 2  ? ? 'N-TERMINAL DOMAIN, RESIDUES 1-95' ? 
2 water   nat water                                                  18.015    75 ? ? ?                                  ? 
# 
_entity_name_com.entity_id   1 
_entity_name_com.name        'SYNTAXIN TLG1' 
# 
_entity_poly.entity_id                      1 
_entity_poly.type                           'polypeptide(L)' 
_entity_poly.nstd_linkage                   no 
_entity_poly.nstd_monomer                   no 
_entity_poly.pdbx_seq_one_letter_code       
;MNNSEDPFQQVVKDTKEQLNRINNYITRHNTAGDDDQEEEIQDILKDVEETIVDLDRSIIVMKRDENEDVSGREAQVKNI
KQQLDALKLRFDRRI
;
_entity_poly.pdbx_seq_one_letter_code_can   
;MNNSEDPFQQVVKDTKEQLNRINNYITRHNTAGDDDQEEEIQDILKDVEETIVDLDRSIIVMKRDENEDVSGREAQVKNI
KQQLDALKLRFDRRI
;
_entity_poly.pdbx_strand_id                 A,B 
_entity_poly.pdbx_target_identifier         ? 
# 
loop_
_entity_poly_seq.entity_id 
_entity_poly_seq.num 
_entity_poly_seq.mon_id 
_entity_poly_seq.hetero 
1 1  MET n 
1 2  ASN n 
1 3  ASN n 
1 4  SER n 
1 5  GLU n 
1 6  ASP n 
1 7  PRO n 
1 8  PHE n 
1 9  GLN n 
1 10 GLN n 
1 11 VAL n 
1 12 VAL n 
1 13 LYS n 
1 14 ASP n 
1 15 THR n 
1 16 LYS n 
1 17 GLU n 
1 18 GLN n 
1 19 LEU n 
1 20 ASN n 
1 21 ARG n 
1 22 ILE n 
1 23 ASN n 
1 24 ASN n 
1 25 TYR n 
1 26 ILE n 
1 27 THR n 
1 28 ARG n 
1 29 HIS n 
1 30 ASN n 
1 31 THR n 
1 32 ALA n 
1 33 GLY n 
1 34 ASP n 
1 35 ASP n 
1 36 ASP n 
1 37 GLN n 
1 38 GLU n 
1 39 GLU n 
1 40 GLU n 
1 41 ILE n 
1 42 GLN n 
1 43 ASP n 
1 44 ILE n 
1 45 LEU n 
1 46 LYS n 
1 47 ASP n 
1 48 VAL n 
1 49 GLU n 
1 50 GLU n 
1 51 THR n 
1 52 ILE n 
1 53 VAL n 
1 54 ASP n 
1 55 LEU n 
1 56 ASP n 
1 57 ARG n 
1 58 SER n 
1 59 ILE n 
1 60 ILE n 
1 61 VAL n 
1 62 MET n 
1 63 LYS n 
1 64 ARG n 
1 65 ASP n 
1 66 GLU n 
1 67 ASN n 
1 68 GLU n 
1 69 ASP n 
1 70 VAL n 
1 71 SER n 
1 72 GLY n 
1 73 ARG n 
1 74 GLU n 
1 75 ALA n 
1 76 GLN n 
1 77 VAL n 
1 78 LYS n 
1 79 ASN n 
1 80 ILE n 
1 81 LYS n 
1 82 GLN n 
1 83 GLN n 
1 84 LEU n 
1 85 ASP n 
1 86 ALA n 
1 87 LEU n 
1 88 LYS n 
1 89 LEU n 
1 90 ARG n 
1 91 PHE n 
1 92 ASP n 
1 93 ARG n 
1 94 ARG n 
1 95 ILE n 
# 
_entity_src_gen.entity_id                          1 
_entity_src_gen.pdbx_src_id                        1 
_entity_src_gen.pdbx_alt_source_flag               sample 
_entity_src_gen.pdbx_seq_type                      ? 
_entity_src_gen.pdbx_beg_seq_num                   ? 
_entity_src_gen.pdbx_end_seq_num                   ? 
_entity_src_gen.gene_src_common_name               
;BAKER'S YEAST
;
_entity_src_gen.gene_src_genus                     ? 
_entity_src_gen.pdbx_gene_src_gene                 ? 
_entity_src_gen.gene_src_species                   ? 
_entity_src_gen.gene_src_strain                    ? 
_entity_src_gen.gene_src_tissue                    ? 
_entity_src_gen.gene_src_tissue_fraction           ? 
_entity_src_gen.gene_src_details                   ? 
_entity_src_gen.pdbx_gene_src_fragment             ? 
_entity_src_gen.pdbx_gene_src_scientific_name      'SACCHAROMYCES CEREVISIAE' 
_entity_src_gen.pdbx_gene_src_ncbi_taxonomy_id     4932 
_entity_src_gen.pdbx_gene_src_variant              ? 
_entity_src_gen.pdbx_gene_src_cell_line            ? 
_entity_src_gen.pdbx_gene_src_atcc                 ? 
_entity_src_gen.pdbx_gene_src_organ                ? 
_entity_src_gen.pdbx_gene_src_organelle            ? 
_entity_src_gen.pdbx_gene_src_cell                 ? 
_entity_src_gen.pdbx_gene_src_cellular_location    ? 
_entity_src_gen.host_org_common_name               ? 
_entity_src_gen.pdbx_host_org_scientific_name      'ESCHERICHIA COLI' 
_entity_src_gen.pdbx_host_org_ncbi_taxonomy_id     511693 
_entity_src_gen.host_org_genus                     ? 
_entity_src_gen.pdbx_host_org_gene                 ? 
_entity_src_gen.pdbx_host_org_organ                ? 
_entity_src_gen.host_org_species                   ? 
_entity_src_gen.pdbx_host_org_tissue               ? 
_entity_src_gen.pdbx_host_org_tissue_fraction      ? 
_entity_src_gen.pdbx_host_org_strain               BL21 
_entity_src_gen.pdbx_host_org_variant              ? 
_entity_src_gen.pdbx_host_org_cell_line            ? 
_entity_src_gen.pdbx_host_org_atcc                 ? 
_entity_src_gen.pdbx_host_org_culture_collection   ? 
_entity_src_gen.pdbx_host_org_cell                 ? 
_entity_src_gen.pdbx_host_org_organelle            ? 
_entity_src_gen.pdbx_host_org_cellular_location    ? 
_entity_src_gen.pdbx_host_org_vector_type          ? 
_entity_src_gen.pdbx_host_org_vector               ? 
_entity_src_gen.host_org_details                   ? 
_entity_src_gen.expression_system_id               ? 
_entity_src_gen.plasmid_name                       PET30A 
_entity_src_gen.plasmid_details                    ? 
_entity_src_gen.pdbx_description                   ? 
# 
_struct_ref.id                         1 
_struct_ref.db_name                    UNP 
_struct_ref.db_code                    TLG1_YEAST 
_struct_ref.entity_id                  1 
_struct_ref.pdbx_seq_one_letter_code   ? 
_struct_ref.pdbx_align_begin           ? 
_struct_ref.pdbx_db_accession          Q03322 
_struct_ref.pdbx_db_isoform            ? 
# 
loop_
_struct_ref_seq.align_id 
_struct_ref_seq.ref_id 
_struct_ref_seq.pdbx_PDB_id_code 
_struct_ref_seq.pdbx_strand_id 
_struct_ref_seq.seq_align_beg 
_struct_ref_seq.pdbx_seq_align_beg_ins_code 
_struct_ref_seq.seq_align_end 
_struct_ref_seq.pdbx_seq_align_end_ins_code 
_struct_ref_seq.pdbx_db_accession 
_struct_ref_seq.db_align_beg 
_struct_ref_seq.pdbx_db_align_beg_ins_code 
_struct_ref_seq.db_align_end 
_struct_ref_seq.pdbx_db_align_end_ins_code 
_struct_ref_seq.pdbx_auth_seq_align_beg 
_struct_ref_seq.pdbx_auth_seq_align_end 
1 1 2C5J A 1 ? 95 ? Q03322 1 ? 95 ? 1 95 
2 1 2C5J B 1 ? 95 ? Q03322 1 ? 95 ? 1 95 
# 
loop_
_chem_comp.id 
_chem_comp.type 
_chem_comp.mon_nstd_flag 
_chem_comp.name 
_chem_comp.pdbx_synonyms 
_chem_comp.formula 
_chem_comp.formula_weight 
ALA 'L-peptide linking' y ALANINE         ? 'C3 H7 N O2'     89.093  
ARG 'L-peptide linking' y ARGININE        ? 'C6 H15 N4 O2 1' 175.209 
ASN 'L-peptide linking' y ASPARAGINE      ? 'C4 H8 N2 O3'    132.118 
ASP 'L-peptide linking' y 'ASPARTIC ACID' ? 'C4 H7 N O4'     133.103 
GLN 'L-peptide linking' y GLUTAMINE       ? 'C5 H10 N2 O3'   146.144 
GLU 'L-peptide linking' y 'GLUTAMIC ACID' ? 'C5 H9 N O4'     147.129 
GLY 'peptide linking'   y GLYCINE         ? 'C2 H5 N O2'     75.067  
HIS 'L-peptide linking' y HISTIDINE       ? 'C6 H10 N3 O2 1' 156.162 
HOH non-polymer         . WATER           ? 'H2 O'           18.015  
ILE 'L-peptide linking' y ISOLEUCINE      ? 'C6 H13 N O2'    131.173 
LEU 'L-peptide linking' y LEUCINE         ? 'C6 H13 N O2'    131.173 
LYS 'L-peptide linking' y LYSINE          ? 'C6 H15 N2 O2 1' 147.195 
MET 'L-peptide linking' y METHIONINE      ? 'C5 H11 N O2 S'  149.211 
PHE 'L-peptide linking' y PHENYLALANINE   ? 'C9 H11 N O2'    165.189 
PRO 'L-peptide linking' y PROLINE         ? 'C5 H9 N O2'     115.130 
SER 'L-peptide linking' y SERINE          ? 'C3 H7 N O3'     105.093 
THR 'L-peptide linking' y THREONINE       ? 'C4 H9 N O3'     119.119 
TYR 'L-peptide linking' y TYROSINE        ? 'C9 H11 N O3'    181.189 
VAL 'L-peptide linking' y VALINE          ? 'C5 H11 N O2'    117.146 
# 
_exptl.entry_id          2C5J 
_exptl.method            'X-RAY DIFFRACTION' 
_exptl.crystals_number   1 
# 
_exptl_crystal.id                    1 
_exptl_crystal.density_meas          ? 
_exptl_crystal.density_Matthews      2.90 
_exptl_crystal.density_percent_sol   57.28 
_exptl_crystal.description           ? 
# 
_exptl_crystal_grow.crystal_id      1 
_exptl_crystal_grow.method          ? 
_exptl_crystal_grow.temp            ? 
_exptl_crystal_grow.temp_details    ? 
_exptl_crystal_grow.pH              5.60 
_exptl_crystal_grow.pdbx_pH_range   ? 
_exptl_crystal_grow.pdbx_details    '20MG/ML PROTEIN, 8% PEG8000, 80MM K PHOSPHATE PH5.6, FROZEN IN 22.5% GLYCEROL, pH 5.60' 
# 
_diffrn.id                     1 
_diffrn.ambient_temp           100.0 
_diffrn.ambient_temp_details   ? 
_diffrn.crystal_id             1 
# 
_diffrn_detector.diffrn_id              1 
_diffrn_detector.detector               'IMAGE PLATE' 
_diffrn_detector.type                   MARRESEARCH 
_diffrn_detector.pdbx_collection_date   2004-06-30 
_diffrn_detector.details                'OSMIC MIRRORS' 
# 
_diffrn_radiation.diffrn_id                        1 
_diffrn_radiation.wavelength_id                    1 
_diffrn_radiation.pdbx_monochromatic_or_laue_m_l   M 
_diffrn_radiation.monochromator                    'OSMIC MIRRORS' 
_diffrn_radiation.pdbx_diffrn_protocol             'SINGLE WAVELENGTH' 
_diffrn_radiation.pdbx_scattering_type             x-ray 
# 
_diffrn_radiation_wavelength.id           1 
_diffrn_radiation_wavelength.wavelength   1.5418 
_diffrn_radiation_wavelength.wt           1.0 
# 
_diffrn_source.diffrn_id                   1 
_diffrn_source.source                      'ROTATING ANODE' 
_diffrn_source.type                        'RIGAKU RU200' 
_diffrn_source.pdbx_synchrotron_site       ? 
_diffrn_source.pdbx_synchrotron_beamline   ? 
_diffrn_source.pdbx_wavelength             1.5418 
_diffrn_source.pdbx_wavelength_list        ? 
# 
_reflns.pdbx_diffrn_id               1 
_reflns.pdbx_ordinal                 1 
_reflns.entry_id                     2C5J 
_reflns.observed_criterion_sigma_I   0.000 
_reflns.observed_criterion_sigma_F   ? 
_reflns.d_resolution_low             25.000 
_reflns.d_resolution_high            2.100 
_reflns.number_obs                   14293 
_reflns.number_all                   ? 
_reflns.percent_possible_obs         96.4 
_reflns.pdbx_Rmerge_I_obs            0.05000 
_reflns.pdbx_Rsym_value              ? 
_reflns.pdbx_netI_over_sigmaI        16.4000 
_reflns.B_iso_Wilson_estimate        ? 
_reflns.pdbx_redundancy              3.400 
# 
_reflns_shell.pdbx_diffrn_id         1 
_reflns_shell.pdbx_ordinal           1 
_reflns_shell.d_res_high             2.10 
_reflns_shell.d_res_low              2.21 
_reflns_shell.percent_possible_all   91.9 
_reflns_shell.Rmerge_I_obs           0.33000 
_reflns_shell.pdbx_Rsym_value        ? 
_reflns_shell.meanI_over_sigI_obs    4.500 
_reflns_shell.pdbx_redundancy        3.40 
# 
_refine.pdbx_refine_id                           'X-RAY DIFFRACTION' 
_refine.entry_id                                 2C5J 
_refine.pdbx_diffrn_id                           1 
_refine.pdbx_TLS_residual_ADP_flag               ? 
_refine.ls_number_reflns_obs                     13533 
_refine.ls_number_reflns_all                     ? 
_refine.pdbx_ls_sigma_I                          ? 
_refine.pdbx_ls_sigma_F                          ? 
_refine.pdbx_data_cutoff_high_absF               ? 
_refine.pdbx_data_cutoff_low_absF                ? 
_refine.pdbx_data_cutoff_high_rms_absF           ? 
_refine.ls_d_res_low                             58.93 
_refine.ls_d_res_high                            2.10 
_refine.ls_percent_reflns_obs                    96.1 
_refine.ls_R_factor_obs                          0.259 
_refine.ls_R_factor_all                          ? 
_refine.ls_R_factor_R_work                       0.256 
_refine.ls_R_factor_R_free                       0.311 
_refine.ls_R_factor_R_free_error                 ? 
_refine.ls_R_factor_R_free_error_details         ? 
_refine.ls_percent_reflns_R_free                 5.100 
_refine.ls_number_reflns_R_free                  725 
_refine.ls_number_parameters                     ? 
_refine.ls_number_restraints                     ? 
_refine.occupancy_min                            ? 
_refine.occupancy_max                            ? 
_refine.correlation_coeff_Fo_to_Fc               0.920 
_refine.correlation_coeff_Fo_to_Fc_free          0.882 
_refine.B_iso_mean                               36.07 
_refine.aniso_B[1][1]                            -0.13000 
_refine.aniso_B[2][2]                            2.69000 
_refine.aniso_B[3][3]                            -2.55000 
_refine.aniso_B[1][2]                            0.00000 
_refine.aniso_B[1][3]                            0.00000 
_refine.aniso_B[2][3]                            0.00000 
_refine.solvent_model_details                    MASK 
_refine.solvent_model_param_ksol                 ? 
_refine.solvent_model_param_bsol                 ? 
_refine.pdbx_solvent_vdw_probe_radii             1.20 
_refine.pdbx_solvent_ion_probe_radii             0.80 
_refine.pdbx_solvent_shrinkage_radii             0.80 
_refine.pdbx_ls_cross_valid_method               THROUGHOUT 
_refine.details                                  'HYDROGENS HAVE BEEN ADDED IN THE RIDING POSITIONS.' 
_refine.pdbx_starting_model                      'PDB ENTRY 2C5I' 
_refine.pdbx_method_to_determine_struct          'MOLECULAR REPLACEMENT' 
_refine.pdbx_isotropic_thermal_model             ? 
_refine.pdbx_stereochemistry_target_values       'MAXIMUM LIKELIHOOD' 
_refine.pdbx_stereochem_target_val_spec_case     ? 
_refine.pdbx_R_Free_selection_details            RANDOM 
_refine.pdbx_overall_ESU_R                       0.247 
_refine.pdbx_overall_ESU_R_Free                  0.223 
_refine.overall_SU_ML                            0.165 
_refine.pdbx_overall_phase_error                 ? 
_refine.overall_SU_B                             6.062 
_refine.overall_SU_R_Cruickshank_DPI             ? 
_refine.pdbx_overall_SU_R_free_Cruickshank_DPI   ? 
_refine.pdbx_overall_SU_R_Blow_DPI               ? 
_refine.pdbx_overall_SU_R_free_Blow_DPI          ? 
# 
_refine_hist.pdbx_refine_id                   'X-RAY DIFFRACTION' 
_refine_hist.cycle_id                         LAST 
_refine_hist.pdbx_number_atoms_protein        1419 
_refine_hist.pdbx_number_atoms_nucleic_acid   0 
_refine_hist.pdbx_number_atoms_ligand         0 
_refine_hist.number_atoms_solvent             75 
_refine_hist.number_atoms_total               1494 
_refine_hist.d_res_high                       2.10 
_refine_hist.d_res_low                        58.93 
# 
loop_
_refine_ls_restr.type 
_refine_ls_restr.dev_ideal 
_refine_ls_restr.dev_ideal_target 
_refine_ls_restr.weight 
_refine_ls_restr.number 
_refine_ls_restr.pdbx_refine_id 
_refine_ls_restr.pdbx_restraint_function 
r_bond_refined_d             0.016  0.022  ? 1426 'X-RAY DIFFRACTION' ? 
r_bond_other_d               ?      ?      ? ?    'X-RAY DIFFRACTION' ? 
r_angle_refined_deg          1.360  1.960  ? 1913 'X-RAY DIFFRACTION' ? 
r_angle_other_deg            ?      ?      ? ?    'X-RAY DIFFRACTION' ? 
r_dihedral_angle_1_deg       5.621  5.000  ? 168  'X-RAY DIFFRACTION' ? 
r_dihedral_angle_2_deg       34.310 26.000 ? 90   'X-RAY DIFFRACTION' ? 
r_dihedral_angle_3_deg       16.301 15.000 ? 295  'X-RAY DIFFRACTION' ? 
r_dihedral_angle_4_deg       23.851 15.000 ? 14   'X-RAY DIFFRACTION' ? 
r_chiral_restr               0.095  0.200  ? 218  'X-RAY DIFFRACTION' ? 
r_gen_planes_refined         0.005  0.020  ? 1078 'X-RAY DIFFRACTION' ? 
r_gen_planes_other           ?      ?      ? ?    'X-RAY DIFFRACTION' ? 
r_nbd_refined                0.229  0.200  ? 666  'X-RAY DIFFRACTION' ? 
r_nbd_other                  ?      ?      ? ?    'X-RAY DIFFRACTION' ? 
r_nbtor_refined              0.292  0.200  ? 999  'X-RAY DIFFRACTION' ? 
r_nbtor_other                ?      ?      ? ?    'X-RAY DIFFRACTION' ? 
r_xyhbond_nbd_refined        0.185  0.200  ? 59   'X-RAY DIFFRACTION' ? 
r_xyhbond_nbd_other          ?      ?      ? ?    'X-RAY DIFFRACTION' ? 
r_metal_ion_refined          ?      ?      ? ?    'X-RAY DIFFRACTION' ? 
r_metal_ion_other            ?      ?      ? ?    'X-RAY DIFFRACTION' ? 
r_symmetry_vdw_refined       0.251  0.200  ? 41   'X-RAY DIFFRACTION' ? 
r_symmetry_vdw_other         ?      ?      ? ?    'X-RAY DIFFRACTION' ? 
r_symmetry_hbond_refined     0.141  0.200  ? 9    'X-RAY DIFFRACTION' ? 
r_symmetry_hbond_other       ?      ?      ? ?    'X-RAY DIFFRACTION' ? 
r_symmetry_metal_ion_refined ?      ?      ? ?    'X-RAY DIFFRACTION' ? 
r_symmetry_metal_ion_other   ?      ?      ? ?    'X-RAY DIFFRACTION' ? 
r_mcbond_it                  1.040  1.500  ? 896  'X-RAY DIFFRACTION' ? 
r_mcbond_other               ?      ?      ? ?    'X-RAY DIFFRACTION' ? 
r_mcangle_it                 1.582  2.000  ? 1388 'X-RAY DIFFRACTION' ? 
r_mcangle_other              ?      ?      ? ?    'X-RAY DIFFRACTION' ? 
r_scbond_it                  2.789  3.000  ? 589  'X-RAY DIFFRACTION' ? 
r_scbond_other               ?      ?      ? ?    'X-RAY DIFFRACTION' ? 
r_scangle_it                 4.431  4.500  ? 525  'X-RAY DIFFRACTION' ? 
r_scangle_other              ?      ?      ? ?    'X-RAY DIFFRACTION' ? 
r_long_range_B_refined       ?      ?      ? ?    'X-RAY DIFFRACTION' ? 
r_long_range_B_other         ?      ?      ? ?    'X-RAY DIFFRACTION' ? 
r_rigid_bond_restr           ?      ?      ? ?    'X-RAY DIFFRACTION' ? 
r_sphericity_free            ?      ?      ? ?    'X-RAY DIFFRACTION' ? 
r_sphericity_bonded          ?      ?      ? ?    'X-RAY DIFFRACTION' ? 
# 
_refine_ls_shell.pdbx_refine_id                   'X-RAY DIFFRACTION' 
_refine_ls_shell.pdbx_total_number_of_bins_used   20 
_refine_ls_shell.d_res_high                       2.10 
_refine_ls_shell.d_res_low                        2.15 
_refine_ls_shell.number_reflns_R_work             907 
_refine_ls_shell.R_factor_R_work                  0.2770 
_refine_ls_shell.percent_reflns_obs               ? 
_refine_ls_shell.R_factor_R_free                  0.4010 
_refine_ls_shell.R_factor_R_free_error            ? 
_refine_ls_shell.percent_reflns_R_free            ? 
_refine_ls_shell.number_reflns_R_free             61 
_refine_ls_shell.number_reflns_all                ? 
_refine_ls_shell.R_factor_all                     ? 
# 
_struct.entry_id                  2C5J 
_struct.title                     'N-terminal domain of tlg1, domain-swapped dimer' 
_struct.pdbx_model_details        ? 
_struct.pdbx_CASP_flag            ? 
_struct.pdbx_model_type_details   ? 
# 
_struct_keywords.entry_id        2C5J 
_struct_keywords.pdbx_keywords   'PROTEIN TRANSPORT' 
_struct_keywords.text            'SNARE, TRANSPORT, PROTEIN TRANSPORT, PHOSPHORYLATION' 
# 
loop_
_struct_asym.id 
_struct_asym.pdbx_blank_PDB_chainid_flag 
_struct_asym.pdbx_modified 
_struct_asym.entity_id 
_struct_asym.details 
A N N 1 ? 
B N N 1 ? 
C N N 2 ? 
D N N 2 ? 
# 
_struct_biol.id   1 
# 
loop_
_struct_conf.conf_type_id 
_struct_conf.id 
_struct_conf.pdbx_PDB_helix_id 
_struct_conf.beg_label_comp_id 
_struct_conf.beg_label_asym_id 
_struct_conf.beg_label_seq_id 
_struct_conf.pdbx_beg_PDB_ins_code 
_struct_conf.end_label_comp_id 
_struct_conf.end_label_asym_id 
_struct_conf.end_label_seq_id 
_struct_conf.pdbx_end_PDB_ins_code 
_struct_conf.beg_auth_comp_id 
_struct_conf.beg_auth_asym_id 
_struct_conf.beg_auth_seq_id 
_struct_conf.end_auth_comp_id 
_struct_conf.end_auth_asym_id 
_struct_conf.end_auth_seq_id 
_struct_conf.pdbx_PDB_helix_class 
_struct_conf.details 
_struct_conf.pdbx_PDB_helix_length 
HELX_P HELX_P1 1 ASP A 6  ? ALA A 32 ? ASP A 6  ALA A 32 1 ? 27 
HELX_P HELX_P2 2 GLU A 38 ? ASP A 92 ? GLU A 38 ASP A 92 1 ? 55 
HELX_P HELX_P3 3 ASP B 6  ? HIS B 29 ? ASP B 6  HIS B 29 1 ? 24 
HELX_P HELX_P4 4 ASP B 34 ? ARG B 93 ? ASP B 34 ARG B 93 1 ? 60 
# 
_struct_conf_type.id          HELX_P 
_struct_conf_type.criteria    ? 
_struct_conf_type.reference   ? 
# 
_atom_sites.entry_id                    2C5J 
_atom_sites.fract_transf_matrix[1][1]   0.00589649 
_atom_sites.fract_transf_matrix[1][2]   0.02110556 
_atom_sites.fract_transf_matrix[1][3]   0.00458359 
_atom_sites.fract_transf_matrix[2][1]   -0.00375893 
_atom_sites.fract_transf_matrix[2][2]   0.00553119 
_atom_sites.fract_transf_matrix[2][3]   -0.02063328 
_atom_sites.fract_transf_matrix[3][1]   -0.00805036 
_atom_sites.fract_transf_matrix[3][2]   0.00182440 
_atom_sites.fract_transf_matrix[3][3]   0.00195567 
_atom_sites.fract_transf_vector[1]      0.676077 
_atom_sites.fract_transf_vector[2]      0.801972 
_atom_sites.fract_transf_vector[3]      0.246568 
# 
loop_
_atom_type.symbol 
C 
N 
O 
S 
# 
loop_
_atom_site.group_PDB 
_atom_site.id 
_atom_site.type_symbol 
_atom_site.label_atom_id 
_atom_site.label_alt_id 
_atom_site.label_comp_id 
_atom_site.label_asym_id 
_atom_site.label_entity_id 
_atom_site.label_seq_id 
_atom_site.pdbx_PDB_ins_code 
_atom_site.Cartn_x 
_atom_site.Cartn_y 
_atom_site.Cartn_z 
_atom_site.occupancy 
_atom_site.B_iso_or_equiv 
_atom_site.pdbx_formal_charge 
_atom_site.auth_seq_id 
_atom_site.auth_comp_id 
_atom_site.auth_asym_id 
_atom_site.auth_atom_id 
_atom_site.pdbx_PDB_model_num 
ATOM   1    N N   . ASP A 1 6  ? 10.669  -6.620  8.457   1.00 40.90 ? 6    ASP A N   1 
ATOM   2    C CA  . ASP A 1 6  ? 10.510  -6.157  7.045   1.00 40.03 ? 6    ASP A CA  1 
ATOM   3    C C   . ASP A 1 6  ? 11.768  -6.476  6.219   1.00 39.58 ? 6    ASP A C   1 
ATOM   4    O O   . ASP A 1 6  ? 12.860  -5.956  6.517   1.00 40.30 ? 6    ASP A O   1 
ATOM   5    C CB  . ASP A 1 6  ? 10.175  -4.667  6.994   1.00 40.72 ? 6    ASP A CB  1 
ATOM   6    C CG  . ASP A 1 6  ? 10.001  -4.164  5.582   1.00 42.08 ? 6    ASP A CG  1 
ATOM   7    O OD1 . ASP A 1 6  ? 8.973   -4.453  4.940   1.00 45.95 ? 6    ASP A OD1 1 
ATOM   8    O OD2 . ASP A 1 6  ? 10.917  -3.494  5.102   1.00 44.86 ? 6    ASP A OD2 1 
ATOM   9    N N   . PRO A 1 7  ? 11.624  -7.379  5.220   1.00 38.55 ? 7    PRO A N   1 
ATOM   10   C CA  . PRO A 1 7  ? 12.659  -7.837  4.289   1.00 37.15 ? 7    PRO A CA  1 
ATOM   11   C C   . PRO A 1 7  ? 13.464  -6.701  3.675   1.00 35.06 ? 7    PRO A C   1 
ATOM   12   O O   . PRO A 1 7  ? 14.688  -6.748  3.718   1.00 34.63 ? 7    PRO A O   1 
ATOM   13   C CB  . PRO A 1 7  ? 11.848  -8.545  3.203   1.00 36.32 ? 7    PRO A CB  1 
ATOM   14   C CG  . PRO A 1 7  ? 10.694  -9.099  3.933   1.00 39.04 ? 7    PRO A CG  1 
ATOM   15   C CD  . PRO A 1 7  ? 10.342  -8.065  4.964   1.00 38.36 ? 7    PRO A CD  1 
ATOM   16   N N   . PHE A 1 8  ? 12.767  -5.700  3.133   1.00 33.15 ? 8    PHE A N   1 
ATOM   17   C CA  . PHE A 1 8  ? 13.396  -4.540  2.497   1.00 32.20 ? 8    PHE A CA  1 
ATOM   18   C C   . PHE A 1 8  ? 14.386  -3.863  3.461   1.00 32.33 ? 8    PHE A C   1 
ATOM   19   O O   . PHE A 1 8  ? 15.538  -3.626  3.095   1.00 32.66 ? 8    PHE A O   1 
ATOM   20   C CB  . PHE A 1 8  ? 12.336  -3.539  1.987   1.00 31.15 ? 8    PHE A CB  1 
ATOM   21   C CG  . PHE A 1 8  ? 12.923  -2.273  1.377   1.00 28.07 ? 8    PHE A CG  1 
ATOM   22   C CD1 . PHE A 1 8  ? 13.246  -2.222  0.016   1.00 26.63 ? 8    PHE A CD1 1 
ATOM   23   C CD2 . PHE A 1 8  ? 13.171  -1.146  2.174   1.00 26.96 ? 8    PHE A CD2 1 
ATOM   24   C CE1 . PHE A 1 8  ? 13.818  -1.053  -0.543  1.00 23.74 ? 8    PHE A CE1 1 
ATOM   25   C CE2 . PHE A 1 8  ? 13.716  0.015   1.645   1.00 24.65 ? 8    PHE A CE2 1 
ATOM   26   C CZ  . PHE A 1 8  ? 14.056  0.057   0.271   1.00 25.62 ? 8    PHE A CZ  1 
ATOM   27   N N   . GLN A 1 9  ? 13.935  -3.569  4.678   1.00 31.87 ? 9    GLN A N   1 
ATOM   28   C CA  . GLN A 1 9  ? 14.780  -2.943  5.720   1.00 31.63 ? 9    GLN A CA  1 
ATOM   29   C C   . GLN A 1 9  ? 16.000  -3.741  6.144   1.00 31.08 ? 9    GLN A C   1 
ATOM   30   O O   . GLN A 1 9  ? 17.064  -3.164  6.428   1.00 31.32 ? 9    GLN A O   1 
ATOM   31   C CB  . GLN A 1 9  ? 13.954  -2.646  6.978   1.00 31.34 ? 9    GLN A CB  1 
ATOM   32   C CG  . GLN A 1 9  ? 12.922  -1.560  6.819   1.00 33.01 ? 9    GLN A CG  1 
ATOM   33   C CD  . GLN A 1 9  ? 13.504  -0.260  6.278   1.00 33.42 ? 9    GLN A CD  1 
ATOM   34   O OE1 . GLN A 1 9  ? 14.671  0.094   6.554   1.00 30.03 ? 9    GLN A OE1 1 
ATOM   35   N NE2 . GLN A 1 9  ? 12.703  0.443   5.472   1.00 31.91 ? 9    GLN A NE2 1 
ATOM   36   N N   . GLN A 1 10 ? 15.840  -5.054  6.245   1.00 29.97 ? 10   GLN A N   1 
ATOM   37   C CA  . GLN A 1 10 ? 16.974  -5.960  6.468   1.00 30.34 ? 10   GLN A CA  1 
ATOM   38   C C   . GLN A 1 10 ? 17.996  -5.949  5.311   1.00 29.11 ? 10   GLN A C   1 
ATOM   39   O O   . GLN A 1 10 ? 19.229  -5.960  5.536   1.00 30.57 ? 10   GLN A O   1 
ATOM   40   C CB  . GLN A 1 10 ? 16.479  -7.409  6.718   1.00 30.47 ? 10   GLN A CB  1 
ATOM   41   C CG  . GLN A 1 10 ? 17.559  -8.333  7.234   1.00 33.99 ? 10   GLN A CG  1 
ATOM   42   C CD  . GLN A 1 10 ? 18.083  -7.902  8.601   1.00 40.76 ? 10   GLN A CD  1 
ATOM   43   O OE1 . GLN A 1 10 ? 17.349  -7.921  9.601   1.00 45.76 ? 10   GLN A OE1 1 
ATOM   44   N NE2 . GLN A 1 10 ? 19.341  -7.479  8.649   1.00 38.14 ? 10   GLN A NE2 1 
ATOM   45   N N   . VAL A 1 11 ? 17.524  -5.959  4.075   1.00 27.38 ? 11   VAL A N   1 
ATOM   46   C CA  . VAL A 1 11 ? 18.490  -5.877  2.965   1.00 26.08 ? 11   VAL A CA  1 
ATOM   47   C C   . VAL A 1 11 ? 19.266  -4.539  2.990   1.00 25.71 ? 11   VAL A C   1 
ATOM   48   O O   . VAL A 1 11 ? 20.490  -4.534  2.807   1.00 25.55 ? 11   VAL A O   1 
ATOM   49   C CB  . VAL A 1 11 ? 17.857  -6.177  1.574   1.00 25.25 ? 11   VAL A CB  1 
ATOM   50   C CG1 . VAL A 1 11 ? 18.907  -6.048  0.439   1.00 22.92 ? 11   VAL A CG1 1 
ATOM   51   C CG2 . VAL A 1 11 ? 17.286  -7.605  1.586   1.00 25.58 ? 11   VAL A CG2 1 
ATOM   52   N N   . VAL A 1 12 ? 18.551  -3.432  3.187   1.00 25.36 ? 12   VAL A N   1 
ATOM   53   C CA  . VAL A 1 12 ? 19.173  -2.087  3.256   1.00 25.57 ? 12   VAL A CA  1 
ATOM   54   C C   . VAL A 1 12 ? 20.236  -2.056  4.367   1.00 26.85 ? 12   VAL A C   1 
ATOM   55   O O   . VAL A 1 12 ? 21.390  -1.631  4.155   1.00 26.96 ? 12   VAL A O   1 
ATOM   56   C CB  . VAL A 1 12 ? 18.133  -0.966  3.470   1.00 25.35 ? 12   VAL A CB  1 
ATOM   57   C CG1 . VAL A 1 12 ? 18.812  0.384   3.668   1.00 27.26 ? 12   VAL A CG1 1 
ATOM   58   C CG2 . VAL A 1 12 ? 17.186  -0.837  2.264   1.00 22.64 ? 12   VAL A CG2 1 
ATOM   59   N N   . LYS A 1 13 ? 19.844  -2.528  5.543   1.00 28.20 ? 13   LYS A N   1 
ATOM   60   C CA  . LYS A 1 13 ? 20.741  -2.646  6.693   1.00 30.17 ? 13   LYS A CA  1 
ATOM   61   C C   . LYS A 1 13 ? 21.994  -3.455  6.409   1.00 29.12 ? 13   LYS A C   1 
ATOM   62   O O   . LYS A 1 13 ? 23.089  -2.937  6.524   1.00 30.92 ? 13   LYS A O   1 
ATOM   63   C CB  . LYS A 1 13 ? 19.986  -3.223  7.896   1.00 30.25 ? 13   LYS A CB  1 
ATOM   64   C CG  . LYS A 1 13 ? 20.822  -3.338  9.183   1.00 32.99 ? 13   LYS A CG  1 
ATOM   65   C CD  . LYS A 1 13 ? 19.948  -3.523  10.428  1.00 33.25 ? 13   LYS A CD  1 
ATOM   66   C CE  . LYS A 1 13 ? 20.825  -3.966  11.631  1.00 41.24 ? 13   LYS A CE  1 
ATOM   67   N NZ  . LYS A 1 13 ? 21.690  -5.188  11.310  1.00 44.52 ? 13   LYS A NZ  1 
ATOM   68   N N   . ASP A 1 14 ? 21.844  -4.729  6.054   1.00 29.71 ? 14   ASP A N   1 
ATOM   69   C CA  . ASP A 1 14 ? 22.992  -5.594  5.722   1.00 28.35 ? 14   ASP A CA  1 
ATOM   70   C C   . ASP A 1 14 ? 23.901  -5.063  4.605   1.00 27.94 ? 14   ASP A C   1 
ATOM   71   O O   . ASP A 1 14 ? 25.100  -5.234  4.651   1.00 27.65 ? 14   ASP A O   1 
ATOM   72   C CB  . ASP A 1 14 ? 22.526  -7.001  5.425   1.00 27.76 ? 14   ASP A CB  1 
ATOM   73   C CG  . ASP A 1 14 ? 21.676  -7.605  6.583   1.00 30.92 ? 14   ASP A CG  1 
ATOM   74   O OD1 . ASP A 1 14 ? 21.733  -7.120  7.752   1.00 30.58 ? 14   ASP A OD1 1 
ATOM   75   O OD2 . ASP A 1 14 ? 20.909  -8.547  6.301   1.00 31.20 ? 14   ASP A OD2 1 
ATOM   76   N N   . THR A 1 15 ? 23.327  -4.418  3.604   1.00 27.75 ? 15   THR A N   1 
ATOM   77   C CA  . THR A 1 15 ? 24.124  -3.813  2.521   1.00 28.37 ? 15   THR A CA  1 
ATOM   78   C C   . THR A 1 15 ? 24.937  -2.611  3.020   1.00 29.26 ? 15   THR A C   1 
ATOM   79   O O   . THR A 1 15 ? 26.139  -2.557  2.819   1.00 28.48 ? 15   THR A O   1 
ATOM   80   C CB  . THR A 1 15 ? 23.202  -3.453  1.358   1.00 27.66 ? 15   THR A CB  1 
ATOM   81   O OG1 . THR A 1 15 ? 22.513  -4.653  0.980   1.00 28.80 ? 15   THR A OG1 1 
ATOM   82   C CG2 . THR A 1 15 ? 23.978  -2.902  0.187   1.00 28.44 ? 15   THR A CG2 1 
ATOM   83   N N   . LYS A 1 16 ? 24.261  -1.671  3.689   1.00 30.12 ? 16   LYS A N   1 
ATOM   84   C CA  . LYS A 1 16 ? 24.918  -0.645  4.475   1.00 32.60 ? 16   LYS A CA  1 
ATOM   85   C C   . LYS A 1 16 ? 26.132  -1.196  5.243   1.00 32.09 ? 16   LYS A C   1 
ATOM   86   O O   . LYS A 1 16 ? 27.269  -0.745  5.036   1.00 32.00 ? 16   LYS A O   1 
ATOM   87   C CB  . LYS A 1 16 ? 23.892  -0.043  5.439   1.00 32.88 ? 16   LYS A CB  1 
ATOM   88   C CG  . LYS A 1 16 ? 24.162  1.362   5.921   1.00 36.67 ? 16   LYS A CG  1 
ATOM   89   C CD  . LYS A 1 16 ? 22.856  2.083   6.353   1.00 35.69 ? 16   LYS A CD  1 
ATOM   90   C CE  . LYS A 1 16 ? 23.219  3.297   7.243   1.00 42.10 ? 16   LYS A CE  1 
ATOM   91   N NZ  . LYS A 1 16 ? 22.039  3.838   8.061   1.00 41.37 ? 16   LYS A NZ  1 
ATOM   92   N N   . GLU A 1 17 ? 25.873  -2.157  6.131   1.00 32.30 ? 17   GLU A N   1 
ATOM   93   C CA  . GLU A 1 17 ? 26.878  -2.933  6.873   1.00 31.82 ? 17   GLU A CA  1 
ATOM   94   C C   . GLU A 1 17 ? 27.978  -3.524  6.056   1.00 30.52 ? 17   GLU A C   1 
ATOM   95   O O   . GLU A 1 17 ? 29.133  -3.448  6.448   1.00 29.82 ? 17   GLU A O   1 
ATOM   96   C CB  . GLU A 1 17 ? 26.219  -4.109  7.588   1.00 33.28 ? 17   GLU A CB  1 
ATOM   97   C CG  . GLU A 1 17 ? 26.064  -3.929  9.073   1.00 38.37 ? 17   GLU A CG  1 
ATOM   98   C CD  . GLU A 1 17 ? 25.069  -4.911  9.672   1.00 44.66 ? 17   GLU A CD  1 
ATOM   99   O OE1 . GLU A 1 17 ? 24.959  -6.052  9.158   1.00 49.16 ? 17   GLU A OE1 1 
ATOM   100  O OE2 . GLU A 1 17 ? 24.390  -4.542  10.652  1.00 47.63 ? 17   GLU A OE2 1 
ATOM   101  N N   . GLN A 1 18 ? 27.630  -4.158  4.937   1.00 29.66 ? 18   GLN A N   1 
ATOM   102  C CA  . GLN A 1 18 ? 28.623  -4.753  4.083   1.00 29.19 ? 18   GLN A CA  1 
ATOM   103  C C   . GLN A 1 18 ? 29.541  -3.667  3.491   1.00 29.39 ? 18   GLN A C   1 
ATOM   104  O O   . GLN A 1 18 ? 30.736  -3.852  3.344   1.00 29.40 ? 18   GLN A O   1 
ATOM   105  C CB  . GLN A 1 18 ? 27.924  -5.439  2.947   1.00 29.37 ? 18   GLN A CB  1 
ATOM   106  C CG  . GLN A 1 18 ? 28.812  -6.177  2.034   1.00 28.68 ? 18   GLN A CG  1 
ATOM   107  C CD  . GLN A 1 18 ? 28.018  -6.956  1.034   1.00 33.70 ? 18   GLN A CD  1 
ATOM   108  O OE1 . GLN A 1 18 ? 26.798  -6.760  0.900   1.00 34.42 ? 18   GLN A OE1 1 
ATOM   109  N NE2 . GLN A 1 18 ? 28.693  -7.836  0.302   1.00 33.27 ? 18   GLN A NE2 1 
ATOM   110  N N   . LEU A 1 19 ? 28.949  -2.544  3.112   1.00 30.29 ? 19   LEU A N   1 
ATOM   111  C CA  . LEU A 1 19 ? 29.718  -1.451  2.543   1.00 29.76 ? 19   LEU A CA  1 
ATOM   112  C C   . LEU A 1 19 ? 30.703  -0.859  3.557   1.00 30.53 ? 19   LEU A C   1 
ATOM   113  O O   . LEU A 1 19 ? 31.858  -0.616  3.187   1.00 30.92 ? 19   LEU A O   1 
ATOM   114  C CB  . LEU A 1 19 ? 28.807  -0.414  1.890   1.00 29.75 ? 19   LEU A CB  1 
ATOM   115  C CG  . LEU A 1 19 ? 28.092  -0.836  0.599   1.00 27.28 ? 19   LEU A CG  1 
ATOM   116  C CD1 . LEU A 1 19 ? 27.072  0.251   0.213   1.00 27.16 ? 19   LEU A CD1 1 
ATOM   117  C CD2 . LEU A 1 19 ? 29.076  -1.123  -0.537  1.00 26.88 ? 19   LEU A CD2 1 
ATOM   118  N N   . ASN A 1 20 ? 30.295  -0.708  4.825   1.00 31.04 ? 20   ASN A N   1 
ATOM   119  C CA  . ASN A 1 20 ? 31.177  -0.192  5.896   1.00 32.15 ? 20   ASN A CA  1 
ATOM   120  C C   . ASN A 1 20 ? 32.380  -1.126  6.116   1.00 32.62 ? 20   ASN A C   1 
ATOM   121  O O   . ASN A 1 20 ? 33.485  -0.671  6.436   1.00 32.37 ? 20   ASN A O   1 
ATOM   122  C CB  . ASN A 1 20 ? 30.466  -0.086  7.253   1.00 32.46 ? 20   ASN A CB  1 
ATOM   123  C CG  . ASN A 1 20 ? 29.449  1.035   7.346   1.00 38.36 ? 20   ASN A CG  1 
ATOM   124  O OD1 . ASN A 1 20 ? 28.459  0.904   8.075   1.00 44.02 ? 20   ASN A OD1 1 
ATOM   125  N ND2 . ASN A 1 20 ? 29.697  2.153   6.675   1.00 43.99 ? 20   ASN A ND2 1 
ATOM   126  N N   . ARG A 1 21 ? 32.151  -2.439  5.979   1.00 31.76 ? 21   ARG A N   1 
ATOM   127  C CA  . ARG A 1 21 ? 33.235  -3.424  6.058   1.00 31.77 ? 21   ARG A CA  1 
ATOM   128  C C   . ARG A 1 21 ? 34.251  -3.288  4.949   1.00 31.45 ? 21   ARG A C   1 
ATOM   129  O O   . ARG A 1 21 ? 35.443  -3.310  5.207   1.00 30.97 ? 21   ARG A O   1 
ATOM   130  C CB  . ARG A 1 21 ? 32.691  -4.868  6.089   1.00 32.25 ? 21   ARG A CB  1 
ATOM   131  C CG  . ARG A 1 21 ? 32.070  -5.204  7.420   1.00 33.81 ? 21   ARG A CG  1 
ATOM   132  C CD  . ARG A 1 21 ? 31.572  -6.633  7.493   1.00 38.01 ? 21   ARG A CD  1 
ATOM   133  N NE  . ARG A 1 21 ? 30.425  -6.719  8.387   1.00 40.48 ? 21   ARG A NE  1 
ATOM   134  C CZ  . ARG A 1 21 ? 29.226  -7.193  8.039   1.00 42.79 ? 21   ARG A CZ  1 
ATOM   135  N NH1 . ARG A 1 21 ? 28.998  -7.652  6.811   1.00 39.32 ? 21   ARG A NH1 1 
ATOM   136  N NH2 . ARG A 1 21 ? 28.257  -7.228  8.942   1.00 44.34 ? 21   ARG A NH2 1 
ATOM   137  N N   . ILE A 1 22 ? 33.790  -3.198  3.697   1.00 31.26 ? 22   ILE A N   1 
ATOM   138  C CA  . ILE A 1 22 ? 34.714  -3.028  2.590   1.00 31.31 ? 22   ILE A CA  1 
ATOM   139  C C   . ILE A 1 22 ? 35.506  -1.720  2.813   1.00 30.13 ? 22   ILE A C   1 
ATOM   140  O O   . ILE A 1 22 ? 36.727  -1.697  2.656   1.00 29.83 ? 22   ILE A O   1 
ATOM   141  C CB  . ILE A 1 22 ? 34.012  -3.113  1.200   1.00 31.46 ? 22   ILE A CB  1 
ATOM   142  C CG1 . ILE A 1 22 ? 33.173  -4.407  1.107   1.00 33.52 ? 22   ILE A CG1 1 
ATOM   143  C CG2 . ILE A 1 22 ? 35.020  -3.058  0.075   1.00 31.86 ? 22   ILE A CG2 1 
ATOM   144  C CD1 . ILE A 1 22 ? 32.198  -4.456  -0.035  1.00 32.04 ? 22   ILE A CD1 1 
ATOM   145  N N   . ASN A 1 23 ? 34.815  -0.662  3.228   1.00 29.92 ? 23   ASN A N   1 
ATOM   146  C CA  . ASN A 1 23 ? 35.465  0.636   3.510   1.00 29.95 ? 23   ASN A CA  1 
ATOM   147  C C   . ASN A 1 23 ? 36.579  0.562   4.564   1.00 30.57 ? 23   ASN A C   1 
ATOM   148  O O   . ASN A 1 23 ? 37.686  0.976   4.311   1.00 29.43 ? 23   ASN A O   1 
ATOM   149  C CB  . ASN A 1 23 ? 34.437  1.681   3.931   1.00 29.12 ? 23   ASN A CB  1 
ATOM   150  C CG  . ASN A 1 23 ? 34.859  3.108   3.535   1.00 29.31 ? 23   ASN A CG  1 
ATOM   151  O OD1 . ASN A 1 23 ? 35.234  3.367   2.377   1.00 23.47 ? 23   ASN A OD1 1 
ATOM   152  N ND2 . ASN A 1 23 ? 34.722  4.050   4.476   1.00 24.94 ? 23   ASN A ND2 1 
ATOM   153  N N   . ASN A 1 24 ? 36.252  0.037   5.744   1.00 32.35 ? 24   ASN A N   1 
ATOM   154  C CA  . ASN A 1 24 ? 37.229  -0.281  6.764   1.00 33.29 ? 24   ASN A CA  1 
ATOM   155  C C   . ASN A 1 24 ? 38.375  -1.138  6.252   1.00 33.97 ? 24   ASN A C   1 
ATOM   156  O O   . ASN A 1 24 ? 39.499  -0.920  6.664   1.00 34.10 ? 24   ASN A O   1 
ATOM   157  C CB  . ASN A 1 24 ? 36.555  -1.008  7.917   1.00 33.07 ? 24   ASN A CB  1 
ATOM   158  C CG  . ASN A 1 24 ? 35.497  -0.199  8.583   1.00 35.16 ? 24   ASN A CG  1 
ATOM   159  O OD1 . ASN A 1 24 ? 35.478  1.042   8.498   1.00 36.85 ? 24   ASN A OD1 1 
ATOM   160  N ND2 . ASN A 1 24 ? 34.578  -0.893  9.264   1.00 35.71 ? 24   ASN A ND2 1 
ATOM   161  N N   . TYR A 1 25 ? 38.094  -2.104  5.365   1.00 35.14 ? 25   TYR A N   1 
ATOM   162  C CA  . TYR A 1 25 ? 39.135  -2.964  4.753   1.00 35.48 ? 25   TYR A CA  1 
ATOM   163  C C   . TYR A 1 25 ? 40.103  -2.181  3.862   1.00 36.60 ? 25   TYR A C   1 
ATOM   164  O O   . TYR A 1 25 ? 41.308  -2.479  3.829   1.00 36.31 ? 25   TYR A O   1 
ATOM   165  C CB  . TYR A 1 25 ? 38.529  -4.104  3.927   1.00 36.18 ? 25   TYR A CB  1 
ATOM   166  C CG  . TYR A 1 25 ? 39.572  -5.003  3.243   1.00 37.44 ? 25   TYR A CG  1 
ATOM   167  C CD1 . TYR A 1 25 ? 40.098  -6.126  3.899   1.00 37.97 ? 25   TYR A CD1 1 
ATOM   168  C CD2 . TYR A 1 25 ? 40.047  -4.718  1.951   1.00 38.42 ? 25   TYR A CD2 1 
ATOM   169  C CE1 . TYR A 1 25 ? 41.071  -6.946  3.292   1.00 38.76 ? 25   TYR A CE1 1 
ATOM   170  C CE2 . TYR A 1 25 ? 41.022  -5.518  1.342   1.00 37.51 ? 25   TYR A CE2 1 
ATOM   171  C CZ  . TYR A 1 25 ? 41.531  -6.641  2.021   1.00 39.06 ? 25   TYR A CZ  1 
ATOM   172  O OH  . TYR A 1 25 ? 42.490  -7.474  1.415   1.00 39.57 ? 25   TYR A OH  1 
ATOM   173  N N   . ILE A 1 26 ? 39.558  -1.235  3.088   1.00 37.11 ? 26   ILE A N   1 
ATOM   174  C CA  . ILE A 1 26 ? 40.356  -0.291  2.298   1.00 37.36 ? 26   ILE A CA  1 
ATOM   175  C C   . ILE A 1 26 ? 41.174  0.655   3.206   1.00 37.95 ? 26   ILE A C   1 
ATOM   176  O O   . ILE A 1 26 ? 42.315  0.940   2.910   1.00 37.83 ? 26   ILE A O   1 
ATOM   177  C CB  . ILE A 1 26 ? 39.465  0.467   1.249   1.00 37.13 ? 26   ILE A CB  1 
ATOM   178  C CG1 . ILE A 1 26 ? 38.951  -0.512  0.176   1.00 37.16 ? 26   ILE A CG1 1 
ATOM   179  C CG2 . ILE A 1 26 ? 40.205  1.633   0.591   1.00 36.76 ? 26   ILE A CG2 1 
ATOM   180  C CD1 . ILE A 1 26 ? 37.909  0.085   -0.765  1.00 37.95 ? 26   ILE A CD1 1 
ATOM   181  N N   . THR A 1 27 ? 40.615  1.089   4.333   1.00 39.19 ? 27   THR A N   1 
ATOM   182  C CA  . THR A 1 27 ? 41.337  1.952   5.255   1.00 40.52 ? 27   THR A CA  1 
ATOM   183  C C   . THR A 1 27 ? 42.560  1.241   5.828   1.00 42.42 ? 27   THR A C   1 
ATOM   184  O O   . THR A 1 27 ? 43.668  1.759   5.731   1.00 42.35 ? 27   THR A O   1 
ATOM   185  C CB  . THR A 1 27 ? 40.419  2.487   6.366   1.00 40.55 ? 27   THR A CB  1 
ATOM   186  O OG1 . THR A 1 27 ? 39.468  3.398   5.792   1.00 40.39 ? 27   THR A OG1 1 
ATOM   187  C CG2 . THR A 1 27 ? 41.223  3.201   7.483   1.00 40.17 ? 27   THR A CG2 1 
ATOM   188  N N   . ARG A 1 28 ? 42.362  0.039   6.379   1.00 44.38 ? 28   ARG A N   1 
ATOM   189  C CA  . ARG A 1 28 ? 43.460  -0.772  6.920   1.00 46.44 ? 28   ARG A CA  1 
ATOM   190  C C   . ARG A 1 28 ? 44.468  -1.111  5.835   1.00 47.13 ? 28   ARG A C   1 
ATOM   191  O O   . ARG A 1 28 ? 45.673  -1.155  6.090   1.00 47.84 ? 28   ARG A O   1 
ATOM   192  C CB  . ARG A 1 28 ? 42.947  -2.059  7.587   1.00 46.33 ? 28   ARG A CB  1 
ATOM   193  C CG  . ARG A 1 28 ? 41.939  -1.836  8.737   1.00 47.31 ? 28   ARG A CG  1 
ATOM   194  C CD  . ARG A 1 28 ? 41.511  -3.154  9.435   1.00 47.90 ? 28   ARG A CD  1 
ATOM   195  N NE  . ARG A 1 28 ? 41.115  -4.215  8.497   1.00 49.68 ? 28   ARG A NE  1 
ATOM   196  C CZ  . ARG A 1 28 ? 39.857  -4.553  8.191   1.00 48.78 ? 28   ARG A CZ  1 
ATOM   197  N NH1 . ARG A 1 28 ? 38.826  -3.942  8.745   1.00 45.75 ? 28   ARG A NH1 1 
ATOM   198  N NH2 . ARG A 1 28 ? 39.635  -5.530  7.324   1.00 50.76 ? 28   ARG A NH2 1 
ATOM   199  N N   . HIS A 1 29 ? 44.005  -1.345  4.616   1.00 48.30 ? 29   HIS A N   1 
ATOM   200  C CA  . HIS A 1 29 ? 44.964  -1.668  3.559   1.00 49.35 ? 29   HIS A CA  1 
ATOM   201  C C   . HIS A 1 29 ? 45.594  -0.434  2.904   1.00 49.93 ? 29   HIS A C   1 
ATOM   202  O O   . HIS A 1 29 ? 46.707  -0.521  2.363   1.00 49.75 ? 29   HIS A O   1 
ATOM   203  C CB  . HIS A 1 29 ? 44.421  -2.749  2.618   1.00 50.09 ? 29   HIS A CB  1 
ATOM   204  C CG  . HIS A 1 29 ? 44.256  -4.075  3.307   1.00 50.98 ? 29   HIS A CG  1 
ATOM   205  N ND1 . HIS A 1 29 ? 45.151  -5.112  3.151   1.00 52.45 ? 29   HIS A ND1 1 
ATOM   206  C CD2 . HIS A 1 29 ? 43.359  -4.491  4.233   1.00 51.32 ? 29   HIS A CD2 1 
ATOM   207  C CE1 . HIS A 1 29 ? 44.781  -6.127  3.916   1.00 52.63 ? 29   HIS A CE1 1 
ATOM   208  N NE2 . HIS A 1 29 ? 43.701  -5.773  4.588   1.00 51.16 ? 29   HIS A NE2 1 
ATOM   209  N N   . ASN A 1 30 ? 44.907  0.713   3.005   1.00 50.33 ? 30   ASN A N   1 
ATOM   210  C CA  . ASN A 1 30 ? 45.480  2.027   2.654   1.00 51.24 ? 30   ASN A CA  1 
ATOM   211  C C   . ASN A 1 30 ? 46.592  2.447   3.610   1.00 52.79 ? 30   ASN A C   1 
ATOM   212  O O   . ASN A 1 30 ? 47.624  2.978   3.175   1.00 53.05 ? 30   ASN A O   1 
ATOM   213  C CB  . ASN A 1 30 ? 44.410  3.134   2.579   1.00 50.68 ? 30   ASN A CB  1 
ATOM   214  C CG  . ASN A 1 30 ? 43.760  3.254   1.183   1.00 48.92 ? 30   ASN A CG  1 
ATOM   215  O OD1 . ASN A 1 30 ? 42.908  4.129   0.953   1.00 48.68 ? 30   ASN A OD1 1 
ATOM   216  N ND2 . ASN A 1 30 ? 44.165  2.386   0.255   1.00 41.16 ? 30   ASN A ND2 1 
ATOM   217  N N   . THR A 1 31 ? 46.381  2.205   4.907   1.00 54.24 ? 31   THR A N   1 
ATOM   218  C CA  . THR A 1 31 ? 47.405  2.467   5.920   1.00 55.61 ? 31   THR A CA  1 
ATOM   219  C C   . THR A 1 31 ? 48.591  1.488   5.790   1.00 55.81 ? 31   THR A C   1 
ATOM   220  O O   . THR A 1 31 ? 49.736  1.882   6.006   1.00 56.34 ? 31   THR A O   1 
ATOM   221  C CB  . THR A 1 31 ? 46.850  2.520   7.406   1.00 55.85 ? 31   THR A CB  1 
ATOM   222  O OG1 . THR A 1 31 ? 46.616  1.193   7.900   1.00 58.49 ? 31   THR A OG1 1 
ATOM   223  C CG2 . THR A 1 31 ? 45.572  3.345   7.524   1.00 55.11 ? 31   THR A CG2 1 
ATOM   224  N N   . ALA A 1 32 ? 48.317  0.235   5.421   1.00 56.36 ? 32   ALA A N   1 
ATOM   225  C CA  . ALA A 1 32 ? 49.360  -0.791  5.216   1.00 56.60 ? 32   ALA A CA  1 
ATOM   226  C C   . ALA A 1 32 ? 50.392  -0.404  4.146   1.00 56.89 ? 32   ALA A C   1 
ATOM   227  O O   . ALA A 1 32 ? 50.044  0.092   3.064   1.00 57.14 ? 32   ALA A O   1 
ATOM   228  C CB  . ALA A 1 32 ? 48.727  -2.147  4.880   1.00 56.40 ? 32   ALA A CB  1 
ATOM   229  N N   . GLU A 1 38 ? 41.988  -7.322  -4.311  1.00 43.42 ? 38   GLU A N   1 
ATOM   230  C CA  . GLU A 1 38 ? 41.636  -6.468  -5.448  1.00 44.02 ? 38   GLU A CA  1 
ATOM   231  C C   . GLU A 1 38 ? 40.558  -7.039  -6.367  1.00 43.27 ? 38   GLU A C   1 
ATOM   232  O O   . GLU A 1 38 ? 39.487  -6.425  -6.558  1.00 42.24 ? 38   GLU A O   1 
ATOM   233  C CB  . GLU A 1 38 ? 42.852  -6.101  -6.288  1.00 44.63 ? 38   GLU A CB  1 
ATOM   234  C CG  . GLU A 1 38 ? 42.456  -5.333  -7.532  1.00 48.19 ? 38   GLU A CG  1 
ATOM   235  C CD  . GLU A 1 38 ? 43.529  -4.402  -8.041  1.00 56.11 ? 38   GLU A CD  1 
ATOM   236  O OE1 . GLU A 1 38 ? 44.668  -4.406  -7.486  1.00 57.69 ? 38   GLU A OE1 1 
ATOM   237  O OE2 . GLU A 1 38 ? 43.220  -3.649  -9.006  1.00 58.98 ? 38   GLU A OE2 1 
ATOM   238  N N   . GLU A 1 39 ? 40.851  -8.191  -6.964  1.00 42.28 ? 39   GLU A N   1 
ATOM   239  C CA  . GLU A 1 39 ? 39.868  -8.859  -7.800  1.00 42.48 ? 39   GLU A CA  1 
ATOM   240  C C   . GLU A 1 39 ? 38.646  -9.213  -6.946  1.00 39.77 ? 39   GLU A C   1 
ATOM   241  O O   . GLU A 1 39 ? 37.534  -9.165  -7.428  1.00 39.48 ? 39   GLU A O   1 
ATOM   242  C CB  . GLU A 1 39 ? 40.463  -10.088 -8.473  1.00 42.60 ? 39   GLU A CB  1 
ATOM   243  C CG  . GLU A 1 39 ? 39.537  -10.756 -9.465  1.00 45.87 ? 39   GLU A CG  1 
ATOM   244  C CD  . GLU A 1 39 ? 39.948  -12.206 -9.802  1.00 47.67 ? 39   GLU A CD  1 
ATOM   245  O OE1 . GLU A 1 39 ? 40.783  -12.814 -9.065  1.00 53.44 ? 39   GLU A OE1 1 
ATOM   246  O OE2 . GLU A 1 39 ? 39.410  -12.741 -10.809 1.00 53.53 ? 39   GLU A OE2 1 
ATOM   247  N N   . GLU A 1 40 ? 38.868  -9.525  -5.672  1.00 37.55 ? 40   GLU A N   1 
ATOM   248  C CA  . GLU A 1 40 ? 37.790  -9.844  -4.767  1.00 36.81 ? 40   GLU A CA  1 
ATOM   249  C C   . GLU A 1 40 ? 36.904  -8.637  -4.434  1.00 34.79 ? 40   GLU A C   1 
ATOM   250  O O   . GLU A 1 40 ? 35.693  -8.793  -4.323  1.00 34.05 ? 40   GLU A O   1 
ATOM   251  C CB  . GLU A 1 40 ? 38.301  -10.478 -3.476  1.00 36.93 ? 40   GLU A CB  1 
ATOM   252  C CG  . GLU A 1 40 ? 38.999  -11.827 -3.677  1.00 41.71 ? 40   GLU A CG  1 
ATOM   253  C CD  . GLU A 1 40 ? 40.519  -11.685 -3.641  1.00 45.94 ? 40   GLU A CD  1 
ATOM   254  O OE1 . GLU A 1 40 ? 41.107  -11.024 -4.549  1.00 44.18 ? 40   GLU A OE1 1 
ATOM   255  O OE2 . GLU A 1 40 ? 41.115  -12.229 -2.676  1.00 47.40 ? 40   GLU A OE2 1 
ATOM   256  N N   . ILE A 1 41 ? 37.494  -7.458  -4.255  1.00 33.03 ? 41   ILE A N   1 
ATOM   257  C CA  . ILE A 1 41 ? 36.692  -6.258  -3.976  1.00 31.88 ? 41   ILE A CA  1 
ATOM   258  C C   . ILE A 1 41 ? 35.872  -5.937  -5.203  1.00 31.13 ? 41   ILE A C   1 
ATOM   259  O O   . ILE A 1 41 ? 34.689  -5.679  -5.064  1.00 29.27 ? 41   ILE A O   1 
ATOM   260  C CB  . ILE A 1 41 ? 37.510  -5.016  -3.544  1.00 32.38 ? 41   ILE A CB  1 
ATOM   261  C CG1 . ILE A 1 41 ? 38.405  -5.283  -2.327  1.00 33.43 ? 41   ILE A CG1 1 
ATOM   262  C CG2 . ILE A 1 41 ? 36.577  -3.787  -3.263  1.00 32.32 ? 41   ILE A CG2 1 
ATOM   263  C CD1 . ILE A 1 41 ? 37.880  -6.276  -1.335  1.00 37.06 ? 41   ILE A CD1 1 
ATOM   264  N N   . GLN A 1 42 ? 36.471  -5.997  -6.399  1.00 30.34 ? 42   GLN A N   1 
ATOM   265  C CA  . GLN A 1 42 ? 35.705  -5.684  -7.615  1.00 32.40 ? 42   GLN A CA  1 
ATOM   266  C C   . GLN A 1 42 ? 34.466  -6.586  -7.770  1.00 30.22 ? 42   GLN A C   1 
ATOM   267  O O   . GLN A 1 42 ? 33.369  -6.128  -8.121  1.00 28.13 ? 42   GLN A O   1 
ATOM   268  C CB  . GLN A 1 42 ? 36.595  -5.653  -8.884  1.00 32.06 ? 42   GLN A CB  1 
ATOM   269  C CG  . GLN A 1 42 ? 36.760  -6.945  -9.643  1.00 36.96 ? 42   GLN A CG  1 
ATOM   270  C CD  . GLN A 1 42 ? 37.872  -6.901  -10.712 1.00 37.56 ? 42   GLN A CD  1 
ATOM   271  O OE1 . GLN A 1 42 ? 38.585  -5.888  -10.874 1.00 45.00 ? 42   GLN A OE1 1 
ATOM   272  N NE2 . GLN A 1 42 ? 38.021  -8.007  -11.440 1.00 43.14 ? 42   GLN A NE2 1 
ATOM   273  N N   . ASP A 1 43 ? 34.656  -7.858  -7.446  1.00 29.77 ? 43   ASP A N   1 
ATOM   274  C CA  . ASP A 1 43 ? 33.568  -8.873  -7.472  1.00 29.82 ? 43   ASP A CA  1 
ATOM   275  C C   . ASP A 1 43 ? 32.502  -8.571  -6.440  1.00 28.04 ? 43   ASP A C   1 
ATOM   276  O O   . ASP A 1 43 ? 31.328  -8.591  -6.751  1.00 28.90 ? 43   ASP A O   1 
ATOM   277  C CB  . ASP A 1 43 ? 34.126  -10.302 -7.254  1.00 29.36 ? 43   ASP A CB  1 
ATOM   278  C CG  . ASP A 1 43 ? 35.019  -10.779 -8.406  1.00 34.67 ? 43   ASP A CG  1 
ATOM   279  O OD1 . ASP A 1 43 ? 34.927  -10.239 -9.532  1.00 35.94 ? 43   ASP A OD1 1 
ATOM   280  O OD2 . ASP A 1 43 ? 35.839  -11.704 -8.176  1.00 39.22 ? 43   ASP A OD2 1 
ATOM   281  N N   . ILE A 1 44 ? 32.911  -8.316  -5.206  1.00 27.00 ? 44   ILE A N   1 
ATOM   282  C CA  . ILE A 1 44 ? 31.964  -7.917  -4.174  1.00 27.16 ? 44   ILE A CA  1 
ATOM   283  C C   . ILE A 1 44 ? 31.134  -6.677  -4.596  1.00 27.39 ? 44   ILE A C   1 
ATOM   284  O O   . ILE A 1 44 ? 29.910  -6.645  -4.401  1.00 28.18 ? 44   ILE A O   1 
ATOM   285  C CB  . ILE A 1 44 ? 32.644  -7.671  -2.813  1.00 26.50 ? 44   ILE A CB  1 
ATOM   286  C CG1 . ILE A 1 44 ? 33.236  -8.988  -2.258  1.00 27.89 ? 44   ILE A CG1 1 
ATOM   287  C CG2 . ILE A 1 44 ? 31.622  -7.162  -1.797  1.00 25.62 ? 44   ILE A CG2 1 
ATOM   288  C CD1 . ILE A 1 44 ? 34.342  -8.790  -1.242  1.00 30.50 ? 44   ILE A CD1 1 
ATOM   289  N N   . LEU A 1 45 ? 31.778  -5.688  -5.195  1.00 24.21 ? 45   LEU A N   1 
ATOM   290  C CA  . LEU A 1 45 ? 31.058  -4.467  -5.607  1.00 24.51 ? 45   LEU A CA  1 
ATOM   291  C C   . LEU A 1 45 ? 30.037  -4.741  -6.706  1.00 23.08 ? 45   LEU A C   1 
ATOM   292  O O   . LEU A 1 45 ? 28.979  -4.139  -6.740  1.00 22.70 ? 45   LEU A O   1 
ATOM   293  C CB  . LEU A 1 45 ? 32.049  -3.373  -6.070  1.00 23.99 ? 45   LEU A CB  1 
ATOM   294  C CG  . LEU A 1 45 ? 33.044  -2.841  -5.048  1.00 24.93 ? 45   LEU A CG  1 
ATOM   295  C CD1 . LEU A 1 45 ? 33.960  -1.874  -5.784  1.00 30.88 ? 45   LEU A CD1 1 
ATOM   296  C CD2 . LEU A 1 45 ? 32.408  -2.161  -3.818  1.00 24.59 ? 45   LEU A CD2 1 
ATOM   297  N N   . LYS A 1 46 ? 30.365  -5.643  -7.620  1.00 23.81 ? 46   LYS A N   1 
ATOM   298  C CA  . LYS A 1 46 ? 29.388  -6.098  -8.600  1.00 24.61 ? 46   LYS A CA  1 
ATOM   299  C C   . LYS A 1 46 ? 28.191  -6.786  -7.975  1.00 23.55 ? 46   LYS A C   1 
ATOM   300  O O   . LYS A 1 46 ? 27.093  -6.538  -8.396  1.00 23.40 ? 46   LYS A O   1 
ATOM   301  C CB  . LYS A 1 46 ? 30.042  -6.985  -9.658  1.00 25.58 ? 46   LYS A CB  1 
ATOM   302  C CG  . LYS A 1 46 ? 30.921  -6.182  -10.614 1.00 30.85 ? 46   LYS A CG  1 
ATOM   303  C CD  . LYS A 1 46 ? 31.960  -7.084  -11.256 1.00 37.70 ? 46   LYS A CD  1 
ATOM   304  C CE  . LYS A 1 46 ? 32.690  -6.387  -12.416 1.00 42.73 ? 46   LYS A CE  1 
ATOM   305  N NZ  . LYS A 1 46 ? 34.061  -7.004  -12.641 1.00 45.74 ? 46   LYS A NZ  1 
ATOM   306  N N   . ASP A 1 47 ? 28.421  -7.622  -6.961  1.00 24.61 ? 47   ASP A N   1 
ATOM   307  C CA  . ASP A 1 47 ? 27.359  -8.272  -6.181  1.00 25.91 ? 47   ASP A CA  1 
ATOM   308  C C   . ASP A 1 47 ? 26.446  -7.220  -5.536  1.00 25.53 ? 47   ASP A C   1 
ATOM   309  O O   . ASP A 1 47 ? 25.230  -7.319  -5.590  1.00 25.04 ? 47   ASP A O   1 
ATOM   310  C CB  . ASP A 1 47 ? 27.953  -9.213  -5.093  1.00 25.92 ? 47   ASP A CB  1 
ATOM   311  C CG  . ASP A 1 47 ? 28.506  -10.528 -5.674  1.00 29.04 ? 47   ASP A CG  1 
ATOM   312  O OD1 . ASP A 1 47 ? 28.264  -10.798 -6.881  1.00 25.97 ? 47   ASP A OD1 1 
ATOM   313  O OD2 . ASP A 1 47 ? 29.186  -11.284 -4.925  1.00 25.44 ? 47   ASP A OD2 1 
ATOM   314  N N   . VAL A 1 48 ? 27.056  -6.207  -4.930  1.00 26.72 ? 48   VAL A N   1 
ATOM   315  C CA  . VAL A 1 48 ? 26.293  -5.084  -4.332  1.00 27.15 ? 48   VAL A CA  1 
ATOM   316  C C   . VAL A 1 48 ? 25.484  -4.222  -5.333  1.00 28.26 ? 48   VAL A C   1 
ATOM   317  O O   . VAL A 1 48 ? 24.294  -3.934  -5.084  1.00 29.70 ? 48   VAL A O   1 
ATOM   318  C CB  . VAL A 1 48 ? 27.178  -4.278  -3.428  1.00 26.86 ? 48   VAL A CB  1 
ATOM   319  C CG1 . VAL A 1 48 ? 26.396  -3.076  -2.801  1.00 24.21 ? 48   VAL A CG1 1 
ATOM   320  C CG2 . VAL A 1 48 ? 27.640  -5.186  -2.336  1.00 25.66 ? 48   VAL A CG2 1 
ATOM   321  N N   . GLU A 1 49 ? 26.079  -3.881  -6.474  1.00 28.42 ? 49   GLU A N   1 
ATOM   322  C CA  . GLU A 1 49 ? 25.364  -3.175  -7.542  1.00 30.02 ? 49   GLU A CA  1 
ATOM   323  C C   . GLU A 1 49 ? 24.100  -3.951  -7.907  1.00 28.88 ? 49   GLU A C   1 
ATOM   324  O O   . GLU A 1 49 ? 23.026  -3.345  -8.040  1.00 27.89 ? 49   GLU A O   1 
ATOM   325  C CB  . GLU A 1 49 ? 26.230  -3.000  -8.816  1.00 29.79 ? 49   GLU A CB  1 
ATOM   326  C CG  . GLU A 1 49 ? 27.216  -1.782  -8.830  1.00 34.72 ? 49   GLU A CG  1 
ATOM   327  C CD  . GLU A 1 49 ? 28.597  -2.100  -9.475  1.00 35.58 ? 49   GLU A CD  1 
ATOM   328  O OE1 . GLU A 1 49 ? 28.627  -2.594  -10.647 1.00 41.07 ? 49   GLU A OE1 1 
ATOM   329  O OE2 . GLU A 1 49 ? 29.656  -1.871  -8.803  1.00 40.50 ? 49   GLU A OE2 1 
ATOM   330  N N   . GLU A 1 50 ? 24.228  -5.285  -8.073  1.00 27.66 ? 50   GLU A N   1 
ATOM   331  C CA  . GLU A 1 50 ? 23.087  -6.174  -8.385  1.00 26.80 ? 50   GLU A CA  1 
ATOM   332  C C   . GLU A 1 50 ? 22.031  -6.135  -7.269  1.00 24.79 ? 50   GLU A C   1 
ATOM   333  O O   . GLU A 1 50 ? 20.867  -5.961  -7.539  1.00 24.12 ? 50   GLU A O   1 
ATOM   334  C CB  . GLU A 1 50 ? 23.581  -7.623  -8.679  1.00 27.70 ? 50   GLU A CB  1 
ATOM   335  C CG  . GLU A 1 50 ? 22.546  -8.720  -8.954  1.00 27.49 ? 50   GLU A CG  1 
ATOM   336  C CD  . GLU A 1 50 ? 23.232  -10.080 -9.439  1.00 31.54 ? 50   GLU A CD  1 
ATOM   337  O OE1 . GLU A 1 50 ? 23.872  -10.862 -8.600  1.00 29.81 ? 50   GLU A OE1 1 
ATOM   338  O OE2 . GLU A 1 50 ? 23.113  -10.339 -10.682 1.00 33.42 ? 50   GLU A OE2 1 
ATOM   339  N N   . THR A 1 51 ? 22.447  -6.255  -6.016  1.00 24.80 ? 51   THR A N   1 
ATOM   340  C CA  . THR A 1 51 ? 21.549  -6.115  -4.888  1.00 24.95 ? 51   THR A CA  1 
ATOM   341  C C   . THR A 1 51 ? 20.750  -4.788  -4.938  1.00 25.38 ? 51   THR A C   1 
ATOM   342  O O   . THR A 1 51 ? 19.555  -4.781  -4.666  1.00 24.21 ? 51   THR A O   1 
ATOM   343  C CB  . THR A 1 51 ? 22.323  -6.180  -3.564  1.00 25.75 ? 51   THR A CB  1 
ATOM   344  O OG1 . THR A 1 51 ? 22.983  -7.439  -3.465  1.00 21.91 ? 51   THR A OG1 1 
ATOM   345  C CG2 . THR A 1 51 ? 21.422  -6.023  -2.388  1.00 26.24 ? 51   THR A CG2 1 
ATOM   346  N N   . ILE A 1 52 ? 21.420  -3.679  -5.279  1.00 26.12 ? 52   ILE A N   1 
ATOM   347  C CA  . ILE A 1 52 ? 20.792  -2.360  -5.302  1.00 25.69 ? 52   ILE A CA  1 
ATOM   348  C C   . ILE A 1 52 ? 19.807  -2.247  -6.466  1.00 26.14 ? 52   ILE A C   1 
ATOM   349  O O   . ILE A 1 52 ? 18.696  -1.738  -6.289  1.00 25.71 ? 52   ILE A O   1 
ATOM   350  C CB  . ILE A 1 52 ? 21.859  -1.213  -5.279  1.00 26.79 ? 52   ILE A CB  1 
ATOM   351  C CG1 . ILE A 1 52 ? 22.585  -1.202  -3.927  1.00 24.87 ? 52   ILE A CG1 1 
ATOM   352  C CG2 . ILE A 1 52 ? 21.198  0.190   -5.546  1.00 25.91 ? 52   ILE A CG2 1 
ATOM   353  C CD1 . ILE A 1 52 ? 23.938  -0.415  -3.947  1.00 29.20 ? 52   ILE A CD1 1 
ATOM   354  N N   . VAL A 1 53 ? 20.165  -2.760  -7.648  1.00 26.42 ? 53   VAL A N   1 
ATOM   355  C CA  . VAL A 1 53 ? 19.177  -2.798  -8.703  1.00 27.33 ? 53   VAL A CA  1 
ATOM   356  C C   . VAL A 1 53 ? 17.970  -3.671  -8.317  1.00 27.01 ? 53   VAL A C   1 
ATOM   357  O O   . VAL A 1 53 ? 16.856  -3.367  -8.709  1.00 26.72 ? 53   VAL A O   1 
ATOM   358  C CB  . VAL A 1 53 ? 19.726  -3.174  -10.110 1.00 27.98 ? 53   VAL A CB  1 
ATOM   359  C CG1 . VAL A 1 53 ? 21.137  -2.541  -10.401 1.00 28.44 ? 53   VAL A CG1 1 
ATOM   360  C CG2 . VAL A 1 53 ? 19.800  -4.596  -10.254 1.00 29.53 ? 53   VAL A CG2 1 
ATOM   361  N N   . ASP A 1 54 ? 18.169  -4.720  -7.508  1.00 26.76 ? 54   ASP A N   1 
ATOM   362  C CA  . ASP A 1 54 ? 17.031  -5.511  -7.060  1.00 26.27 ? 54   ASP A CA  1 
ATOM   363  C C   . ASP A 1 54 ? 16.130  -4.725  -6.113  1.00 27.20 ? 54   ASP A C   1 
ATOM   364  O O   . ASP A 1 54 ? 14.898  -4.888  -6.144  1.00 28.12 ? 54   ASP A O   1 
ATOM   365  C CB  . ASP A 1 54 ? 17.466  -6.804  -6.414  1.00 26.30 ? 54   ASP A CB  1 
ATOM   366  C CG  . ASP A 1 54 ? 17.957  -7.832  -7.425  1.00 25.44 ? 54   ASP A CG  1 
ATOM   367  O OD1 . ASP A 1 54 ? 17.600  -7.753  -8.624  1.00 22.72 ? 54   ASP A OD1 1 
ATOM   368  O OD2 . ASP A 1 54 ? 18.749  -8.691  -7.005  1.00 24.34 ? 54   ASP A OD2 1 
ATOM   369  N N   . LEU A 1 55 ? 16.738  -3.911  -5.258  1.00 26.22 ? 55   LEU A N   1 
ATOM   370  C CA  . LEU A 1 55 ? 15.997  -2.980  -4.381  1.00 27.00 ? 55   LEU A CA  1 
ATOM   371  C C   . LEU A 1 55 ? 15.188  -2.010  -5.226  1.00 27.38 ? 55   LEU A C   1 
ATOM   372  O O   . LEU A 1 55 ? 14.024  -1.747  -4.920  1.00 28.24 ? 55   LEU A O   1 
ATOM   373  C CB  . LEU A 1 55 ? 16.953  -2.215  -3.430  1.00 25.74 ? 55   LEU A CB  1 
ATOM   374  C CG  . LEU A 1 55 ? 17.686  -3.069  -2.392  1.00 25.51 ? 55   LEU A CG  1 
ATOM   375  C CD1 . LEU A 1 55 ? 18.834  -2.324  -1.622  1.00 24.68 ? 55   LEU A CD1 1 
ATOM   376  C CD2 . LEU A 1 55 ? 16.690  -3.628  -1.424  1.00 27.46 ? 55   LEU A CD2 1 
ATOM   377  N N   . ASP A 1 56 ? 15.804  -1.462  -6.280  1.00 28.31 ? 56   ASP A N   1 
ATOM   378  C CA  . ASP A 1 56 ? 15.105  -0.536  -7.164  1.00 29.50 ? 56   ASP A CA  1 
ATOM   379  C C   . ASP A 1 56 ? 13.876  -1.214  -7.775  1.00 30.16 ? 56   ASP A C   1 
ATOM   380  O O   . ASP A 1 56 ? 12.766  -0.631  -7.780  1.00 30.05 ? 56   ASP A O   1 
ATOM   381  C CB  . ASP A 1 56 ? 16.013  0.014   -8.268  1.00 30.52 ? 56   ASP A CB  1 
ATOM   382  C CG  . ASP A 1 56 ? 16.898  1.176   -7.801  1.00 32.37 ? 56   ASP A CG  1 
ATOM   383  O OD1 . ASP A 1 56 ? 16.670  1.754   -6.731  1.00 34.76 ? 56   ASP A OD1 1 
ATOM   384  O OD2 . ASP A 1 56 ? 17.832  1.522   -8.538  1.00 37.31 ? 56   ASP A OD2 1 
ATOM   385  N N   . ARG A 1 57 ? 14.055  -2.449  -8.235  1.00 29.98 ? 57   ARG A N   1 
ATOM   386  C CA  . ARG A 1 57 ? 12.965  -3.206  -8.845  1.00 31.15 ? 57   ARG A CA  1 
ATOM   387  C C   . ARG A 1 57 ? 11.841  -3.508  -7.875  1.00 30.21 ? 57   ARG A C   1 
ATOM   388  O O   . ARG A 1 57 ? 10.691  -3.521  -8.273  1.00 29.18 ? 57   ARG A O   1 
ATOM   389  C CB  . ARG A 1 57 ? 13.446  -4.520  -9.467  1.00 31.54 ? 57   ARG A CB  1 
ATOM   390  C CG  . ARG A 1 57 ? 14.472  -4.375  -10.583 1.00 32.68 ? 57   ARG A CG  1 
ATOM   391  C CD  . ARG A 1 57 ? 15.070  -5.759  -10.975 1.00 34.75 ? 57   ARG A CD  1 
ATOM   392  N NE  . ARG A 1 57 ? 15.874  -5.619  -12.200 1.00 39.01 ? 57   ARG A NE  1 
ATOM   393  C CZ  . ARG A 1 57 ? 17.124  -6.040  -12.367 1.00 40.90 ? 57   ARG A CZ  1 
ATOM   394  N NH1 . ARG A 1 57 ? 17.758  -6.706  -11.404 1.00 39.84 ? 57   ARG A NH1 1 
ATOM   395  N NH2 . ARG A 1 57 ? 17.732  -5.818  -13.538 1.00 42.72 ? 57   ARG A NH2 1 
ATOM   396  N N   . SER A 1 58 ? 12.187  -3.793  -6.624  1.00 30.13 ? 58   SER A N   1 
ATOM   397  C CA  . SER A 1 58 ? 11.205  -4.144  -5.637  1.00 31.32 ? 58   SER A CA  1 
ATOM   398  C C   . SER A 1 58 ? 10.308  -2.951  -5.276  1.00 32.41 ? 58   SER A C   1 
ATOM   399  O O   . SER A 1 58 ? 9.129   -3.137  -4.946  1.00 32.13 ? 58   SER A O   1 
ATOM   400  C CB  . SER A 1 58 ? 11.899  -4.622  -4.377  1.00 31.33 ? 58   SER A CB  1 
ATOM   401  O OG  . SER A 1 58 ? 12.523  -3.531  -3.726  1.00 31.97 ? 58   SER A OG  1 
ATOM   402  N N   . ILE A 1 59 ? 10.884  -1.746  -5.286  1.00 32.64 ? 59   ILE A N   1 
ATOM   403  C CA  . ILE A 1 59 ? 10.104  -0.524  -5.066  1.00 33.25 ? 59   ILE A CA  1 
ATOM   404  C C   . ILE A 1 59 ? 9.113   -0.336  -6.209  1.00 33.55 ? 59   ILE A C   1 
ATOM   405  O O   . ILE A 1 59 ? 7.935   -0.118  -5.960  1.00 32.32 ? 59   ILE A O   1 
ATOM   406  C CB  . ILE A 1 59 ? 10.988  0.729   -4.829  1.00 32.98 ? 59   ILE A CB  1 
ATOM   407  C CG1 . ILE A 1 59 ? 11.683  0.626   -3.475  1.00 31.68 ? 59   ILE A CG1 1 
ATOM   408  C CG2 . ILE A 1 59 ? 10.135  2.017   -4.889  1.00 34.95 ? 59   ILE A CG2 1 
ATOM   409  C CD1 . ILE A 1 59 ? 12.913  1.497   -3.355  1.00 33.21 ? 59   ILE A CD1 1 
ATOM   410  N N   . ILE A 1 60 ? 9.595   -0.427  -7.448  1.00 34.72 ? 60   ILE A N   1 
ATOM   411  C CA  . ILE A 1 60 ? 8.728   -0.424  -8.638  1.00 35.62 ? 60   ILE A CA  1 
ATOM   412  C C   . ILE A 1 60 ? 7.572   -1.452  -8.563  1.00 36.07 ? 60   ILE A C   1 
ATOM   413  O O   . ILE A 1 60 ? 6.405   -1.112  -8.818  1.00 35.78 ? 60   ILE A O   1 
ATOM   414  C CB  . ILE A 1 60 ? 9.533   -0.623  -9.909  1.00 35.85 ? 60   ILE A CB  1 
ATOM   415  C CG1 . ILE A 1 60 ? 10.404  0.609   -10.144 1.00 37.75 ? 60   ILE A CG1 1 
ATOM   416  C CG2 . ILE A 1 60 ? 8.596   -0.859  -11.135 1.00 36.48 ? 60   ILE A CG2 1 
ATOM   417  C CD1 . ILE A 1 60 ? 11.189  0.570   -11.456 1.00 40.16 ? 60   ILE A CD1 1 
ATOM   418  N N   . VAL A 1 61 ? 7.882   -2.693  -8.187  1.00 36.03 ? 61   VAL A N   1 
ATOM   419  C CA  . VAL A 1 61 ? 6.822   -3.687  -7.978  1.00 36.77 ? 61   VAL A CA  1 
ATOM   420  C C   . VAL A 1 61 ? 5.843   -3.224  -6.900  1.00 37.49 ? 61   VAL A C   1 
ATOM   421  O O   . VAL A 1 61 ? 4.633   -3.520  -6.969  1.00 37.48 ? 61   VAL A O   1 
ATOM   422  C CB  . VAL A 1 61 ? 7.370   -5.078  -7.602  1.00 36.26 ? 61   VAL A CB  1 
ATOM   423  C CG1 . VAL A 1 61 ? 6.237   -6.000  -7.093  1.00 35.68 ? 61   VAL A CG1 1 
ATOM   424  C CG2 . VAL A 1 61 ? 8.115   -5.692  -8.798  1.00 36.06 ? 61   VAL A CG2 1 
ATOM   425  N N   . MET A 1 62 ? 6.361   -2.500  -5.912  1.00 38.01 ? 62   MET A N   1 
ATOM   426  C CA  . MET A 1 62 ? 5.543   -2.058  -4.785  1.00 39.90 ? 62   MET A CA  1 
ATOM   427  C C   . MET A 1 62 ? 4.539   -0.960  -5.166  1.00 38.38 ? 62   MET A C   1 
ATOM   428  O O   . MET A 1 62 ? 3.404   -0.982  -4.705  1.00 37.88 ? 62   MET A O   1 
ATOM   429  C CB  . MET A 1 62 ? 6.414   -1.627  -3.603  1.00 39.18 ? 62   MET A CB  1 
ATOM   430  C CG  . MET A 1 62 ? 5.671   -1.618  -2.278  1.00 41.83 ? 62   MET A CG  1 
ATOM   431  S SD  . MET A 1 62 ? 6.595   -0.743  -1.003  1.00 45.71 ? 62   MET A SD  1 
ATOM   432  C CE  . MET A 1 62 ? 7.045   0.727   -1.903  1.00 43.56 ? 62   MET A CE  1 
ATOM   433  N N   . LYS A 1 63 ? 4.983   -0.006  -5.981  1.00 38.59 ? 63   LYS A N   1 
ATOM   434  C CA  . LYS A 1 63 ? 4.127   1.026   -6.567  1.00 39.51 ? 63   LYS A CA  1 
ATOM   435  C C   . LYS A 1 63 ? 3.048   0.366   -7.448  1.00 39.71 ? 63   LYS A C   1 
ATOM   436  O O   . LYS A 1 63 ? 1.880   0.704   -7.360  1.00 39.48 ? 63   LYS A O   1 
ATOM   437  C CB  . LYS A 1 63 ? 4.964   2.015   -7.385  1.00 39.51 ? 63   LYS A CB  1 
ATOM   438  C CG  . LYS A 1 63 ? 6.028   2.784   -6.568  1.00 41.07 ? 63   LYS A CG  1 
ATOM   439  C CD  . LYS A 1 63 ? 6.959   3.636   -7.453  1.00 41.03 ? 63   LYS A CD  1 
ATOM   440  C CE  . LYS A 1 63 ? 6.340   5.009   -7.800  1.00 45.46 ? 63   LYS A CE  1 
ATOM   441  N NZ  . LYS A 1 63 ? 7.421   6.041   -8.063  1.00 46.90 ? 63   LYS A NZ  1 
ATOM   442  N N   . ARG A 1 64 ? 3.437   -0.603  -8.273  1.00 39.99 ? 64   ARG A N   1 
ATOM   443  C CA  . ARG A 1 64 ? 2.452   -1.326  -9.090  1.00 40.45 ? 64   ARG A CA  1 
ATOM   444  C C   . ARG A 1 64 ? 1.391   -2.025  -8.245  1.00 39.55 ? 64   ARG A C   1 
ATOM   445  O O   . ARG A 1 64 ? 0.206   -1.800  -8.446  1.00 39.42 ? 64   ARG A O   1 
ATOM   446  C CB  . ARG A 1 64 ? 3.135   -2.334  -10.012 1.00 41.09 ? 64   ARG A CB  1 
ATOM   447  C CG  . ARG A 1 64 ? 2.293   -2.767  -11.210 1.00 42.84 ? 64   ARG A CG  1 
ATOM   448  C CD  . ARG A 1 64 ? 2.922   -3.970  -11.842 1.00 46.43 ? 64   ARG A CD  1 
ATOM   449  N NE  . ARG A 1 64 ? 3.017   -5.065  -10.878 1.00 48.95 ? 64   ARG A NE  1 
ATOM   450  C CZ  . ARG A 1 64 ? 3.918   -6.042  -10.927 1.00 49.35 ? 64   ARG A CZ  1 
ATOM   451  N NH1 . ARG A 1 64 ? 4.834   -6.063  -11.894 1.00 49.36 ? 64   ARG A NH1 1 
ATOM   452  N NH2 . ARG A 1 64 ? 3.903   -6.995  -9.992  1.00 48.84 ? 64   ARG A NH2 1 
ATOM   453  N N   . ASP A 1 65 ? 1.814   -2.860  -7.310  1.00 39.41 ? 65   ASP A N   1 
ATOM   454  C CA  . ASP A 1 65 ? 0.890   -3.610  -6.465  1.00 40.42 ? 65   ASP A CA  1 
ATOM   455  C C   . ASP A 1 65 ? -0.066  -2.715  -5.667  1.00 40.96 ? 65   ASP A C   1 
ATOM   456  O O   . ASP A 1 65 ? -1.230  -3.078  -5.460  1.00 40.88 ? 65   ASP A O   1 
ATOM   457  C CB  . ASP A 1 65 ? 1.630   -4.498  -5.481  1.00 40.51 ? 65   ASP A CB  1 
ATOM   458  C CG  . ASP A 1 65 ? 2.226   -5.728  -6.123  1.00 42.82 ? 65   ASP A CG  1 
ATOM   459  O OD1 . ASP A 1 65 ? 1.923   -6.021  -7.293  1.00 43.68 ? 65   ASP A OD1 1 
ATOM   460  O OD2 . ASP A 1 65 ? 3.028   -6.401  -5.442  1.00 47.70 ? 65   ASP A OD2 1 
ATOM   461  N N   . GLU A 1 66 ? 0.436   -1.564  -5.223  1.00 40.59 ? 66   GLU A N   1 
ATOM   462  C CA  . GLU A 1 66 ? -0.350  -0.626  -4.446  1.00 41.25 ? 66   GLU A CA  1 
ATOM   463  C C   . GLU A 1 66 ? -1.371  0.118   -5.298  1.00 41.18 ? 66   GLU A C   1 
ATOM   464  O O   . GLU A 1 66 ? -2.476  0.370   -4.847  1.00 40.96 ? 66   GLU A O   1 
ATOM   465  C CB  . GLU A 1 66 ? 0.557   0.339   -3.689  1.00 40.89 ? 66   GLU A CB  1 
ATOM   466  C CG  . GLU A 1 66 ? 1.269   -0.335  -2.480  1.00 42.73 ? 66   GLU A CG  1 
ATOM   467  C CD  . GLU A 1 66 ? 2.215   0.604   -1.717  1.00 41.62 ? 66   GLU A CD  1 
ATOM   468  O OE1 . GLU A 1 66 ? 2.699   1.584   -2.311  1.00 42.79 ? 66   GLU A OE1 1 
ATOM   469  O OE2 . GLU A 1 66 ? 2.489   0.342   -0.529  1.00 43.06 ? 66   GLU A OE2 1 
ATOM   470  N N   . ASN A 1 67 ? -1.003  0.467   -6.525  1.00 41.63 ? 67   ASN A N   1 
ATOM   471  C CA  . ASN A 1 67 ? -1.973  0.995   -7.490  1.00 42.86 ? 67   ASN A CA  1 
ATOM   472  C C   . ASN A 1 67 ? -3.095  0.010   -7.775  1.00 42.72 ? 67   ASN A C   1 
ATOM   473  O O   . ASN A 1 67 ? -4.245  0.408   -7.878  1.00 42.10 ? 67   ASN A O   1 
ATOM   474  C CB  . ASN A 1 67 ? -1.278  1.421   -8.766  1.00 43.04 ? 67   ASN A CB  1 
ATOM   475  C CG  . ASN A 1 67 ? -0.336  2.532   -8.506  1.00 45.15 ? 67   ASN A CG  1 
ATOM   476  O OD1 . ASN A 1 67 ? -0.146  2.904   -7.343  1.00 46.98 ? 67   ASN A OD1 1 
ATOM   477  N ND2 . ASN A 1 67 ? 0.278   3.075   -9.553  1.00 47.37 ? 67   ASN A ND2 1 
ATOM   478  N N   . GLU A 1 68 ? -2.738  -1.269  -7.809  1.00 42.59 ? 68   GLU A N   1 
ATOM   479  C CA  . GLU A 1 68 ? -3.698  -2.357  -7.971  1.00 43.85 ? 68   GLU A CA  1 
ATOM   480  C C   . GLU A 1 68 ? -4.594  -2.563  -6.750  1.00 43.42 ? 68   GLU A C   1 
ATOM   481  O O   . GLU A 1 68 ? -5.777  -2.809  -6.912  1.00 43.52 ? 68   GLU A O   1 
ATOM   482  C CB  . GLU A 1 68 ? -2.992  -3.652  -8.424  1.00 43.45 ? 68   GLU A CB  1 
ATOM   483  C CG  . GLU A 1 68 ? -2.653  -3.556  -9.910  1.00 46.12 ? 68   GLU A CG  1 
ATOM   484  C CD  . GLU A 1 68 ? -1.663  -4.585  -10.436 1.00 47.91 ? 68   GLU A CD  1 
ATOM   485  O OE1 . GLU A 1 68 ? -1.389  -5.602  -9.763  1.00 49.27 ? 68   GLU A OE1 1 
ATOM   486  O OE2 . GLU A 1 68 ? -1.156  -4.358  -11.558 1.00 49.13 ? 68   GLU A OE2 1 
ATOM   487  N N   . ASP A 1 69 ? -4.038  -2.424  -5.544  1.00 43.45 ? 69   ASP A N   1 
ATOM   488  C CA  . ASP A 1 69 ? -4.826  -2.476  -4.315  1.00 43.41 ? 69   ASP A CA  1 
ATOM   489  C C   . ASP A 1 69 ? -5.848  -1.317  -4.279  1.00 42.22 ? 69   ASP A C   1 
ATOM   490  O O   . ASP A 1 69 ? -6.997  -1.517  -3.918  1.00 41.53 ? 69   ASP A O   1 
ATOM   491  C CB  . ASP A 1 69 ? -3.948  -2.390  -3.056  1.00 44.87 ? 69   ASP A CB  1 
ATOM   492  C CG  . ASP A 1 69 ? -3.013  -3.607  -2.850  1.00 48.64 ? 69   ASP A CG  1 
ATOM   493  O OD1 . ASP A 1 69 ? -3.175  -4.684  -3.479  1.00 54.27 ? 69   ASP A OD1 1 
ATOM   494  O OD2 . ASP A 1 69 ? -2.098  -3.473  -2.000  1.00 52.73 ? 69   ASP A OD2 1 
ATOM   495  N N   . VAL A 1 70 ? -5.384  -0.118  -4.625  1.00 40.97 ? 70   VAL A N   1 
ATOM   496  C CA  . VAL A 1 70 ? -6.192  1.097   -4.698  1.00 40.12 ? 70   VAL A CA  1 
ATOM   497  C C   . VAL A 1 70 ? -7.319  0.960   -5.727  1.00 39.08 ? 70   VAL A C   1 
ATOM   498  O O   . VAL A 1 70 ? -8.478  1.085   -5.377  1.00 38.23 ? 70   VAL A O   1 
ATOM   499  C CB  . VAL A 1 70 ? -5.312  2.327   -5.041  1.00 40.41 ? 70   VAL A CB  1 
ATOM   500  C CG1 . VAL A 1 70 ? -6.168  3.540   -5.423  1.00 40.72 ? 70   VAL A CG1 1 
ATOM   501  C CG2 . VAL A 1 70 ? -4.373  2.667   -3.865  1.00 41.37 ? 70   VAL A CG2 1 
ATOM   502  N N   . SER A 1 71 ? -6.961  0.684   -6.982  1.00 37.63 ? 71   SER A N   1 
ATOM   503  C CA  . SER A 1 71 ? -7.931  0.340   -8.012  1.00 36.76 ? 71   SER A CA  1 
ATOM   504  C C   . SER A 1 71 ? -8.982  -0.641  -7.521  1.00 35.78 ? 71   SER A C   1 
ATOM   505  O O   . SER A 1 71 ? -10.166 -0.393  -7.687  1.00 34.58 ? 71   SER A O   1 
ATOM   506  C CB  . SER A 1 71 ? -7.236  -0.235  -9.242  1.00 37.26 ? 71   SER A CB  1 
ATOM   507  O OG  . SER A 1 71 ? -6.801  0.823   -10.068 1.00 38.45 ? 71   SER A OG  1 
ATOM   508  N N   . GLY A 1 72 ? -8.531  -1.735  -6.900  1.00 34.81 ? 72   GLY A N   1 
ATOM   509  C CA  . GLY A 1 72 ? -9.399  -2.755  -6.340  1.00 33.69 ? 72   GLY A CA  1 
ATOM   510  C C   . GLY A 1 72 ? -10.339 -2.199  -5.291  1.00 33.76 ? 72   GLY A C   1 
ATOM   511  O O   . GLY A 1 72 ? -11.521 -2.519  -5.316  1.00 33.50 ? 72   GLY A O   1 
ATOM   512  N N   . ARG A 1 73 ? -9.836  -1.363  -4.373  1.00 32.58 ? 73   ARG A N   1 
ATOM   513  C CA  . ARG A 1 73 ? -10.717 -0.758  -3.363  1.00 32.77 ? 73   ARG A CA  1 
ATOM   514  C C   . ARG A 1 73 ? -11.764 0.191   -3.954  1.00 31.25 ? 73   ARG A C   1 
ATOM   515  O O   . ARG A 1 73 ? -12.927 0.166   -3.527  1.00 30.09 ? 73   ARG A O   1 
ATOM   516  C CB  . ARG A 1 73 ? -9.929  -0.050  -2.241  1.00 31.88 ? 73   ARG A CB  1 
ATOM   517  C CG  . ARG A 1 73 ? -9.222  -1.037  -1.301  1.00 34.90 ? 73   ARG A CG  1 
ATOM   518  C CD  . ARG A 1 73 ? -8.520  -0.352  -0.116  1.00 35.67 ? 73   ARG A CD  1 
ATOM   519  N NE  . ARG A 1 73 ? -7.833  -1.361  0.693   1.00 40.10 ? 73   ARG A NE  1 
ATOM   520  C CZ  . ARG A 1 73 ? -7.522  -1.234  1.983   1.00 42.81 ? 73   ARG A CZ  1 
ATOM   521  N NH1 . ARG A 1 73 ? -7.782  -0.115  2.652   1.00 41.01 ? 73   ARG A NH1 1 
ATOM   522  N NH2 . ARG A 1 73 ? -6.918  -2.238  2.602   1.00 45.12 ? 73   ARG A NH2 1 
ATOM   523  N N   . GLU A 1 74 ? -11.333 1.034   -4.899  1.00 30.82 ? 74   GLU A N   1 
ATOM   524  C CA  . GLU A 1 74 ? -12.214 1.939   -5.631  1.00 31.39 ? 74   GLU A CA  1 
ATOM   525  C C   . GLU A 1 74 ? -13.348 1.140   -6.317  1.00 31.30 ? 74   GLU A C   1 
ATOM   526  O O   . GLU A 1 74 ? -14.508 1.556   -6.231  1.00 31.26 ? 74   GLU A O   1 
ATOM   527  C CB  . GLU A 1 74 ? -11.423 2.789   -6.639  1.00 31.24 ? 74   GLU A CB  1 
ATOM   528  C CG  . GLU A 1 74 ? -10.460 3.833   -6.003  1.00 32.25 ? 74   GLU A CG  1 
ATOM   529  C CD  . GLU A 1 74 ? -9.490  4.480   -7.010  1.00 32.68 ? 74   GLU A CD  1 
ATOM   530  O OE1 . GLU A 1 74 ? -8.994  3.795   -7.906  1.00 34.64 ? 74   GLU A OE1 1 
ATOM   531  O OE2 . GLU A 1 74 ? -9.213  5.691   -6.926  1.00 35.92 ? 74   GLU A OE2 1 
ATOM   532  N N   . ALA A 1 75 ? -13.011 0.015   -6.975  1.00 30.42 ? 75   ALA A N   1 
ATOM   533  C CA  . ALA A 1 75 ? -14.012 -0.908  -7.545  1.00 31.34 ? 75   ALA A CA  1 
ATOM   534  C C   . ALA A 1 75 ? -15.021 -1.476  -6.539  1.00 31.39 ? 75   ALA A C   1 
ATOM   535  O O   . ALA A 1 75 ? -16.198 -1.584  -6.860  1.00 31.65 ? 75   ALA A O   1 
ATOM   536  C CB  . ALA A 1 75 ? -13.371 -2.041  -8.326  1.00 30.93 ? 75   ALA A CB  1 
ATOM   537  N N   . GLN A 1 76 ? -14.569 -1.817  -5.329  1.00 30.79 ? 76   GLN A N   1 
ATOM   538  C CA  . GLN A 1 76 ? -15.486 -2.220  -4.263  1.00 30.94 ? 76   GLN A CA  1 
ATOM   539  C C   . GLN A 1 76 ? -16.429 -1.085  -3.860  1.00 29.67 ? 76   GLN A C   1 
ATOM   540  O O   . GLN A 1 76 ? -17.605 -1.327  -3.646  1.00 29.23 ? 76   GLN A O   1 
ATOM   541  C CB  . GLN A 1 76 ? -14.729 -2.716  -3.008  1.00 30.95 ? 76   GLN A CB  1 
ATOM   542  C CG  . GLN A 1 76 ? -14.230 -4.192  -3.050  1.00 32.60 ? 76   GLN A CG  1 
ATOM   543  C CD  . GLN A 1 76 ? -13.372 -4.528  -1.835  1.00 33.07 ? 76   GLN A CD  1 
ATOM   544  O OE1 . GLN A 1 76 ? -12.315 -3.924  -1.610  1.00 36.19 ? 76   GLN A OE1 1 
ATOM   545  N NE2 . GLN A 1 76 ? -13.841 -5.455  -1.029  1.00 34.62 ? 76   GLN A NE2 1 
ATOM   546  N N   . VAL A 1 77 ? -15.916 0.138   -3.704  1.00 28.64 ? 77   VAL A N   1 
ATOM   547  C CA  . VAL A 1 77 ? -16.782 1.243   -3.273  1.00 28.51 ? 77   VAL A CA  1 
ATOM   548  C C   . VAL A 1 77 ? -17.818 1.565   -4.369  1.00 28.74 ? 77   VAL A C   1 
ATOM   549  O O   . VAL A 1 77 ? -18.982 1.768   -4.075  1.00 27.73 ? 77   VAL A O   1 
ATOM   550  C CB  . VAL A 1 77 ? -16.019 2.514   -2.744  1.00 28.43 ? 77   VAL A CB  1 
ATOM   551  C CG1 . VAL A 1 77 ? -17.012 3.635   -2.314  1.00 26.08 ? 77   VAL A CG1 1 
ATOM   552  C CG2 . VAL A 1 77 ? -15.108 2.141   -1.572  1.00 26.64 ? 77   VAL A CG2 1 
ATOM   553  N N   . LYS A 1 78 ? -17.390 1.541   -5.619  1.00 28.83 ? 78   LYS A N   1 
ATOM   554  C CA  . LYS A 1 78 ? -18.286 1.774   -6.726  1.00 31.01 ? 78   LYS A CA  1 
ATOM   555  C C   . LYS A 1 78 ? -19.369 0.666   -6.799  1.00 30.71 ? 78   LYS A C   1 
ATOM   556  O O   . LYS A 1 78 ? -20.509 0.913   -7.204  1.00 29.48 ? 78   LYS A O   1 
ATOM   557  C CB  . LYS A 1 78 ? -17.484 1.900   -8.027  1.00 30.64 ? 78   LYS A CB  1 
ATOM   558  C CG  . LYS A 1 78 ? -18.355 2.057   -9.269  1.00 33.62 ? 78   LYS A CG  1 
ATOM   559  C CD  . LYS A 1 78 ? -17.518 2.383   -10.519 1.00 35.37 ? 78   LYS A CD  1 
ATOM   560  C CE  . LYS A 1 78 ? -18.394 3.073   -11.585 1.00 38.51 ? 78   LYS A CE  1 
ATOM   561  N NZ  . LYS A 1 78 ? -17.766 2.944   -12.940 1.00 44.50 ? 78   LYS A NZ  1 
ATOM   562  N N   . ASN A 1 79 ? -19.023 -0.548  -6.375  1.00 30.60 ? 79   ASN A N   1 
ATOM   563  C CA  . ASN A 1 79 ? -20.005 -1.618  -6.403  1.00 31.25 ? 79   ASN A CA  1 
ATOM   564  C C   . ASN A 1 79 ? -21.068 -1.374  -5.331  1.00 30.05 ? 79   ASN A C   1 
ATOM   565  O O   . ASN A 1 79 ? -22.256 -1.623  -5.535  1.00 30.32 ? 79   ASN A O   1 
ATOM   566  C CB  . ASN A 1 79 ? -19.353 -3.009  -6.301  1.00 31.48 ? 79   ASN A CB  1 
ATOM   567  C CG  . ASN A 1 79 ? -20.381 -4.129  -6.090  1.00 34.28 ? 79   ASN A CG  1 
ATOM   568  O OD1 . ASN A 1 79 ? -20.510 -4.661  -4.984  1.00 38.59 ? 79   ASN A OD1 1 
ATOM   569  N ND2 . ASN A 1 79 ? -21.123 -4.478  -7.144  1.00 34.54 ? 79   ASN A ND2 1 
ATOM   570  N N   . ILE A 1 80 ? -20.647 -0.837  -4.195  1.00 29.47 ? 80   ILE A N   1 
ATOM   571  C CA  . ILE A 1 80 ? -21.590 -0.512  -3.139  1.00 27.92 ? 80   ILE A CA  1 
ATOM   572  C C   . ILE A 1 80 ? -22.521 0.614   -3.569  1.00 27.42 ? 80   ILE A C   1 
ATOM   573  O O   . ILE A 1 80 ? -23.720 0.555   -3.276  1.00 24.79 ? 80   ILE A O   1 
ATOM   574  C CB  . ILE A 1 80 ? -20.884 -0.116  -1.828  1.00 29.04 ? 80   ILE A CB  1 
ATOM   575  C CG1 . ILE A 1 80 ? -20.361 -1.357  -1.076  1.00 29.18 ? 80   ILE A CG1 1 
ATOM   576  C CG2 . ILE A 1 80 ? -21.806 0.754   -0.938  1.00 26.97 ? 80   ILE A CG2 1 
ATOM   577  C CD1 . ILE A 1 80 ? -19.463 -0.970  0.077   1.00 29.00 ? 80   ILE A CD1 1 
ATOM   578  N N   . LYS A 1 81 ? -21.950 1.639   -4.225  1.00 26.63 ? 81   LYS A N   1 
ATOM   579  C CA  . LYS A 1 81 ? -22.717 2.743   -4.802  1.00 27.64 ? 81   LYS A CA  1 
ATOM   580  C C   . LYS A 1 81 ? -23.780 2.206   -5.715  1.00 26.72 ? 81   LYS A C   1 
ATOM   581  O O   . LYS A 1 81 ? -24.933 2.560   -5.581  1.00 27.15 ? 81   LYS A O   1 
ATOM   582  C CB  . LYS A 1 81 ? -21.828 3.757   -5.561  1.00 27.85 ? 81   LYS A CB  1 
ATOM   583  C CG  . LYS A 1 81 ? -20.879 4.543   -4.647  1.00 29.18 ? 81   LYS A CG  1 
ATOM   584  C CD  . LYS A 1 81 ? -19.950 5.486   -5.408  1.00 30.41 ? 81   LYS A CD  1 
ATOM   585  C CE  . LYS A 1 81 ? -19.027 6.277   -4.476  1.00 32.76 ? 81   LYS A CE  1 
ATOM   586  N NZ  . LYS A 1 81 ? -18.416 7.444   -5.203  1.00 37.10 ? 81   LYS A NZ  1 
ATOM   587  N N   . GLN A 1 82 ? -23.398 1.332   -6.627  1.00 27.24 ? 82   GLN A N   1 
ATOM   588  C CA  . GLN A 1 82 ? -24.364 0.684   -7.503  1.00 27.80 ? 82   GLN A CA  1 
ATOM   589  C C   . GLN A 1 82 ? -25.440 -0.135  -6.786  1.00 28.04 ? 82   GLN A C   1 
ATOM   590  O O   . GLN A 1 82 ? -26.617 -0.060  -7.158  1.00 28.48 ? 82   GLN A O   1 
ATOM   591  C CB  . GLN A 1 82 ? -23.664 -0.157  -8.560  1.00 27.84 ? 82   GLN A CB  1 
ATOM   592  C CG  . GLN A 1 82 ? -24.539 -0.334  -9.780  1.00 32.00 ? 82   GLN A CG  1 
ATOM   593  C CD  . GLN A 1 82 ? -23.873 -1.108  -10.852 1.00 36.16 ? 82   GLN A CD  1 
ATOM   594  O OE1 . GLN A 1 82 ? -22.840 -0.688  -11.373 1.00 41.12 ? 82   GLN A OE1 1 
ATOM   595  N NE2 . GLN A 1 82 ? -24.450 -2.253  -11.208 1.00 34.85 ? 82   GLN A NE2 1 
ATOM   596  N N   . GLN A 1 83 ? -25.054 -0.907  -5.765  1.00 27.75 ? 83   GLN A N   1 
ATOM   597  C CA  . GLN A 1 83 ? -26.037 -1.637  -4.927  1.00 26.92 ? 83   GLN A CA  1 
ATOM   598  C C   . GLN A 1 83 ? -27.011 -0.718  -4.163  1.00 25.77 ? 83   GLN A C   1 
ATOM   599  O O   . GLN A 1 83 ? -28.201 -1.007  -4.091  1.00 27.00 ? 83   GLN A O   1 
ATOM   600  C CB  . GLN A 1 83 ? -25.375 -2.612  -3.966  1.00 28.01 ? 83   GLN A CB  1 
ATOM   601  C CG  . GLN A 1 83 ? -24.398 -3.655  -4.585  1.00 34.55 ? 83   GLN A CG  1 
ATOM   602  C CD  . GLN A 1 83 ? -24.843 -4.201  -5.963  1.00 42.17 ? 83   GLN A CD  1 
ATOM   603  O OE1 . GLN A 1 83 ? -25.861 -4.902  -6.070  1.00 44.61 ? 83   GLN A OE1 1 
ATOM   604  N NE2 . GLN A 1 83 ? -24.068 -3.879  -7.018  1.00 43.45 ? 83   GLN A NE2 1 
ATOM   605  N N   . LEU A 1 84 ? -26.523 0.377   -3.598  1.00 23.39 ? 84   LEU A N   1 
ATOM   606  C CA  . LEU A 1 84 ? -27.374 1.407   -3.067  1.00 21.60 ? 84   LEU A CA  1 
ATOM   607  C C   . LEU A 1 84 ? -28.387 1.999   -4.101  1.00 21.67 ? 84   LEU A C   1 
ATOM   608  O O   . LEU A 1 84 ? -29.561 2.205   -3.790  1.00 20.33 ? 84   LEU A O   1 
ATOM   609  C CB  . LEU A 1 84 ? -26.509 2.549   -2.534  1.00 22.91 ? 84   LEU A CB  1 
ATOM   610  C CG  . LEU A 1 84 ? -27.233 3.742   -1.852  1.00 21.57 ? 84   LEU A CG  1 
ATOM   611  C CD1 . LEU A 1 84 ? -28.099 3.299   -0.751  1.00 21.98 ? 84   LEU A CD1 1 
ATOM   612  C CD2 . LEU A 1 84 ? -26.188 4.738   -1.348  1.00 20.10 ? 84   LEU A CD2 1 
ATOM   613  N N   . ASP A 1 85 ? -27.898 2.319   -5.293  1.00 20.02 ? 85   ASP A N   1 
ATOM   614  C CA  . ASP A 1 85 ? -28.730 2.934   -6.299  1.00 21.71 ? 85   ASP A CA  1 
ATOM   615  C C   . ASP A 1 85 ? -29.802 1.951   -6.746  1.00 21.89 ? 85   ASP A C   1 
ATOM   616  O O   . ASP A 1 85 ? -30.951 2.349   -6.929  1.00 24.17 ? 85   ASP A O   1 
ATOM   617  C CB  . ASP A 1 85 ? -27.894 3.452   -7.495  1.00 21.08 ? 85   ASP A CB  1 
ATOM   618  C CG  . ASP A 1 85 ? -27.173 4.787   -7.186  1.00 22.64 ? 85   ASP A CG  1 
ATOM   619  O OD1 . ASP A 1 85 ? -27.470 5.437   -6.169  1.00 21.58 ? 85   ASP A OD1 1 
ATOM   620  O OD2 . ASP A 1 85 ? -26.273 5.170   -7.953  1.00 27.06 ? 85   ASP A OD2 1 
ATOM   621  N N   . ALA A 1 86 ? -29.447 0.694   -6.969  1.00 21.68 ? 86   ALA A N   1 
ATOM   622  C CA  . ALA A 1 86 ? -30.448 -0.360  -7.292  1.00 21.82 ? 86   ALA A CA  1 
ATOM   623  C C   . ALA A 1 86 ? -31.525 -0.505  -6.208  1.00 23.12 ? 86   ALA A C   1 
ATOM   624  O O   . ALA A 1 86 ? -32.747 -0.707  -6.492  1.00 21.64 ? 86   ALA A O   1 
ATOM   625  C CB  . ALA A 1 86 ? -29.746 -1.696  -7.508  1.00 23.14 ? 86   ALA A CB  1 
ATOM   626  N N   . LEU A 1 87 ? -31.074 -0.427  -4.956  1.00 23.49 ? 87   LEU A N   1 
ATOM   627  C CA  . LEU A 1 87 ? -31.958 -0.465  -3.800  1.00 25.44 ? 87   LEU A CA  1 
ATOM   628  C C   . LEU A 1 87 ? -32.923 0.692   -3.637  1.00 26.85 ? 87   LEU A C   1 
ATOM   629  O O   . LEU A 1 87 ? -34.053 0.510   -3.146  1.00 27.63 ? 87   LEU A O   1 
ATOM   630  C CB  . LEU A 1 87 ? -31.137 -0.574  -2.524  1.00 25.69 ? 87   LEU A CB  1 
ATOM   631  C CG  . LEU A 1 87 ? -31.916 -0.798  -1.241  1.00 28.24 ? 87   LEU A CG  1 
ATOM   632  C CD1 . LEU A 1 87 ? -32.677 -2.136  -1.319  1.00 28.72 ? 87   LEU A CD1 1 
ATOM   633  C CD2 . LEU A 1 87 ? -30.907 -0.844  -0.094  1.00 30.23 ? 87   LEU A CD2 1 
ATOM   634  N N   . LYS A 1 88 ? -32.466 1.890   -3.982  1.00 27.59 ? 88   LYS A N   1 
ATOM   635  C CA  . LYS A 1 88 ? -33.320 3.078   -3.969  1.00 28.53 ? 88   LYS A CA  1 
ATOM   636  C C   . LYS A 1 88 ? -34.377 2.955   -5.042  1.00 28.28 ? 88   LYS A C   1 
ATOM   637  O O   . LYS A 1 88 ? -35.548 3.200   -4.794  1.00 28.04 ? 88   LYS A O   1 
ATOM   638  C CB  . LYS A 1 88 ? -32.484 4.345   -4.251  1.00 27.99 ? 88   LYS A CB  1 
ATOM   639  C CG  . LYS A 1 88 ? -31.661 4.813   -3.034  1.00 29.38 ? 88   LYS A CG  1 
ATOM   640  C CD  . LYS A 1 88 ? -30.690 5.936   -3.435  1.00 30.60 ? 88   LYS A CD  1 
ATOM   641  C CE  . LYS A 1 88 ? -30.146 6.651   -2.211  1.00 37.07 ? 88   LYS A CE  1 
ATOM   642  N NZ  . LYS A 1 88 ? -29.184 7.717   -2.644  1.00 39.85 ? 88   LYS A NZ  1 
ATOM   643  N N   . LEU A 1 89 ? -33.951 2.619   -6.252  1.00 27.65 ? 89   LEU A N   1 
ATOM   644  C CA  . LEU A 1 89 ? -34.899 2.382   -7.302  1.00 28.82 ? 89   LEU A CA  1 
ATOM   645  C C   . LEU A 1 89 ? -35.954 1.363   -6.866  1.00 30.11 ? 89   LEU A C   1 
ATOM   646  O O   . LEU A 1 89 ? -37.156 1.610   -7.042  1.00 30.23 ? 89   LEU A O   1 
ATOM   647  C CB  . LEU A 1 89 ? -34.188 1.948   -8.587  1.00 28.56 ? 89   LEU A CB  1 
ATOM   648  C CG  . LEU A 1 89 ? -35.075 1.416   -9.700  1.00 28.94 ? 89   LEU A CG  1 
ATOM   649  C CD1 . LEU A 1 89 ? -35.932 2.545   -10.265 1.00 29.17 ? 89   LEU A CD1 1 
ATOM   650  C CD2 . LEU A 1 89 ? -34.195 0.765   -10.767 1.00 29.60 ? 89   LEU A CD2 1 
ATOM   651  N N   . ARG A 1 90 ? -35.504 0.244   -6.288  1.00 31.30 ? 90   ARG A N   1 
ATOM   652  C CA  . ARG A 1 90 ? -36.383 -0.869  -5.862  1.00 32.61 ? 90   ARG A CA  1 
ATOM   653  C C   . ARG A 1 90 ? -37.347 -0.450  -4.784  1.00 33.71 ? 90   ARG A C   1 
ATOM   654  O O   . ARG A 1 90 ? -38.501 -0.873  -4.795  1.00 34.69 ? 90   ARG A O   1 
ATOM   655  C CB  . ARG A 1 90 ? -35.587 -2.106  -5.415  1.00 31.19 ? 90   ARG A CB  1 
ATOM   656  C CG  . ARG A 1 90 ? -36.411 -3.379  -5.440  1.00 34.05 ? 90   ARG A CG  1 
ATOM   657  C CD  . ARG A 1 90 ? -35.721 -4.543  -4.797  1.00 34.97 ? 90   ARG A CD  1 
ATOM   658  N NE  . ARG A 1 90 ? -36.680 -5.594  -4.482  1.00 36.35 ? 90   ARG A NE  1 
ATOM   659  C CZ  . ARG A 1 90 ? -36.527 -6.505  -3.527  1.00 35.85 ? 90   ARG A CZ  1 
ATOM   660  N NH1 . ARG A 1 90 ? -35.444 -6.504  -2.771  1.00 35.18 ? 90   ARG A NH1 1 
ATOM   661  N NH2 . ARG A 1 90 ? -37.467 -7.428  -3.328  1.00 36.66 ? 90   ARG A NH2 1 
ATOM   662  N N   . PHE A 1 91 ? -36.876 0.373   -3.859  1.00 34.53 ? 91   PHE A N   1 
ATOM   663  C CA  . PHE A 1 91 ? -37.717 1.052   -2.893  1.00 36.60 ? 91   PHE A CA  1 
ATOM   664  C C   . PHE A 1 91 ? -38.826 1.944   -3.508  1.00 37.20 ? 91   PHE A C   1 
ATOM   665  O O   . PHE A 1 91 ? -39.894 2.122   -2.901  1.00 37.31 ? 91   PHE A O   1 
ATOM   666  C CB  . PHE A 1 91 ? -36.845 1.927   -1.993  1.00 38.40 ? 91   PHE A CB  1 
ATOM   667  C CG  . PHE A 1 91 ? -37.503 2.314   -0.719  1.00 40.93 ? 91   PHE A CG  1 
ATOM   668  C CD1 . PHE A 1 91 ? -37.288 1.567   0.431   1.00 45.08 ? 91   PHE A CD1 1 
ATOM   669  C CD2 . PHE A 1 91 ? -38.341 3.431   -0.662  1.00 45.91 ? 91   PHE A CD2 1 
ATOM   670  C CE1 . PHE A 1 91 ? -37.912 1.909   1.635   1.00 46.98 ? 91   PHE A CE1 1 
ATOM   671  C CE2 . PHE A 1 91 ? -38.989 3.793   0.540   1.00 47.33 ? 91   PHE A CE2 1 
ATOM   672  C CZ  . PHE A 1 91 ? -38.768 3.024   1.688   1.00 46.17 ? 91   PHE A CZ  1 
ATOM   673  N N   . ASP A 1 92 ? -38.585 2.540   -4.672  1.00 36.31 ? 92   ASP A N   1 
ATOM   674  C CA  . ASP A 1 92 ? -39.673 3.270   -5.336  1.00 36.29 ? 92   ASP A CA  1 
ATOM   675  C C   . ASP A 1 92 ? -40.801 2.322   -5.709  1.00 36.18 ? 92   ASP A C   1 
ATOM   676  O O   . ASP A 1 92 ? -41.954 2.744   -5.676  1.00 37.59 ? 92   ASP A O   1 
ATOM   677  C CB  . ASP A 1 92 ? -39.202 3.996   -6.599  1.00 35.84 ? 92   ASP A CB  1 
ATOM   678  C CG  . ASP A 1 92 ? -38.102 5.006   -6.336  1.00 33.93 ? 92   ASP A CG  1 
ATOM   679  O OD1 . ASP A 1 92 ? -38.075 5.634   -5.259  1.00 31.87 ? 92   ASP A OD1 1 
ATOM   680  O OD2 . ASP A 1 92 ? -37.268 5.196   -7.243  1.00 32.15 ? 92   ASP A OD2 1 
ATOM   681  N N   . ASP B 1 6  ? -8.206  -5.102  5.901   1.00 55.33 ? 6    ASP B N   1 
ATOM   682  C CA  . ASP B 1 6  ? -8.344  -3.758  6.549   1.00 54.65 ? 6    ASP B CA  1 
ATOM   683  C C   . ASP B 1 6  ? -9.569  -3.712  7.509   1.00 53.43 ? 6    ASP B C   1 
ATOM   684  O O   . ASP B 1 6  ? -10.386 -4.654  7.525   1.00 53.38 ? 6    ASP B O   1 
ATOM   685  C CB  . ASP B 1 6  ? -8.462  -2.704  5.433   1.00 54.75 ? 6    ASP B CB  1 
ATOM   686  C CG  . ASP B 1 6  ? -7.656  -1.417  5.726   1.00 56.49 ? 6    ASP B CG  1 
ATOM   687  O OD1 . ASP B 1 6  ? -8.132  -0.585  6.531   1.00 57.77 ? 6    ASP B OD1 1 
ATOM   688  O OD2 . ASP B 1 6  ? -6.561  -1.220  5.134   1.00 56.33 ? 6    ASP B OD2 1 
ATOM   689  N N   . PRO B 1 7  ? -9.679  -2.649  8.345   1.00 52.15 ? 7    PRO B N   1 
ATOM   690  C CA  . PRO B 1 7  ? -11.007 -2.178  8.787   1.00 51.25 ? 7    PRO B CA  1 
ATOM   691  C C   . PRO B 1 7  ? -11.884 -1.752  7.593   1.00 50.17 ? 7    PRO B C   1 
ATOM   692  O O   . PRO B 1 7  ? -13.111 -1.893  7.663   1.00 50.29 ? 7    PRO B O   1 
ATOM   693  C CB  . PRO B 1 7  ? -10.688 -0.947  9.641   1.00 51.31 ? 7    PRO B CB  1 
ATOM   694  C CG  . PRO B 1 7  ? -9.300  -0.576  9.280   1.00 51.79 ? 7    PRO B CG  1 
ATOM   695  C CD  . PRO B 1 7  ? -8.614  -1.875  8.992   1.00 52.18 ? 7    PRO B CD  1 
ATOM   696  N N   . PHE B 1 8  ? -11.244 -1.238  6.530   1.00 48.30 ? 8    PHE B N   1 
ATOM   697  C CA  . PHE B 1 8  ? -11.869 -1.029  5.218   1.00 46.39 ? 8    PHE B CA  1 
ATOM   698  C C   . PHE B 1 8  ? -12.654 -2.253  4.757   1.00 46.11 ? 8    PHE B C   1 
ATOM   699  O O   . PHE B 1 8  ? -13.811 -2.139  4.335   1.00 45.91 ? 8    PHE B O   1 
ATOM   700  C CB  . PHE B 1 8  ? -10.818 -0.684  4.148   1.00 45.24 ? 8    PHE B CB  1 
ATOM   701  C CG  . PHE B 1 8  ? -11.396 -0.486  2.760   1.00 41.94 ? 8    PHE B CG  1 
ATOM   702  C CD1 . PHE B 1 8  ? -11.670 0.797   2.287   1.00 39.52 ? 8    PHE B CD1 1 
ATOM   703  C CD2 . PHE B 1 8  ? -11.673 -1.568  1.941   1.00 39.49 ? 8    PHE B CD2 1 
ATOM   704  C CE1 . PHE B 1 8  ? -12.221 0.996   1.023   1.00 36.84 ? 8    PHE B CE1 1 
ATOM   705  C CE2 . PHE B 1 8  ? -12.226 -1.383  0.644   1.00 37.75 ? 8    PHE B CE2 1 
ATOM   706  C CZ  . PHE B 1 8  ? -12.508 -0.111  0.197   1.00 38.38 ? 8    PHE B CZ  1 
ATOM   707  N N   . GLN B 1 9  ? -12.019 -3.422  4.831   1.00 45.49 ? 9    GLN B N   1 
ATOM   708  C CA  . GLN B 1 9  ? -12.637 -4.648  4.351   1.00 44.77 ? 9    GLN B CA  1 
ATOM   709  C C   . GLN B 1 9  ? -13.803 -5.099  5.214   1.00 44.87 ? 9    GLN B C   1 
ATOM   710  O O   . GLN B 1 9  ? -14.778 -5.688  4.706   1.00 45.22 ? 9    GLN B O   1 
ATOM   711  C CB  . GLN B 1 9  ? -11.602 -5.758  4.194   1.00 44.84 ? 9    GLN B CB  1 
ATOM   712  C CG  . GLN B 1 9  ? -10.682 -5.565  3.010   1.00 43.99 ? 9    GLN B CG  1 
ATOM   713  C CD  . GLN B 1 9  ? -11.446 -5.349  1.701   1.00 44.61 ? 9    GLN B CD  1 
ATOM   714  O OE1 . GLN B 1 9  ? -12.616 -5.741  1.568   1.00 42.16 ? 9    GLN B OE1 1 
ATOM   715  N NE2 . GLN B 1 9  ? -10.780 -4.732  0.722   1.00 44.29 ? 9    GLN B NE2 1 
ATOM   716  N N   . GLN B 1 10 ? -13.699 -4.817  6.510   1.00 44.28 ? 10   GLN B N   1 
ATOM   717  C CA  . GLN B 1 10 ? -14.774 -5.064  7.446   1.00 44.22 ? 10   GLN B CA  1 
ATOM   718  C C   . GLN B 1 10 ? -15.953 -4.139  7.146   1.00 43.31 ? 10   GLN B C   1 
ATOM   719  O O   . GLN B 1 10 ? -17.086 -4.584  7.099   1.00 43.34 ? 10   GLN B O   1 
ATOM   720  C CB  . GLN B 1 10 ? -14.290 -4.857  8.897   1.00 44.66 ? 10   GLN B CB  1 
ATOM   721  C CG  . GLN B 1 10 ? -15.287 -5.339  9.954   1.00 46.13 ? 10   GLN B CG  1 
ATOM   722  C CD  . GLN B 1 10 ? -15.651 -6.823  9.806   1.00 47.96 ? 10   GLN B CD  1 
ATOM   723  O OE1 . GLN B 1 10 ? -16.818 -7.207  9.961   1.00 50.01 ? 10   GLN B OE1 1 
ATOM   724  N NE2 . GLN B 1 10 ? -14.651 -7.658  9.514   1.00 47.40 ? 10   GLN B NE2 1 
ATOM   725  N N   . VAL B 1 11 ? -15.669 -2.853  6.946   1.00 42.67 ? 11   VAL B N   1 
ATOM   726  C CA  . VAL B 1 11 ? -16.704 -1.846  6.660   1.00 41.98 ? 11   VAL B CA  1 
ATOM   727  C C   . VAL B 1 11 ? -17.465 -2.192  5.378   1.00 41.62 ? 11   VAL B C   1 
ATOM   728  O O   . VAL B 1 11 ? -18.696 -2.110  5.338   1.00 41.23 ? 11   VAL B O   1 
ATOM   729  C CB  . VAL B 1 11 ? -16.123 -0.404  6.601   1.00 41.85 ? 11   VAL B CB  1 
ATOM   730  C CG1 . VAL B 1 11 ? -17.190 0.598   6.157   1.00 41.01 ? 11   VAL B CG1 1 
ATOM   731  C CG2 . VAL B 1 11 ? -15.620 0.007   7.960   1.00 41.42 ? 11   VAL B CG2 1 
ATOM   732  N N   . VAL B 1 12 ? -16.728 -2.625  4.356   1.00 41.67 ? 12   VAL B N   1 
ATOM   733  C CA  . VAL B 1 12 ? -17.339 -3.116  3.124   1.00 41.91 ? 12   VAL B CA  1 
ATOM   734  C C   . VAL B 1 12 ? -18.247 -4.311  3.424   1.00 42.66 ? 12   VAL B C   1 
ATOM   735  O O   . VAL B 1 12 ? -19.457 -4.263  3.137   1.00 42.22 ? 12   VAL B O   1 
ATOM   736  C CB  . VAL B 1 12 ? -16.294 -3.436  2.056   1.00 41.35 ? 12   VAL B CB  1 
ATOM   737  C CG1 . VAL B 1 12 ? -16.888 -4.304  0.959   1.00 41.62 ? 12   VAL B CG1 1 
ATOM   738  C CG2 . VAL B 1 12 ? -15.753 -2.146  1.462   1.00 40.72 ? 12   VAL B CG2 1 
ATOM   739  N N   . LYS B 1 13 ? -17.667 -5.352  4.032   1.00 43.22 ? 13   LYS B N   1 
ATOM   740  C CA  . LYS B 1 13 ? -18.416 -6.495  4.570   1.00 43.96 ? 13   LYS B CA  1 
ATOM   741  C C   . LYS B 1 13 ? -19.743 -6.082  5.239   1.00 43.28 ? 13   LYS B C   1 
ATOM   742  O O   . LYS B 1 13 ? -20.810 -6.562  4.858   1.00 43.36 ? 13   LYS B O   1 
ATOM   743  C CB  . LYS B 1 13 ? -17.547 -7.266  5.577   1.00 44.78 ? 13   LYS B CB  1 
ATOM   744  C CG  . LYS B 1 13 ? -18.096 -8.628  6.006   1.00 46.30 ? 13   LYS B CG  1 
ATOM   745  C CD  . LYS B 1 13 ? -17.150 -9.747  5.622   1.00 49.69 ? 13   LYS B CD  1 
ATOM   746  C CE  . LYS B 1 13 ? -17.916 -10.951 5.002   1.00 53.47 ? 13   LYS B CE  1 
ATOM   747  N NZ  . LYS B 1 13 ? -18.370 -10.672 3.583   1.00 52.66 ? 13   LYS B NZ  1 
ATOM   748  N N   . ASP B 1 14 ? -19.658 -5.197  6.229   1.00 43.16 ? 14   ASP B N   1 
ATOM   749  C CA  . ASP B 1 14 ? -20.814 -4.763  7.023   1.00 42.90 ? 14   ASP B CA  1 
ATOM   750  C C   . ASP B 1 14 ? -21.839 -4.011  6.202   1.00 42.79 ? 14   ASP B C   1 
ATOM   751  O O   . ASP B 1 14 ? -23.038 -4.200  6.391   1.00 42.96 ? 14   ASP B O   1 
ATOM   752  C CB  . ASP B 1 14 ? -20.367 -3.835  8.145   1.00 43.60 ? 14   ASP B CB  1 
ATOM   753  C CG  . ASP B 1 14 ? -19.602 -4.562  9.263   1.00 45.56 ? 14   ASP B CG  1 
ATOM   754  O OD1 . ASP B 1 14 ? -19.544 -5.826  9.272   1.00 44.86 ? 14   ASP B OD1 1 
ATOM   755  O OD2 . ASP B 1 14 ? -19.071 -3.830  10.138  1.00 47.90 ? 14   ASP B OD2 1 
ATOM   756  N N   . THR B 1 15 ? -21.367 -3.134  5.320   1.00 42.47 ? 15   THR B N   1 
ATOM   757  C CA  . THR B 1 15 ? -22.252 -2.291  4.518   1.00 42.30 ? 15   THR B CA  1 
ATOM   758  C C   . THR B 1 15 ? -23.040 -3.119  3.505   1.00 42.19 ? 15   THR B C   1 
ATOM   759  O O   . THR B 1 15 ? -24.223 -2.860  3.287   1.00 41.64 ? 15   THR B O   1 
ATOM   760  C CB  . THR B 1 15 ? -21.497 -1.115  3.816   1.00 42.62 ? 15   THR B CB  1 
ATOM   761  O OG1 . THR B 1 15 ? -20.782 -0.322  4.789   1.00 42.54 ? 15   THR B OG1 1 
ATOM   762  C CG2 . THR B 1 15 ? -22.489 -0.199  3.069   1.00 41.94 ? 15   THR B CG2 1 
ATOM   763  N N   . LYS B 1 16 ? -22.383 -4.106  2.897   1.00 42.27 ? 16   LYS B N   1 
ATOM   764  C CA  . LYS B 1 16 ? -23.040 -5.047  1.986   1.00 43.05 ? 16   LYS B CA  1 
ATOM   765  C C   . LYS B 1 16 ? -24.122 -5.850  2.708   1.00 42.82 ? 16   LYS B C   1 
ATOM   766  O O   . LYS B 1 16 ? -25.199 -6.101  2.147   1.00 42.41 ? 16   LYS B O   1 
ATOM   767  C CB  . LYS B 1 16 ? -22.029 -6.002  1.350   1.00 43.16 ? 16   LYS B CB  1 
ATOM   768  C CG  . LYS B 1 16 ? -21.165 -5.354  0.258   1.00 47.13 ? 16   LYS B CG  1 
ATOM   769  C CD  . LYS B 1 16 ? -20.490 -6.412  -0.619  1.00 50.40 ? 16   LYS B CD  1 
ATOM   770  C CE  . LYS B 1 16 ? -20.283 -5.900  -2.043  1.00 53.17 ? 16   LYS B CE  1 
ATOM   771  N NZ  . LYS B 1 16 ? -19.993 -6.997  -3.062  1.00 53.95 ? 16   LYS B NZ  1 
ATOM   772  N N   . GLU B 1 17 ? -23.814 -6.267  3.941   1.00 42.73 ? 17   GLU B N   1 
ATOM   773  C CA  . GLU B 1 17 ? -24.773 -6.953  4.808   1.00 42.92 ? 17   GLU B CA  1 
ATOM   774  C C   . GLU B 1 17 ? -26.029 -6.124  5.049   1.00 41.11 ? 17   GLU B C   1 
ATOM   775  O O   . GLU B 1 17 ? -27.133 -6.648  4.934   1.00 40.48 ? 17   GLU B O   1 
ATOM   776  C CB  . GLU B 1 17 ? -24.137 -7.324  6.147   1.00 42.60 ? 17   GLU B CB  1 
ATOM   777  C CG  . GLU B 1 17 ? -23.276 -8.562  6.097   1.00 44.91 ? 17   GLU B CG  1 
ATOM   778  C CD  . GLU B 1 17 ? -22.621 -8.919  7.458   1.00 45.94 ? 17   GLU B CD  1 
ATOM   779  O OE1 . GLU B 1 17 ? -22.571 -8.061  8.389   1.00 48.93 ? 17   GLU B OE1 1 
ATOM   780  O OE2 . GLU B 1 17 ? -22.150 -10.074 7.582   1.00 49.33 ? 17   GLU B OE2 1 
ATOM   781  N N   . GLN B 1 18 ? -25.850 -4.851  5.397   1.00 40.45 ? 18   GLN B N   1 
ATOM   782  C CA  . GLN B 1 18 ? -26.973 -3.905  5.581   1.00 40.92 ? 18   GLN B CA  1 
ATOM   783  C C   . GLN B 1 18 ? -27.810 -3.803  4.306   1.00 39.85 ? 18   GLN B C   1 
ATOM   784  O O   . GLN B 1 18 ? -29.035 -3.802  4.368   1.00 39.67 ? 18   GLN B O   1 
ATOM   785  C CB  . GLN B 1 18 ? -26.473 -2.497  5.902   1.00 40.30 ? 18   GLN B CB  1 
ATOM   786  C CG  . GLN B 1 18 ? -25.665 -2.341  7.164   1.00 42.52 ? 18   GLN B CG  1 
ATOM   787  C CD  . GLN B 1 18 ? -25.089 -0.919  7.294   1.00 43.15 ? 18   GLN B CD  1 
ATOM   788  O OE1 . GLN B 1 18 ? -24.121 -0.555  6.607   1.00 46.60 ? 18   GLN B OE1 1 
ATOM   789  N NE2 . GLN B 1 18 ? -25.691 -0.109  8.174   1.00 47.27 ? 18   GLN B NE2 1 
ATOM   790  N N   . LEU B 1 19 ? -27.134 -3.691  3.159   1.00 38.89 ? 19   LEU B N   1 
ATOM   791  C CA  . LEU B 1 19 ? -27.805 -3.627  1.866   1.00 38.97 ? 19   LEU B CA  1 
ATOM   792  C C   . LEU B 1 19 ? -28.644 -4.878  1.667   1.00 38.17 ? 19   LEU B C   1 
ATOM   793  O O   . LEU B 1 19 ? -29.796 -4.787  1.242   1.00 36.50 ? 19   LEU B O   1 
ATOM   794  C CB  . LEU B 1 19 ? -26.807 -3.423  0.690   1.00 38.96 ? 19   LEU B CB  1 
ATOM   795  C CG  . LEU B 1 19 ? -26.086 -2.044  0.596   1.00 40.00 ? 19   LEU B CG  1 
ATOM   796  C CD1 . LEU B 1 19 ? -24.706 -2.137  -0.067  1.00 42.30 ? 19   LEU B CD1 1 
ATOM   797  C CD2 . LEU B 1 19 ? -26.921 -1.001  -0.108  1.00 39.30 ? 19   LEU B CD2 1 
ATOM   798  N N   . ASN B 1 20 ? -28.079 -6.034  2.012   1.00 38.13 ? 20   ASN B N   1 
ATOM   799  C CA  . ASN B 1 20 ? -28.827 -7.294  1.890   1.00 39.13 ? 20   ASN B CA  1 
ATOM   800  C C   . ASN B 1 20 ? -30.063 -7.328  2.786   1.00 38.87 ? 20   ASN B C   1 
ATOM   801  O O   . ASN B 1 20 ? -31.135 -7.717  2.331   1.00 39.34 ? 20   ASN B O   1 
ATOM   802  C CB  . ASN B 1 20 ? -27.946 -8.531  2.084   1.00 39.41 ? 20   ASN B CB  1 
ATOM   803  C CG  . ASN B 1 20 ? -28.577 -9.797  1.486   1.00 43.26 ? 20   ASN B CG  1 
ATOM   804  O OD1 . ASN B 1 20 ? -29.641 -9.753  0.859   1.00 46.36 ? 20   ASN B OD1 1 
ATOM   805  N ND2 . ASN B 1 20 ? -27.921 -10.936 1.685   1.00 47.15 ? 20   ASN B ND2 1 
ATOM   806  N N   . ARG B 1 21 ? -29.928 -6.857  4.025   1.00 38.56 ? 21   ARG B N   1 
ATOM   807  C CA  . ARG B 1 21 ? -31.047 -6.878  4.969   1.00 39.35 ? 21   ARG B CA  1 
ATOM   808  C C   . ARG B 1 21 ? -32.219 -5.990  4.538   1.00 37.69 ? 21   ARG B C   1 
ATOM   809  O O   . ARG B 1 21 ? -33.362 -6.417  4.639   1.00 37.16 ? 21   ARG B O   1 
ATOM   810  C CB  . ARG B 1 21 ? -30.587 -6.615  6.422   1.00 39.14 ? 21   ARG B CB  1 
ATOM   811  C CG  . ARG B 1 21 ? -29.976 -7.897  7.084   1.00 42.28 ? 21   ARG B CG  1 
ATOM   812  C CD  . ARG B 1 21 ? -29.460 -7.695  8.530   1.00 43.16 ? 21   ARG B CD  1 
ATOM   813  N NE  . ARG B 1 21 ? -30.569 -7.638  9.489   1.00 52.10 ? 21   ARG B NE  1 
ATOM   814  C CZ  . ARG B 1 21 ? -30.479 -7.944  10.787  1.00 56.00 ? 21   ARG B CZ  1 
ATOM   815  N NH1 . ARG B 1 21 ? -29.316 -8.334  11.316  1.00 56.62 ? 21   ARG B NH1 1 
ATOM   816  N NH2 . ARG B 1 21 ? -31.561 -7.856  11.564  1.00 56.81 ? 21   ARG B NH2 1 
ATOM   817  N N   . ILE B 1 22 ? -31.927 -4.796  4.008   1.00 36.97 ? 22   ILE B N   1 
ATOM   818  C CA  . ILE B 1 22 ? -32.960 -3.943  3.395   1.00 36.44 ? 22   ILE B CA  1 
ATOM   819  C C   . ILE B 1 22 ? -33.624 -4.557  2.155   1.00 35.82 ? 22   ILE B C   1 
ATOM   820  O O   . ILE B 1 22 ? -34.846 -4.435  1.978   1.00 36.09 ? 22   ILE B O   1 
ATOM   821  C CB  . ILE B 1 22 ? -32.433 -2.561  2.970   1.00 36.71 ? 22   ILE B CB  1 
ATOM   822  C CG1 . ILE B 1 22 ? -31.728 -1.837  4.125   1.00 36.16 ? 22   ILE B CG1 1 
ATOM   823  C CG2 . ILE B 1 22 ? -33.612 -1.728  2.393   1.00 35.76 ? 22   ILE B CG2 1 
ATOM   824  C CD1 . ILE B 1 22 ? -30.881 -0.633  3.661   1.00 36.78 ? 22   ILE B CD1 1 
ATOM   825  N N   . ASN B 1 23 ? -32.838 -5.178  1.278   1.00 35.03 ? 23   ASN B N   1 
ATOM   826  C CA  . ASN B 1 23 ? -33.423 -5.959  0.181   1.00 35.13 ? 23   ASN B CA  1 
ATOM   827  C C   . ASN B 1 23 ? -34.421 -7.016  0.633   1.00 33.62 ? 23   ASN B C   1 
ATOM   828  O O   . ASN B 1 23 ? -35.521 -7.126  0.093   1.00 33.46 ? 23   ASN B O   1 
ATOM   829  C CB  . ASN B 1 23 ? -32.354 -6.625  -0.679  1.00 35.63 ? 23   ASN B CB  1 
ATOM   830  C CG  . ASN B 1 23 ? -32.069 -5.841  -1.918  1.00 38.58 ? 23   ASN B CG  1 
ATOM   831  O OD1 . ASN B 1 23 ? -32.991 -5.419  -2.620  1.00 38.95 ? 23   ASN B OD1 1 
ATOM   832  N ND2 . ASN B 1 23 ? -30.786 -5.603  -2.190  1.00 41.88 ? 23   ASN B ND2 1 
ATOM   833  N N   . ASN B 1 24 ? -34.016 -7.804  1.615   1.00 32.35 ? 24   ASN B N   1 
ATOM   834  C CA  . ASN B 1 24 ? -34.849 -8.866  2.136   1.00 30.79 ? 24   ASN B CA  1 
ATOM   835  C C   . ASN B 1 24 ? -36.108 -8.269  2.760   1.00 29.68 ? 24   ASN B C   1 
ATOM   836  O O   . ASN B 1 24 ? -37.181 -8.828  2.651   1.00 28.76 ? 24   ASN B O   1 
ATOM   837  C CB  . ASN B 1 24 ? -34.046 -9.658  3.158   1.00 30.95 ? 24   ASN B CB  1 
ATOM   838  C CG  . ASN B 1 24 ? -32.946 -10.491 2.527   1.00 32.63 ? 24   ASN B CG  1 
ATOM   839  O OD1 . ASN B 1 24 ? -33.037 -10.877 1.372   1.00 36.67 ? 24   ASN B OD1 1 
ATOM   840  N ND2 . ASN B 1 24 ? -31.909 -10.789 3.300   1.00 33.94 ? 24   ASN B ND2 1 
ATOM   841  N N   . TYR B 1 25 ? -35.943 -7.117  3.408   1.00 29.54 ? 25   TYR B N   1 
ATOM   842  C CA  . TYR B 1 25 ? -37.034 -6.344  4.003   1.00 30.13 ? 25   TYR B CA  1 
ATOM   843  C C   . TYR B 1 25 ? -38.064 -5.885  2.974   1.00 30.33 ? 25   TYR B C   1 
ATOM   844  O O   . TYR B 1 25 ? -39.257 -6.063  3.185   1.00 31.50 ? 25   TYR B O   1 
ATOM   845  C CB  . TYR B 1 25 ? -36.493 -5.154  4.821   1.00 29.85 ? 25   TYR B CB  1 
ATOM   846  C CG  . TYR B 1 25 ? -37.594 -4.293  5.389   1.00 31.12 ? 25   TYR B CG  1 
ATOM   847  C CD1 . TYR B 1 25 ? -38.021 -4.422  6.729   1.00 32.67 ? 25   TYR B CD1 1 
ATOM   848  C CD2 . TYR B 1 25 ? -38.256 -3.355  4.575   1.00 33.52 ? 25   TYR B CD2 1 
ATOM   849  C CE1 . TYR B 1 25 ? -39.096 -3.614  7.223   1.00 31.64 ? 25   TYR B CE1 1 
ATOM   850  C CE2 . TYR B 1 25 ? -39.307 -2.551  5.070   1.00 30.77 ? 25   TYR B CE2 1 
ATOM   851  C CZ  . TYR B 1 25 ? -39.716 -2.683  6.380   1.00 31.50 ? 25   TYR B CZ  1 
ATOM   852  O OH  . TYR B 1 25 ? -40.763 -1.881  6.798   1.00 30.60 ? 25   TYR B OH  1 
ATOM   853  N N   . ILE B 1 26 ? -37.622 -5.335  1.848   1.00 30.72 ? 26   ILE B N   1 
ATOM   854  C CA  . ILE B 1 26 ? -38.543 -4.969  0.756   1.00 31.28 ? 26   ILE B CA  1 
ATOM   855  C C   . ILE B 1 26 ? -39.328 -6.173  0.206   1.00 32.67 ? 26   ILE B C   1 
ATOM   856  O O   . ILE B 1 26 ? -40.524 -6.057  -0.090  1.00 32.39 ? 26   ILE B O   1 
ATOM   857  C CB  . ILE B 1 26 ? -37.813 -4.242  -0.401  1.00 31.64 ? 26   ILE B CB  1 
ATOM   858  C CG1 . ILE B 1 26 ? -37.233 -2.931  0.086   1.00 30.24 ? 26   ILE B CG1 1 
ATOM   859  C CG2 . ILE B 1 26 ? -38.803 -3.975  -1.624  1.00 30.08 ? 26   ILE B CG2 1 
ATOM   860  C CD1 . ILE B 1 26 ? -35.979 -2.455  -0.709  1.00 31.01 ? 26   ILE B CD1 1 
ATOM   861  N N   . THR B 1 27 ? -38.653 -7.324  0.105   1.00 33.49 ? 27   THR B N   1 
ATOM   862  C CA  . THR B 1 27 ? -39.273 -8.557  -0.372  1.00 35.27 ? 27   THR B CA  1 
ATOM   863  C C   . THR B 1 27 ? -40.445 -8.998  0.523   1.00 36.28 ? 27   THR B C   1 
ATOM   864  O O   . THR B 1 27 ? -41.509 -9.370  0.013   1.00 36.07 ? 27   THR B O   1 
ATOM   865  C CB  . THR B 1 27 ? -38.249 -9.686  -0.529  1.00 35.49 ? 27   THR B CB  1 
ATOM   866  O OG1 . THR B 1 27 ? -37.228 -9.297  -1.469  1.00 35.86 ? 27   THR B OG1 1 
ATOM   867  C CG2 . THR B 1 27 ? -38.935 -10.930 -1.056  1.00 38.03 ? 27   THR B CG2 1 
ATOM   868  N N   . ARG B 1 28 ? -40.231 -8.925  1.843   1.00 36.97 ? 28   ARG B N   1 
ATOM   869  C CA  . ARG B 1 28 ? -41.249 -9.175  2.862   1.00 38.09 ? 28   ARG B CA  1 
ATOM   870  C C   . ARG B 1 28 ? -42.315 -8.090  2.973   1.00 38.73 ? 28   ARG B C   1 
ATOM   871  O O   . ARG B 1 28 ? -43.339 -8.301  3.624   1.00 39.75 ? 28   ARG B O   1 
ATOM   872  C CB  . ARG B 1 28 ? -40.600 -9.316  4.240   1.00 38.02 ? 28   ARG B CB  1 
ATOM   873  C CG  . ARG B 1 28 ? -39.740 -10.566 4.441   1.00 39.29 ? 28   ARG B CG  1 
ATOM   874  C CD  . ARG B 1 28 ? -39.508 -10.816 5.921   1.00 40.33 ? 28   ARG B CD  1 
ATOM   875  N NE  . ARG B 1 28 ? -39.080 -9.613  6.631   1.00 41.55 ? 28   ARG B NE  1 
ATOM   876  C CZ  . ARG B 1 28 ? -37.829 -9.158  6.639   1.00 42.96 ? 28   ARG B CZ  1 
ATOM   877  N NH1 . ARG B 1 28 ? -36.872 -9.806  5.982   1.00 43.64 ? 28   ARG B NH1 1 
ATOM   878  N NH2 . ARG B 1 28 ? -37.530 -8.055  7.308   1.00 43.76 ? 28   ARG B NH2 1 
ATOM   879  N N   . HIS B 1 29 ? -42.087 -6.927  2.370   1.00 39.25 ? 29   HIS B N   1 
ATOM   880  C CA  . HIS B 1 29 ? -43.037 -5.821  2.479   1.00 39.50 ? 29   HIS B CA  1 
ATOM   881  C C   . HIS B 1 29 ? -43.251 -5.137  1.148   1.00 40.51 ? 29   HIS B C   1 
ATOM   882  O O   . HIS B 1 29 ? -42.608 -4.111  0.870   1.00 40.17 ? 29   HIS B O   1 
ATOM   883  C CB  . HIS B 1 29 ? -42.551 -4.775  3.495   1.00 39.03 ? 29   HIS B CB  1 
ATOM   884  C CG  . HIS B 1 29 ? -42.295 -5.336  4.855   1.00 37.38 ? 29   HIS B CG  1 
ATOM   885  N ND1 . HIS B 1 29 ? -43.270 -5.404  5.825   1.00 33.97 ? 29   HIS B ND1 1 
ATOM   886  C CD2 . HIS B 1 29 ? -41.189 -5.895  5.396   1.00 35.52 ? 29   HIS B CD2 1 
ATOM   887  C CE1 . HIS B 1 29 ? -42.762 -5.942  6.915   1.00 33.55 ? 29   HIS B CE1 1 
ATOM   888  N NE2 . HIS B 1 29 ? -41.511 -6.270  6.676   1.00 31.65 ? 29   HIS B NE2 1 
ATOM   889  N N   . ASN B 1 30 ? -44.158 -5.671  0.331   1.00 41.59 ? 30   ASN B N   1 
ATOM   890  C CA  . ASN B 1 30 ? -44.523 -4.940  -0.892  1.00 43.27 ? 30   ASN B CA  1 
ATOM   891  C C   . ASN B 1 30 ? -45.311 -3.655  -0.589  1.00 42.86 ? 30   ASN B C   1 
ATOM   892  O O   . ASN B 1 30 ? -45.392 -2.749  -1.417  1.00 43.48 ? 30   ASN B O   1 
ATOM   893  C CB  . ASN B 1 30 ? -45.139 -5.839  -1.997  1.00 43.42 ? 30   ASN B CB  1 
ATOM   894  C CG  . ASN B 1 30 ? -46.643 -6.077  -1.840  1.00 46.25 ? 30   ASN B CG  1 
ATOM   895  O OD1 . ASN B 1 30 ? -47.107 -6.756  -0.901  1.00 48.55 ? 30   ASN B OD1 1 
ATOM   896  N ND2 . ASN B 1 30 ? -47.416 -5.558  -2.803  1.00 48.09 ? 30   ASN B ND2 1 
ATOM   897  N N   . THR B 1 31 ? -45.834 -3.568  0.630   1.00 42.74 ? 31   THR B N   1 
ATOM   898  C CA  . THR B 1 31 ? -46.454 -2.344  1.143   1.00 42.16 ? 31   THR B CA  1 
ATOM   899  C C   . THR B 1 31 ? -45.791 -2.007  2.505   1.00 41.32 ? 31   THR B C   1 
ATOM   900  O O   . THR B 1 31 ? -45.067 -2.833  3.056   1.00 40.13 ? 31   THR B O   1 
ATOM   901  C CB  . THR B 1 31 ? -48.005 -2.498  1.281   1.00 42.59 ? 31   THR B CB  1 
ATOM   902  O OG1 . THR B 1 31 ? -48.290 -3.528  2.219   1.00 44.05 ? 31   THR B OG1 1 
ATOM   903  C CG2 . THR B 1 31 ? -48.673 -2.853  -0.061  1.00 42.36 ? 31   THR B CG2 1 
ATOM   904  N N   . ALA B 1 32 ? -46.026 -0.812  3.049   1.00 40.27 ? 32   ALA B N   1 
ATOM   905  C CA  . ALA B 1 32 ? -45.252 -0.388  4.230   1.00 39.90 ? 32   ALA B CA  1 
ATOM   906  C C   . ALA B 1 32 ? -45.397 -1.351  5.422   1.00 39.64 ? 32   ALA B C   1 
ATOM   907  O O   . ALA B 1 32 ? -46.498 -1.838  5.705   1.00 38.91 ? 32   ALA B O   1 
ATOM   908  C CB  . ALA B 1 32 ? -45.605 1.046   4.642   1.00 39.62 ? 32   ALA B CB  1 
ATOM   909  N N   . GLY B 1 33 ? -44.275 -1.663  6.074   1.00 39.25 ? 33   GLY B N   1 
ATOM   910  C CA  . GLY B 1 33 ? -44.288 -2.316  7.395   1.00 39.53 ? 33   GLY B CA  1 
ATOM   911  C C   . GLY B 1 33 ? -44.725 -1.240  8.386   1.00 39.77 ? 33   GLY B C   1 
ATOM   912  O O   . GLY B 1 33 ? -45.253 -0.189  7.988   1.00 38.71 ? 33   GLY B O   1 
ATOM   913  N N   . ASP B 1 34 ? -44.491 -1.471  9.671   1.00 39.96 ? 34   ASP B N   1 
ATOM   914  C CA  . ASP B 1 34 ? -44.891 -0.468  10.673  1.00 40.67 ? 34   ASP B CA  1 
ATOM   915  C C   . ASP B 1 34 ? -43.985 0.757   10.614  1.00 41.22 ? 34   ASP B C   1 
ATOM   916  O O   . ASP B 1 34 ? -42.881 0.692   10.049  1.00 40.21 ? 34   ASP B O   1 
ATOM   917  C CB  . ASP B 1 34 ? -44.911 -1.071  12.078  1.00 41.09 ? 34   ASP B CB  1 
ATOM   918  C CG  . ASP B 1 34 ? -45.849 -2.276  12.181  1.00 41.63 ? 34   ASP B CG  1 
ATOM   919  O OD1 . ASP B 1 34 ? -46.877 -2.320  11.454  1.00 41.51 ? 34   ASP B OD1 1 
ATOM   920  O OD2 . ASP B 1 34 ? -45.545 -3.179  12.978  1.00 42.44 ? 34   ASP B OD2 1 
ATOM   921  N N   . ASP B 1 35 ? -44.444 1.860   11.215  1.00 41.43 ? 35   ASP B N   1 
ATOM   922  C CA  . ASP B 1 35 ? -43.710 3.117   11.184  1.00 41.79 ? 35   ASP B CA  1 
ATOM   923  C C   . ASP B 1 35 ? -42.273 2.970   11.669  1.00 41.41 ? 35   ASP B C   1 
ATOM   924  O O   . ASP B 1 35 ? -41.337 3.406   10.987  1.00 41.00 ? 35   ASP B O   1 
ATOM   925  C CB  . ASP B 1 35 ? -44.441 4.194   11.987  1.00 42.64 ? 35   ASP B CB  1 
ATOM   926  C CG  . ASP B 1 35 ? -45.665 4.743   11.269  1.00 43.99 ? 35   ASP B CG  1 
ATOM   927  O OD1 . ASP B 1 35 ? -46.065 4.222   10.202  1.00 44.90 ? 35   ASP B OD1 1 
ATOM   928  O OD2 . ASP B 1 35 ? -46.230 5.724   11.787  1.00 48.37 ? 35   ASP B OD2 1 
ATOM   929  N N   . ASP B 1 36 ? -42.101 2.352   12.835  1.00 40.88 ? 36   ASP B N   1 
ATOM   930  C CA  . ASP B 1 36 ? -40.768 2.143   13.403  1.00 41.19 ? 36   ASP B CA  1 
ATOM   931  C C   . ASP B 1 36 ? -39.856 1.352   12.443  1.00 41.34 ? 36   ASP B C   1 
ATOM   932  O O   . ASP B 1 36 ? -38.692 1.704   12.249  1.00 41.50 ? 36   ASP B O   1 
ATOM   933  C CB  . ASP B 1 36 ? -40.851 1.463   14.785  1.00 40.92 ? 36   ASP B CB  1 
ATOM   934  C CG  . ASP B 1 36 ? -41.482 0.059   14.743  1.00 40.14 ? 36   ASP B CG  1 
ATOM   935  O OD1 . ASP B 1 36 ? -42.339 -0.239  13.879  1.00 40.77 ? 36   ASP B OD1 1 
ATOM   936  O OD2 . ASP B 1 36 ? -41.115 -0.761  15.600  1.00 40.22 ? 36   ASP B OD2 1 
ATOM   937  N N   . GLN B 1 37 ? -40.407 0.303   11.835  1.00 41.69 ? 37   GLN B N   1 
ATOM   938  C CA  . GLN B 1 37 ? -39.682 -0.550  10.891  1.00 41.41 ? 37   GLN B CA  1 
ATOM   939  C C   . GLN B 1 37 ? -39.228 0.236   9.668   1.00 41.69 ? 37   GLN B C   1 
ATOM   940  O O   . GLN B 1 37 ? -38.074 0.113   9.249   1.00 42.00 ? 37   GLN B O   1 
ATOM   941  C CB  . GLN B 1 37 ? -40.566 -1.703  10.435  1.00 41.58 ? 37   GLN B CB  1 
ATOM   942  C CG  . GLN B 1 37 ? -40.574 -2.937  11.337  1.00 41.42 ? 37   GLN B CG  1 
ATOM   943  C CD  . GLN B 1 37 ? -41.459 -4.034  10.774  1.00 40.63 ? 37   GLN B CD  1 
ATOM   944  O OE1 . GLN B 1 37 ? -42.574 -3.775  10.293  1.00 38.55 ? 37   GLN B OE1 1 
ATOM   945  N NE2 . GLN B 1 37 ? -40.970 -5.260  10.818  1.00 40.35 ? 37   GLN B NE2 1 
ATOM   946  N N   . GLU B 1 38 ? -40.142 1.024   9.099   1.00 41.62 ? 38   GLU B N   1 
ATOM   947  C CA  . GLU B 1 38 ? -39.878 1.813   7.901   1.00 41.90 ? 38   GLU B CA  1 
ATOM   948  C C   . GLU B 1 38 ? -38.814 2.898   8.141   1.00 43.42 ? 38   GLU B C   1 
ATOM   949  O O   . GLU B 1 38 ? -38.017 3.220   7.247   1.00 43.02 ? 38   GLU B O   1 
ATOM   950  C CB  . GLU B 1 38 ? -41.178 2.454   7.385   1.00 41.09 ? 38   GLU B CB  1 
ATOM   951  C CG  . GLU B 1 38 ? -42.165 1.498   6.739   1.00 38.30 ? 38   GLU B CG  1 
ATOM   952  C CD  . GLU B 1 38 ? -41.627 0.843   5.473   1.00 37.04 ? 38   GLU B CD  1 
ATOM   953  O OE1 . GLU B 1 38 ? -40.989 1.536   4.654   1.00 36.85 ? 38   GLU B OE1 1 
ATOM   954  O OE2 . GLU B 1 38 ? -41.837 -0.371  5.290   1.00 35.01 ? 38   GLU B OE2 1 
ATOM   955  N N   . GLU B 1 39 ? -38.824 3.460   9.356   1.00 45.10 ? 39   GLU B N   1 
ATOM   956  C CA  . GLU B 1 39 ? -37.908 4.545   9.764   1.00 45.93 ? 39   GLU B CA  1 
ATOM   957  C C   . GLU B 1 39 ? -36.503 4.034   10.064  1.00 45.30 ? 39   GLU B C   1 
ATOM   958  O O   . GLU B 1 39 ? -35.523 4.666   9.714   1.00 45.29 ? 39   GLU B O   1 
ATOM   959  C CB  . GLU B 1 39 ? -38.467 5.304   10.969  1.00 45.85 ? 39   GLU B CB  1 
ATOM   960  C CG  . GLU B 1 39 ? -38.027 6.761   10.974  1.00 48.25 ? 39   GLU B CG  1 
ATOM   961  C CD  . GLU B 1 39 ? -38.329 7.515   12.281  1.00 48.29 ? 39   GLU B CD  1 
ATOM   962  O OE1 . GLU B 1 39 ? -39.439 7.358   12.853  1.00 50.66 ? 39   GLU B OE1 1 
ATOM   963  O OE2 . GLU B 1 39 ? -37.448 8.303   12.702  1.00 50.69 ? 39   GLU B OE2 1 
ATOM   964  N N   . GLU B 1 40 ? -36.414 2.889   10.726  1.00 45.42 ? 40   GLU B N   1 
ATOM   965  C CA  . GLU B 1 40 ? -35.142 2.178   10.900  1.00 45.81 ? 40   GLU B CA  1 
ATOM   966  C C   . GLU B 1 40 ? -34.454 1.915   9.553   1.00 45.34 ? 40   GLU B C   1 
ATOM   967  O O   . GLU B 1 40 ? -33.260 2.111   9.432   1.00 45.17 ? 40   GLU B O   1 
ATOM   968  C CB  . GLU B 1 40 ? -35.394 0.866   11.632  1.00 46.15 ? 40   GLU B CB  1 
ATOM   969  C CG  . GLU B 1 40 ? -34.189 -0.011  11.880  1.00 49.00 ? 40   GLU B CG  1 
ATOM   970  C CD  . GLU B 1 40 ? -34.509 -1.074  12.906  1.00 52.07 ? 40   GLU B CD  1 
ATOM   971  O OE1 . GLU B 1 40 ? -35.180 -0.732  13.913  1.00 54.56 ? 40   GLU B OE1 1 
ATOM   972  O OE2 . GLU B 1 40 ? -34.120 -2.241  12.696  1.00 52.09 ? 40   GLU B OE2 1 
ATOM   973  N N   . ILE B 1 41 ? -35.226 1.502   8.546   1.00 44.69 ? 41   ILE B N   1 
ATOM   974  C CA  . ILE B 1 41 ? -34.718 1.259   7.195   1.00 43.93 ? 41   ILE B CA  1 
ATOM   975  C C   . ILE B 1 41 ? -34.129 2.520   6.554   1.00 43.90 ? 41   ILE B C   1 
ATOM   976  O O   . ILE B 1 41 ? -33.048 2.473   5.968   1.00 43.06 ? 41   ILE B O   1 
ATOM   977  C CB  . ILE B 1 41 ? -35.822 0.629   6.283   1.00 44.22 ? 41   ILE B CB  1 
ATOM   978  C CG1 . ILE B 1 41 ? -36.063 -0.843  6.657   1.00 43.26 ? 41   ILE B CG1 1 
ATOM   979  C CG2 . ILE B 1 41 ? -35.516 0.826   4.781   1.00 43.64 ? 41   ILE B CG2 1 
ATOM   980  C CD1 . ILE B 1 41 ? -34.903 -1.815  6.391   1.00 41.77 ? 41   ILE B CD1 1 
ATOM   981  N N   . GLN B 1 42 ? -34.851 3.631   6.665   1.00 43.74 ? 42   GLN B N   1 
ATOM   982  C CA  . GLN B 1 42 ? -34.414 4.915   6.151   1.00 44.28 ? 42   GLN B CA  1 
ATOM   983  C C   . GLN B 1 42 ? -33.100 5.377   6.795   1.00 44.60 ? 42   GLN B C   1 
ATOM   984  O O   . GLN B 1 42 ? -32.267 6.005   6.139   1.00 44.33 ? 42   GLN B O   1 
ATOM   985  C CB  . GLN B 1 42 ? -35.491 5.961   6.396   1.00 44.97 ? 42   GLN B CB  1 
ATOM   986  C CG  . GLN B 1 42 ? -36.753 5.776   5.561   1.00 46.82 ? 42   GLN B CG  1 
ATOM   987  C CD  . GLN B 1 42 ? -36.508 6.017   4.076   1.00 50.44 ? 42   GLN B CD  1 
ATOM   988  O OE1 . GLN B 1 42 ? -35.725 6.888   3.693   1.00 52.86 ? 42   GLN B OE1 1 
ATOM   989  N NE2 . GLN B 1 42 ? -37.177 5.248   3.240   1.00 51.76 ? 42   GLN B NE2 1 
ATOM   990  N N   . ASP B 1 43 ? -32.940 5.059   8.079   1.00 44.29 ? 43   ASP B N   1 
ATOM   991  C CA  . ASP B 1 43 ? -31.736 5.353   8.833   1.00 44.19 ? 43   ASP B CA  1 
ATOM   992  C C   . ASP B 1 43 ? -30.576 4.517   8.314   1.00 43.49 ? 43   ASP B C   1 
ATOM   993  O O   . ASP B 1 43 ? -29.464 5.023   8.177   1.00 44.17 ? 43   ASP B O   1 
ATOM   994  C CB  . ASP B 1 43 ? -31.935 5.028   10.326  1.00 44.58 ? 43   ASP B CB  1 
ATOM   995  C CG  . ASP B 1 43 ? -32.848 6.033   11.071  1.00 45.76 ? 43   ASP B CG  1 
ATOM   996  O OD1 . ASP B 1 43 ? -33.105 7.172   10.579  1.00 44.52 ? 43   ASP B OD1 1 
ATOM   997  O OD2 . ASP B 1 43 ? -33.296 5.647   12.184  1.00 45.72 ? 43   ASP B OD2 1 
ATOM   998  N N   . ILE B 1 44 ? -30.822 3.232   8.062   1.00 42.70 ? 44   ILE B N   1 
ATOM   999  C CA  . ILE B 1 44 ? -29.804 2.346   7.476   1.00 41.90 ? 44   ILE B CA  1 
ATOM   1000 C C   . ILE B 1 44 ? -29.357 2.883   6.099   1.00 41.59 ? 44   ILE B C   1 
ATOM   1001 O O   . ILE B 1 44 ? -28.147 2.911   5.812   1.00 41.30 ? 44   ILE B O   1 
ATOM   1002 C CB  . ILE B 1 44 ? -30.275 0.861   7.330   1.00 41.70 ? 44   ILE B CB  1 
ATOM   1003 C CG1 . ILE B 1 44 ? -30.884 0.287   8.625   1.00 42.92 ? 44   ILE B CG1 1 
ATOM   1004 C CG2 . ILE B 1 44 ? -29.147 -0.013  6.812   1.00 41.91 ? 44   ILE B CG2 1 
ATOM   1005 C CD1 . ILE B 1 44 ? -30.166 0.593   9.893   1.00 41.92 ? 44   ILE B CD1 1 
ATOM   1006 N N   . LEU B 1 45 ? -30.316 3.318   5.267   1.00 40.16 ? 45   LEU B N   1 
ATOM   1007 C CA  . LEU B 1 45 ? -29.964 3.928   3.971   1.00 40.37 ? 45   LEU B CA  1 
ATOM   1008 C C   . LEU B 1 45 ? -29.044 5.142   4.171   1.00 40.63 ? 45   LEU B C   1 
ATOM   1009 O O   . LEU B 1 45 ? -28.069 5.304   3.437   1.00 40.43 ? 45   LEU B O   1 
ATOM   1010 C CB  . LEU B 1 45 ? -31.189 4.298   3.133   1.00 39.02 ? 45   LEU B CB  1 
ATOM   1011 C CG  . LEU B 1 45 ? -31.932 3.181   2.394   1.00 39.20 ? 45   LEU B CG  1 
ATOM   1012 C CD1 . LEU B 1 45 ? -33.256 3.719   1.886   1.00 40.37 ? 45   LEU B CD1 1 
ATOM   1013 C CD2 . LEU B 1 45 ? -31.154 2.570   1.223   1.00 37.25 ? 45   LEU B CD2 1 
ATOM   1014 N N   . LYS B 1 46 ? -29.369 5.970   5.166   1.00 41.34 ? 46   LYS B N   1 
ATOM   1015 C CA  . LYS B 1 46 ? -28.551 7.129   5.574   1.00 42.48 ? 46   LYS B CA  1 
ATOM   1016 C C   . LYS B 1 46 ? -27.134 6.718   5.993   1.00 41.74 ? 46   LYS B C   1 
ATOM   1017 O O   . LYS B 1 46 ? -26.175 7.231   5.459   1.00 41.57 ? 46   LYS B O   1 
ATOM   1018 C CB  . LYS B 1 46 ? -29.239 7.899   6.707   1.00 43.18 ? 46   LYS B CB  1 
ATOM   1019 C CG  . LYS B 1 46 ? -28.534 9.218   7.105   1.00 46.19 ? 46   LYS B CG  1 
ATOM   1020 C CD  . LYS B 1 46 ? -28.595 10.300  6.004   1.00 47.01 ? 46   LYS B CD  1 
ATOM   1021 C CE  . LYS B 1 46 ? -27.874 11.572  6.466   1.00 47.01 ? 46   LYS B CE  1 
ATOM   1022 N NZ  . LYS B 1 46 ? -28.177 12.776  5.620   1.00 48.68 ? 46   LYS B NZ  1 
ATOM   1023 N N   . ASP B 1 47 ? -27.030 5.785   6.940   1.00 42.07 ? 47   ASP B N   1 
ATOM   1024 C CA  . ASP B 1 47 ? -25.759 5.135   7.317   1.00 42.33 ? 47   ASP B CA  1 
ATOM   1025 C C   . ASP B 1 47 ? -24.919 4.693   6.110   1.00 41.37 ? 47   ASP B C   1 
ATOM   1026 O O   . ASP B 1 47 ? -23.772 5.119   5.970   1.00 41.41 ? 47   ASP B O   1 
ATOM   1027 C CB  . ASP B 1 47 ? -26.000 3.917   8.235   1.00 42.69 ? 47   ASP B CB  1 
ATOM   1028 C CG  . ASP B 1 47 ? -24.723 3.447   8.933   1.00 45.25 ? 47   ASP B CG  1 
ATOM   1029 O OD1 . ASP B 1 47 ? -23.888 4.319   9.277   1.00 48.96 ? 47   ASP B OD1 1 
ATOM   1030 O OD2 . ASP B 1 47 ? -24.546 2.220   9.143   1.00 46.51 ? 47   ASP B OD2 1 
ATOM   1031 N N   . VAL B 1 48 ? -25.491 3.835   5.260   1.00 39.73 ? 48   VAL B N   1 
ATOM   1032 C CA  . VAL B 1 48 ? -24.823 3.383   4.043   1.00 38.45 ? 48   VAL B CA  1 
ATOM   1033 C C   . VAL B 1 48 ? -24.281 4.592   3.240   1.00 38.12 ? 48   VAL B C   1 
ATOM   1034 O O   . VAL B 1 48 ? -23.124 4.599   2.805   1.00 37.37 ? 48   VAL B O   1 
ATOM   1035 C CB  . VAL B 1 48 ? -25.735 2.475   3.163   1.00 38.00 ? 48   VAL B CB  1 
ATOM   1036 C CG1 . VAL B 1 48 ? -25.041 2.122   1.887   1.00 37.27 ? 48   VAL B CG1 1 
ATOM   1037 C CG2 . VAL B 1 48 ? -26.101 1.186   3.888   1.00 37.18 ? 48   VAL B CG2 1 
ATOM   1038 N N   . GLU B 1 49 ? -25.092 5.628   3.105   1.00 37.23 ? 49   GLU B N   1 
ATOM   1039 C CA  . GLU B 1 49 ? -24.736 6.729   2.242   1.00 38.14 ? 49   GLU B CA  1 
ATOM   1040 C C   . GLU B 1 49 ? -23.527 7.532   2.774   1.00 37.74 ? 49   GLU B C   1 
ATOM   1041 O O   . GLU B 1 49 ? -22.624 7.905   2.016   1.00 37.44 ? 49   GLU B O   1 
ATOM   1042 C CB  . GLU B 1 49 ? -25.961 7.601   1.980   1.00 38.65 ? 49   GLU B CB  1 
ATOM   1043 C CG  . GLU B 1 49 ? -26.178 7.846   0.489   1.00 44.20 ? 49   GLU B CG  1 
ATOM   1044 C CD  . GLU B 1 49 ? -27.541 8.406   0.130   1.00 49.02 ? 49   GLU B CD  1 
ATOM   1045 O OE1 . GLU B 1 49 ? -27.574 9.467   -0.562  1.00 52.64 ? 49   GLU B OE1 1 
ATOM   1046 O OE2 . GLU B 1 49 ? -28.567 7.794   0.517   1.00 50.76 ? 49   GLU B OE2 1 
ATOM   1047 N N   . GLU B 1 50 ? -23.512 7.759   4.080   1.00 36.84 ? 50   GLU B N   1 
ATOM   1048 C CA  . GLU B 1 50 ? -22.387 8.394   4.758   1.00 36.88 ? 50   GLU B CA  1 
ATOM   1049 C C   . GLU B 1 50 ? -21.123 7.533   4.713   1.00 35.14 ? 50   GLU B C   1 
ATOM   1050 O O   . GLU B 1 50 ? -20.034 8.038   4.553   1.00 34.58 ? 50   GLU B O   1 
ATOM   1051 C CB  . GLU B 1 50 ? -22.777 8.669   6.207   1.00 37.34 ? 50   GLU B CB  1 
ATOM   1052 C CG  . GLU B 1 50 ? -23.973 9.616   6.361   1.00 40.80 ? 50   GLU B CG  1 
ATOM   1053 C CD  . GLU B 1 50 ? -23.643 11.066  5.981   1.00 46.39 ? 50   GLU B CD  1 
ATOM   1054 O OE1 . GLU B 1 50 ? -22.455 11.397  5.762   1.00 50.03 ? 50   GLU B OE1 1 
ATOM   1055 O OE2 . GLU B 1 50 ? -24.579 11.887  5.903   1.00 50.27 ? 50   GLU B OE2 1 
ATOM   1056 N N   . THR B 1 51 ? -21.291 6.229   4.880   1.00 34.42 ? 51   THR B N   1 
ATOM   1057 C CA  . THR B 1 51 ? -20.203 5.265   4.794   1.00 34.01 ? 51   THR B CA  1 
ATOM   1058 C C   . THR B 1 51 ? -19.458 5.295   3.425   1.00 33.51 ? 51   THR B C   1 
ATOM   1059 O O   . THR B 1 51 ? -18.223 5.262   3.385   1.00 31.81 ? 51   THR B O   1 
ATOM   1060 C CB  . THR B 1 51 ? -20.737 3.894   5.207   1.00 33.99 ? 51   THR B CB  1 
ATOM   1061 O OG1 . THR B 1 51 ? -21.370 4.050   6.484   1.00 35.48 ? 51   THR B OG1 1 
ATOM   1062 C CG2 . THR B 1 51 ? -19.654 2.876   5.316   1.00 33.89 ? 51   THR B CG2 1 
ATOM   1063 N N   . ILE B 1 52 ? -20.209 5.422   2.331   1.00 32.96 ? 52   ILE B N   1 
ATOM   1064 C CA  . ILE B 1 52 ? -19.644 5.617   0.990   1.00 33.12 ? 52   ILE B CA  1 
ATOM   1065 C C   . ILE B 1 52 ? -18.685 6.796   0.905   1.00 33.40 ? 52   ILE B C   1 
ATOM   1066 O O   . ILE B 1 52 ? -17.568 6.626   0.434   1.00 32.83 ? 52   ILE B O   1 
ATOM   1067 C CB  . ILE B 1 52 ? -20.732 5.841   -0.100  1.00 33.51 ? 52   ILE B CB  1 
ATOM   1068 C CG1 . ILE B 1 52 ? -21.702 4.649   -0.191  1.00 34.35 ? 52   ILE B CG1 1 
ATOM   1069 C CG2 . ILE B 1 52 ? -20.058 6.132   -1.450  1.00 31.20 ? 52   ILE B CG2 1 
ATOM   1070 C CD1 . ILE B 1 52 ? -21.045 3.376   -0.536  1.00 37.78 ? 52   ILE B CD1 1 
ATOM   1071 N N   . VAL B 1 53 ? -19.138 7.986   1.332   1.00 34.29 ? 53   VAL B N   1 
ATOM   1072 C CA  . VAL B 1 53 ? -18.276 9.189   1.432   1.00 34.91 ? 53   VAL B CA  1 
ATOM   1073 C C   . VAL B 1 53 ? -16.984 8.924   2.222   1.00 34.66 ? 53   VAL B C   1 
ATOM   1074 O O   . VAL B 1 53 ? -15.895 9.317   1.792   1.00 33.98 ? 53   VAL B O   1 
ATOM   1075 C CB  . VAL B 1 53 ? -19.031 10.424  2.024   1.00 35.48 ? 53   VAL B CB  1 
ATOM   1076 C CG1 . VAL B 1 53 ? -18.104 11.637  2.101   1.00 35.82 ? 53   VAL B CG1 1 
ATOM   1077 C CG2 . VAL B 1 53 ? -20.274 10.787  1.173   1.00 36.16 ? 53   VAL B CG2 1 
ATOM   1078 N N   . ASP B 1 54 ? -17.116 8.255   3.370   1.00 34.79 ? 54   ASP B N   1 
ATOM   1079 C CA  . ASP B 1 54 ? -15.968 7.893   4.220   1.00 34.33 ? 54   ASP B CA  1 
ATOM   1080 C C   . ASP B 1 54 ? -15.062 6.838   3.586   1.00 34.24 ? 54   ASP B C   1 
ATOM   1081 O O   . ASP B 1 54 ? -13.828 6.887   3.765   1.00 34.29 ? 54   ASP B O   1 
ATOM   1082 C CB  . ASP B 1 54 ? -16.437 7.373   5.574   1.00 34.10 ? 54   ASP B CB  1 
ATOM   1083 C CG  . ASP B 1 54 ? -17.181 8.430   6.396   1.00 36.69 ? 54   ASP B CG  1 
ATOM   1084 O OD1 . ASP B 1 54 ? -17.109 9.637   6.078   1.00 37.65 ? 54   ASP B OD1 1 
ATOM   1085 O OD2 . ASP B 1 54 ? -17.847 8.033   7.376   1.00 37.59 ? 54   ASP B OD2 1 
ATOM   1086 N N   . LEU B 1 55 ? -15.653 5.867   2.884   1.00 33.27 ? 55   LEU B N   1 
ATOM   1087 C CA  . LEU B 1 55 ? -14.849 4.828   2.263   1.00 33.75 ? 55   LEU B CA  1 
ATOM   1088 C C   . LEU B 1 55 ? -13.995 5.463   1.178   1.00 33.54 ? 55   LEU B C   1 
ATOM   1089 O O   . LEU B 1 55 ? -12.789 5.206   1.126   1.00 32.95 ? 55   LEU B O   1 
ATOM   1090 C CB  . LEU B 1 55 ? -15.692 3.638   1.764   1.00 34.53 ? 55   LEU B CB  1 
ATOM   1091 C CG  . LEU B 1 55 ? -16.192 2.573   2.781   1.00 35.05 ? 55   LEU B CG  1 
ATOM   1092 C CD1 . LEU B 1 55 ? -17.255 1.669   2.176   1.00 35.39 ? 55   LEU B CD1 1 
ATOM   1093 C CD2 . LEU B 1 55 ? -15.063 1.691   3.362   1.00 35.96 ? 55   LEU B CD2 1 
ATOM   1094 N N   . ASP B 1 56 ? -14.603 6.355   0.382   1.00 33.72 ? 56   ASP B N   1 
ATOM   1095 C CA  . ASP B 1 56 ? -13.920 7.121   -0.659  1.00 33.99 ? 56   ASP B CA  1 
ATOM   1096 C C   . ASP B 1 56 ? -12.778 7.945   -0.077  1.00 34.57 ? 56   ASP B C   1 
ATOM   1097 O O   . ASP B 1 56 ? -11.673 7.959   -0.634  1.00 33.65 ? 56   ASP B O   1 
ATOM   1098 C CB  . ASP B 1 56 ? -14.883 8.099   -1.351  1.00 34.44 ? 56   ASP B CB  1 
ATOM   1099 C CG  . ASP B 1 56 ? -15.718 7.449   -2.457  1.00 36.48 ? 56   ASP B CG  1 
ATOM   1100 O OD1 . ASP B 1 56 ? -15.486 6.262   -2.760  1.00 39.89 ? 56   ASP B OD1 1 
ATOM   1101 O OD2 . ASP B 1 56 ? -16.589 8.152   -3.051  1.00 38.49 ? 56   ASP B OD2 1 
ATOM   1102 N N   . ARG B 1 57 ? -13.069 8.648   1.027   1.00 33.83 ? 57   ARG B N   1 
ATOM   1103 C CA  . ARG B 1 57 ? -12.097 9.490   1.721   1.00 34.85 ? 57   ARG B CA  1 
ATOM   1104 C C   . ARG B 1 57 ? -10.880 8.715   2.187   1.00 34.75 ? 57   ARG B C   1 
ATOM   1105 O O   . ARG B 1 57 ? -9.747  9.218   2.120   1.00 35.08 ? 57   ARG B O   1 
ATOM   1106 C CB  . ARG B 1 57 ? -12.744 10.221  2.907   1.00 34.51 ? 57   ARG B CB  1 
ATOM   1107 C CG  . ARG B 1 57 ? -13.428 11.557  2.495   1.00 36.06 ? 57   ARG B CG  1 
ATOM   1108 C CD  . ARG B 1 57 ? -14.231 12.186  3.645   1.00 36.22 ? 57   ARG B CD  1 
ATOM   1109 N NE  . ARG B 1 57 ? -14.839 13.473  3.285   1.00 37.34 ? 57   ARG B NE  1 
ATOM   1110 C CZ  . ARG B 1 57 ? -14.243 14.671  3.388   1.00 39.44 ? 57   ARG B CZ  1 
ATOM   1111 N NH1 . ARG B 1 57 ? -12.990 14.788  3.830   1.00 36.20 ? 57   ARG B NH1 1 
ATOM   1112 N NH2 . ARG B 1 57 ? -14.915 15.775  3.052   1.00 39.39 ? 57   ARG B NH2 1 
ATOM   1113 N N   . SER B 1 58 ? -11.115 7.495   2.669   1.00 34.84 ? 58   SER B N   1 
ATOM   1114 C CA  . SER B 1 58 ? -10.046 6.645   3.203   1.00 34.35 ? 58   SER B CA  1 
ATOM   1115 C C   . SER B 1 58 ? -9.078  6.119   2.132   1.00 34.50 ? 58   SER B C   1 
ATOM   1116 O O   . SER B 1 58 ? -7.892  5.851   2.408   1.00 34.19 ? 58   SER B O   1 
ATOM   1117 C CB  . SER B 1 58 ? -10.636 5.477   3.990   1.00 34.28 ? 58   SER B CB  1 
ATOM   1118 O OG  . SER B 1 58 ? -11.114 4.467   3.132   1.00 36.95 ? 58   SER B OG  1 
ATOM   1119 N N   . ILE B 1 59 ? -9.595  5.936   0.922   1.00 33.53 ? 59   ILE B N   1 
ATOM   1120 C CA  . ILE B 1 59 ? -8.771  5.522   -0.195  1.00 32.96 ? 59   ILE B CA  1 
ATOM   1121 C C   . ILE B 1 59 ? -7.767  6.635   -0.525  1.00 33.47 ? 59   ILE B C   1 
ATOM   1122 O O   . ILE B 1 59 ? -6.610  6.345   -0.837  1.00 33.20 ? 59   ILE B O   1 
ATOM   1123 C CB  . ILE B 1 59 ? -9.621  5.067   -1.418  1.00 33.05 ? 59   ILE B CB  1 
ATOM   1124 C CG1 . ILE B 1 59 ? -10.443 3.812   -1.034  1.00 31.96 ? 59   ILE B CG1 1 
ATOM   1125 C CG2 . ILE B 1 59 ? -8.689  4.874   -2.689  1.00 31.60 ? 59   ILE B CG2 1 
ATOM   1126 C CD1 . ILE B 1 59 ? -11.458 3.291   -2.112  1.00 32.21 ? 59   ILE B CD1 1 
ATOM   1127 N N   . ILE B 1 60 ? -8.201  7.895   -0.416  1.00 34.07 ? 60   ILE B N   1 
ATOM   1128 C CA  . ILE B 1 60 ? -7.314  9.056   -0.572  1.00 35.22 ? 60   ILE B CA  1 
ATOM   1129 C C   . ILE B 1 60 ? -6.154  9.046   0.436   1.00 34.97 ? 60   ILE B C   1 
ATOM   1130 O O   . ILE B 1 60 ? -5.003  9.238   0.049   1.00 35.67 ? 60   ILE B O   1 
ATOM   1131 C CB  . ILE B 1 60 ? -8.087  10.443  -0.512  1.00 35.57 ? 60   ILE B CB  1 
ATOM   1132 C CG1 . ILE B 1 60 ? -9.247  10.527  -1.533  1.00 37.39 ? 60   ILE B CG1 1 
ATOM   1133 C CG2 . ILE B 1 60 ? -7.142  11.607  -0.673  1.00 35.43 ? 60   ILE B CG2 1 
ATOM   1134 C CD1 . ILE B 1 60 ? -8.919  10.010  -2.913  1.00 41.49 ? 60   ILE B CD1 1 
ATOM   1135 N N   . VAL B 1 61 ? -6.464  8.812   1.709   1.00 34.87 ? 61   VAL B N   1 
ATOM   1136 C CA  . VAL B 1 61 ? -5.501  8.748   2.787   1.00 34.74 ? 61   VAL B CA  1 
ATOM   1137 C C   . VAL B 1 61 ? -4.518  7.596   2.515   1.00 36.80 ? 61   VAL B C   1 
ATOM   1138 O O   . VAL B 1 61 ? -3.300  7.757   2.664   1.00 35.39 ? 61   VAL B O   1 
ATOM   1139 C CB  . VAL B 1 61 ? -6.200  8.543   4.166   1.00 34.81 ? 61   VAL B CB  1 
ATOM   1140 C CG1 . VAL B 1 61 ? -5.159  8.261   5.283   1.00 34.53 ? 61   VAL B CG1 1 
ATOM   1141 C CG2 . VAL B 1 61 ? -7.049  9.780   4.543   1.00 33.96 ? 61   VAL B CG2 1 
ATOM   1142 N N   . MET B 1 62 ? -5.051  6.442   2.099   1.00 37.87 ? 62   MET B N   1 
ATOM   1143 C CA  . MET B 1 62 ? -4.216  5.273   1.789   1.00 39.72 ? 62   MET B CA  1 
ATOM   1144 C C   . MET B 1 62 ? -3.204  5.524   0.677   1.00 39.57 ? 62   MET B C   1 
ATOM   1145 O O   . MET B 1 62 ? -2.055  5.147   0.815   1.00 40.11 ? 62   MET B O   1 
ATOM   1146 C CB  . MET B 1 62 ? -5.068  4.051   1.433   1.00 39.42 ? 62   MET B CB  1 
ATOM   1147 C CG  . MET B 1 62 ? -4.239  2.935   0.786   1.00 40.72 ? 62   MET B CG  1 
ATOM   1148 S SD  . MET B 1 62 ? -5.164  1.399   0.567   1.00 42.68 ? 62   MET B SD  1 
ATOM   1149 C CE  . MET B 1 62 ? -5.528  1.442   -1.178  1.00 39.31 ? 62   MET B CE  1 
ATOM   1150 N N   . LYS B 1 63 ? -3.640  6.122   -0.430  1.00 39.47 ? 63   LYS B N   1 
ATOM   1151 C CA  . LYS B 1 63 ? -2.741  6.483   -1.511  1.00 40.51 ? 63   LYS B CA  1 
ATOM   1152 C C   . LYS B 1 63 ? -1.659  7.419   -0.989  1.00 40.39 ? 63   LYS B C   1 
ATOM   1153 O O   . LYS B 1 63 ? -0.483  7.214   -1.270  1.00 39.86 ? 63   LYS B O   1 
ATOM   1154 C CB  . LYS B 1 63 ? -3.483  7.185   -2.650  1.00 40.58 ? 63   LYS B CB  1 
ATOM   1155 C CG  . LYS B 1 63 ? -4.513  6.328   -3.359  1.00 44.12 ? 63   LYS B CG  1 
ATOM   1156 C CD  . LYS B 1 63 ? -5.051  7.047   -4.587  1.00 49.38 ? 63   LYS B CD  1 
ATOM   1157 C CE  . LYS B 1 63 ? -6.339  7.782   -4.271  1.00 50.36 ? 63   LYS B CE  1 
ATOM   1158 N NZ  . LYS B 1 63 ? -7.243  7.679   -5.460  1.00 54.86 ? 63   LYS B NZ  1 
ATOM   1159 N N   . ARG B 1 64 ? -2.072  8.444   -0.240  1.00 40.25 ? 64   ARG B N   1 
ATOM   1160 C CA  . ARG B 1 64 ? -1.130  9.377   0.393   1.00 41.60 ? 64   ARG B CA  1 
ATOM   1161 C C   . ARG B 1 64 ? -0.089  8.659   1.238   1.00 40.62 ? 64   ARG B C   1 
ATOM   1162 O O   . ARG B 1 64 ? 1.113   8.845   1.020   1.00 40.28 ? 64   ARG B O   1 
ATOM   1163 C CB  . ARG B 1 64 ? -1.858  10.443  1.240   1.00 41.38 ? 64   ARG B CB  1 
ATOM   1164 C CG  . ARG B 1 64 ? -0.908  11.514  1.856   1.00 43.42 ? 64   ARG B CG  1 
ATOM   1165 C CD  . ARG B 1 64 ? -1.612  12.346  2.937   1.00 43.85 ? 64   ARG B CD  1 
ATOM   1166 N NE  . ARG B 1 64 ? -2.208  11.493  3.979   1.00 49.81 ? 64   ARG B NE  1 
ATOM   1167 C CZ  . ARG B 1 64 ? -1.820  11.450  5.262   1.00 51.06 ? 64   ARG B CZ  1 
ATOM   1168 N NH1 . ARG B 1 64 ? -0.845  12.243  5.711   1.00 51.00 ? 64   ARG B NH1 1 
ATOM   1169 N NH2 . ARG B 1 64 ? -2.427  10.620  6.110   1.00 48.59 ? 64   ARG B NH2 1 
ATOM   1170 N N   . ASP B 1 65 ? -0.558  7.830   2.169   1.00 40.11 ? 65   ASP B N   1 
ATOM   1171 C CA  . ASP B 1 65 ? 0.300   7.122   3.102   1.00 41.04 ? 65   ASP B CA  1 
ATOM   1172 C C   . ASP B 1 65 ? 1.303   6.201   2.387   1.00 41.50 ? 65   ASP B C   1 
ATOM   1173 O O   . ASP B 1 65 ? 2.487   6.122   2.763   1.00 41.44 ? 65   ASP B O   1 
ATOM   1174 C CB  . ASP B 1 65 ? -0.536  6.293   4.081   1.00 41.55 ? 65   ASP B CB  1 
ATOM   1175 C CG  . ASP B 1 65 ? -1.137  7.115   5.238   1.00 43.41 ? 65   ASP B CG  1 
ATOM   1176 O OD1 . ASP B 1 65 ? -0.867  8.330   5.363   1.00 44.57 ? 65   ASP B OD1 1 
ATOM   1177 O OD2 . ASP B 1 65 ? -1.885  6.517   6.052   1.00 45.82 ? 65   ASP B OD2 1 
ATOM   1178 N N   . GLU B 1 66 ? 0.825   5.507   1.357   1.00 41.00 ? 66   GLU B N   1 
ATOM   1179 C CA  . GLU B 1 66 ? 1.645   4.540   0.648   1.00 40.50 ? 66   GLU B CA  1 
ATOM   1180 C C   . GLU B 1 66 ? 2.670   5.239   -0.243  1.00 40.49 ? 66   GLU B C   1 
ATOM   1181 O O   . GLU B 1 66 ? 3.774   4.736   -0.418  1.00 39.96 ? 66   GLU B O   1 
ATOM   1182 C CB  . GLU B 1 66 ? 0.774   3.543   -0.118  1.00 40.36 ? 66   GLU B CB  1 
ATOM   1183 C CG  . GLU B 1 66 ? -0.047  2.641   0.831   1.00 40.74 ? 66   GLU B CG  1 
ATOM   1184 C CD  . GLU B 1 66 ? -0.834  1.538   0.134   1.00 40.69 ? 66   GLU B CD  1 
ATOM   1185 O OE1 . GLU B 1 66 ? -1.233  1.718   -1.044  1.00 41.03 ? 66   GLU B OE1 1 
ATOM   1186 O OE2 . GLU B 1 66 ? -1.051  0.487   0.789   1.00 38.49 ? 66   GLU B OE2 1 
ATOM   1187 N N   . ASN B 1 67 ? 2.311   6.407   -0.772  1.00 40.29 ? 67   ASN B N   1 
ATOM   1188 C CA  . ASN B 1 67 ? 3.246   7.256   -1.515  1.00 40.73 ? 67   ASN B CA  1 
ATOM   1189 C C   . ASN B 1 67 ? 4.411   7.750   -0.677  1.00 40.28 ? 67   ASN B C   1 
ATOM   1190 O O   . ASN B 1 67 ? 5.543   7.845   -1.162  1.00 39.74 ? 67   ASN B O   1 
ATOM   1191 C CB  . ASN B 1 67 ? 2.536   8.460   -2.130  1.00 41.25 ? 67   ASN B CB  1 
ATOM   1192 C CG  . ASN B 1 67 ? 1.819   8.113   -3.402  1.00 42.82 ? 67   ASN B CG  1 
ATOM   1193 O OD1 . ASN B 1 67 ? 1.694   6.940   -3.748  1.00 45.43 ? 67   ASN B OD1 1 
ATOM   1194 N ND2 . ASN B 1 67 ? 1.336   9.130   -4.112  1.00 43.77 ? 67   ASN B ND2 1 
ATOM   1195 N N   . GLU B 1 68 ? 4.101   8.082   0.567   1.00 40.41 ? 68   GLU B N   1 
ATOM   1196 C CA  . GLU B 1 68 ? 5.092   8.442   1.574   1.00 41.38 ? 68   GLU B CA  1 
ATOM   1197 C C   . GLU B 1 68 ? 6.017   7.250   1.891   1.00 40.31 ? 68   GLU B C   1 
ATOM   1198 O O   . GLU B 1 68 ? 7.223   7.409   1.965   1.00 39.09 ? 68   GLU B O   1 
ATOM   1199 C CB  . GLU B 1 68 ? 4.404   8.975   2.845   1.00 41.42 ? 68   GLU B CB  1 
ATOM   1200 C CG  . GLU B 1 68 ? 3.423   10.168  2.599   1.00 42.76 ? 68   GLU B CG  1 
ATOM   1201 C CD  . GLU B 1 68 ? 2.835   10.810  3.879   1.00 43.81 ? 68   GLU B CD  1 
ATOM   1202 O OE1 . GLU B 1 68 ? 2.757   10.144  4.951   1.00 48.01 ? 68   GLU B OE1 1 
ATOM   1203 O OE2 . GLU B 1 68 ? 2.431   11.992  3.795   1.00 45.45 ? 68   GLU B OE2 1 
ATOM   1204 N N   . ASP B 1 69 ? 5.446   6.062   2.074   1.00 39.70 ? 69   ASP B N   1 
ATOM   1205 C CA  . ASP B 1 69 ? 6.244   4.848   2.280   1.00 38.96 ? 69   ASP B CA  1 
ATOM   1206 C C   . ASP B 1 69 ? 7.240   4.601   1.150   1.00 36.71 ? 69   ASP B C   1 
ATOM   1207 O O   . ASP B 1 69 ? 8.408   4.362   1.431   1.00 35.87 ? 69   ASP B O   1 
ATOM   1208 C CB  . ASP B 1 69 ? 5.360   3.614   2.493   1.00 40.32 ? 69   ASP B CB  1 
ATOM   1209 C CG  . ASP B 1 69 ? 4.859   3.487   3.935   1.00 45.17 ? 69   ASP B CG  1 
ATOM   1210 O OD1 . ASP B 1 69 ? 4.468   4.501   4.557   1.00 49.74 ? 69   ASP B OD1 1 
ATOM   1211 O OD2 . ASP B 1 69 ? 4.855   2.349   4.458   1.00 52.02 ? 69   ASP B OD2 1 
ATOM   1212 N N   . VAL B 1 70 ? 6.780   4.696   -0.108  1.00 34.41 ? 70   VAL B N   1 
ATOM   1213 C CA  . VAL B 1 70 ? 7.631   4.566   -1.296  1.00 33.51 ? 70   VAL B CA  1 
ATOM   1214 C C   . VAL B 1 70 ? 8.765   5.613   -1.378  1.00 32.99 ? 70   VAL B C   1 
ATOM   1215 O O   . VAL B 1 70 ? 9.936   5.257   -1.556  1.00 31.45 ? 70   VAL B O   1 
ATOM   1216 C CB  . VAL B 1 70 ? 6.805   4.572   -2.611  1.00 33.46 ? 70   VAL B CB  1 
ATOM   1217 C CG1 . VAL B 1 70 ? 7.722   4.543   -3.845  1.00 32.73 ? 70   VAL B CG1 1 
ATOM   1218 C CG2 . VAL B 1 70 ? 5.844   3.392   -2.627  1.00 33.59 ? 70   VAL B CG2 1 
ATOM   1219 N N   . SER B 1 71 ? 8.420   6.891   -1.252  1.00 32.19 ? 71   SER B N   1 
ATOM   1220 C CA  . SER B 1 71 ? 9.430   7.957   -1.168  1.00 32.40 ? 71   SER B CA  1 
ATOM   1221 C C   . SER B 1 71 ? 10.523  7.645   -0.140  1.00 31.40 ? 71   SER B C   1 
ATOM   1222 O O   . SER B 1 71 ? 11.693  7.835   -0.413  1.00 32.07 ? 71   SER B O   1 
ATOM   1223 C CB  . SER B 1 71 ? 8.762   9.284   -0.804  1.00 32.35 ? 71   SER B CB  1 
ATOM   1224 O OG  . SER B 1 71 ? 7.911   9.671   -1.860  1.00 34.40 ? 71   SER B OG  1 
ATOM   1225 N N   . GLY B 1 72 ? 10.108  7.177   1.029   1.00 30.40 ? 72   GLY B N   1 
ATOM   1226 C CA  . GLY B 1 72 ? 10.995  6.783   2.090   1.00 30.98 ? 72   GLY B CA  1 
ATOM   1227 C C   . GLY B 1 72 ? 11.938  5.687   1.639   1.00 31.21 ? 72   GLY B C   1 
ATOM   1228 O O   . GLY B 1 72 ? 13.152  5.807   1.776   1.00 31.21 ? 72   GLY B O   1 
ATOM   1229 N N   . ARG B 1 73 ? 11.380  4.620   1.087   1.00 30.47 ? 73   ARG B N   1 
ATOM   1230 C CA  . ARG B 1 73 ? 12.188  3.553   0.506   1.00 29.74 ? 73   ARG B CA  1 
ATOM   1231 C C   . ARG B 1 73 ? 13.156  4.039   -0.587  1.00 29.48 ? 73   ARG B C   1 
ATOM   1232 O O   . ARG B 1 73 ? 14.315  3.636   -0.606  1.00 28.89 ? 73   ARG B O   1 
ATOM   1233 C CB  . ARG B 1 73 ? 11.270  2.447   -0.022  1.00 29.43 ? 73   ARG B CB  1 
ATOM   1234 C CG  . ARG B 1 73 ? 10.505  1.767   1.106   1.00 30.52 ? 73   ARG B CG  1 
ATOM   1235 C CD  . ARG B 1 73 ? 9.805   0.535   0.602   1.00 35.48 ? 73   ARG B CD  1 
ATOM   1236 N NE  . ARG B 1 73 ? 9.152   -0.167  1.692   1.00 36.35 ? 73   ARG B NE  1 
ATOM   1237 C CZ  . ARG B 1 73 ? 8.958   -1.483  1.734   1.00 42.02 ? 73   ARG B CZ  1 
ATOM   1238 N NH1 . ARG B 1 73 ? 9.371   -2.269  0.732   1.00 38.47 ? 73   ARG B NH1 1 
ATOM   1239 N NH2 . ARG B 1 73 ? 8.336   -2.015  2.785   1.00 42.79 ? 73   ARG B NH2 1 
ATOM   1240 N N   . GLU B 1 74 ? 12.689  4.876   -1.508  1.00 28.91 ? 74   GLU B N   1 
ATOM   1241 C CA  . GLU B 1 74 ? 13.577  5.396   -2.540  1.00 30.54 ? 74   GLU B CA  1 
ATOM   1242 C C   . GLU B 1 74 ? 14.752  6.198   -1.945  1.00 30.21 ? 74   GLU B C   1 
ATOM   1243 O O   . GLU B 1 74 ? 15.881  6.102   -2.437  1.00 29.77 ? 74   GLU B O   1 
ATOM   1244 C CB  . GLU B 1 74 ? 12.802  6.254   -3.547  1.00 31.16 ? 74   GLU B CB  1 
ATOM   1245 C CG  . GLU B 1 74 ? 11.814  5.447   -4.388  1.00 33.06 ? 74   GLU B CG  1 
ATOM   1246 C CD  . GLU B 1 74 ? 10.965  6.303   -5.314  1.00 33.34 ? 74   GLU B CD  1 
ATOM   1247 O OE1 . GLU B 1 74 ? 10.620  7.441   -4.959  1.00 36.23 ? 74   GLU B OE1 1 
ATOM   1248 O OE2 . GLU B 1 74 ? 10.612  5.818   -6.404  1.00 38.16 ? 74   GLU B OE2 1 
ATOM   1249 N N   . ALA B 1 75 ? 14.480  6.999   -0.911  1.00 29.15 ? 75   ALA B N   1 
ATOM   1250 C CA  . ALA B 1 75 ? 15.545  7.781   -0.253  1.00 28.94 ? 75   ALA B CA  1 
ATOM   1251 C C   . ALA B 1 75 ? 16.583  6.846   0.369   1.00 28.47 ? 75   ALA B C   1 
ATOM   1252 O O   . ALA B 1 75 ? 17.791  7.121   0.338   1.00 27.73 ? 75   ALA B O   1 
ATOM   1253 C CB  . ALA B 1 75 ? 14.959  8.771   0.812   1.00 28.04 ? 75   ALA B CB  1 
ATOM   1254 N N   . GLN B 1 76 ? 16.114  5.730   0.923   1.00 27.85 ? 76   GLN B N   1 
ATOM   1255 C CA  . GLN B 1 76 ? 16.996  4.726   1.554   1.00 26.85 ? 76   GLN B CA  1 
ATOM   1256 C C   . GLN B 1 76 ? 17.922  4.015   0.587   1.00 26.63 ? 76   GLN B C   1 
ATOM   1257 O O   . GLN B 1 76 ? 19.069  3.731   0.919   1.00 25.52 ? 76   GLN B O   1 
ATOM   1258 C CB  . GLN B 1 76 ? 16.178  3.694   2.288   1.00 27.75 ? 76   GLN B CB  1 
ATOM   1259 C CG  . GLN B 1 76 ? 15.816  4.132   3.650   1.00 29.11 ? 76   GLN B CG  1 
ATOM   1260 C CD  . GLN B 1 76 ? 15.218  3.028   4.438   1.00 32.34 ? 76   GLN B CD  1 
ATOM   1261 O OE1 . GLN B 1 76 ? 15.829  2.545   5.396   1.00 33.78 ? 76   GLN B OE1 1 
ATOM   1262 N NE2 . GLN B 1 76 ? 14.016  2.587   4.041   1.00 30.92 ? 76   GLN B NE2 1 
ATOM   1263 N N   . VAL B 1 77 ? 17.400  3.732   -0.602  1.00 26.06 ? 77   VAL B N   1 
ATOM   1264 C CA  . VAL B 1 77 ? 18.157  3.132   -1.674  1.00 26.45 ? 77   VAL B CA  1 
ATOM   1265 C C   . VAL B 1 77 ? 19.157  4.124   -2.288  1.00 26.62 ? 77   VAL B C   1 
ATOM   1266 O O   . VAL B 1 77 ? 20.271  3.754   -2.625  1.00 25.36 ? 77   VAL B O   1 
ATOM   1267 C CB  . VAL B 1 77 ? 17.205  2.556   -2.784  1.00 26.12 ? 77   VAL B CB  1 
ATOM   1268 C CG1 . VAL B 1 77 ? 17.993  2.175   -4.007  1.00 24.85 ? 77   VAL B CG1 1 
ATOM   1269 C CG2 . VAL B 1 77 ? 16.389  1.337   -2.249  1.00 23.64 ? 77   VAL B CG2 1 
ATOM   1270 N N   . LYS B 1 78 ? 18.746  5.384   -2.457  1.00 26.82 ? 78   LYS B N   1 
ATOM   1271 C CA  . LYS B 1 78 ? 19.650  6.418   -2.967  1.00 27.48 ? 78   LYS B CA  1 
ATOM   1272 C C   . LYS B 1 78 ? 20.840  6.638   -2.019  1.00 26.02 ? 78   LYS B C   1 
ATOM   1273 O O   . LYS B 1 78 ? 21.930  6.842   -2.472  1.00 26.04 ? 78   LYS B O   1 
ATOM   1274 C CB  . LYS B 1 78 ? 18.859  7.693   -3.279  1.00 28.16 ? 78   LYS B CB  1 
ATOM   1275 C CG  . LYS B 1 78 ? 19.645  8.949   -3.617  1.00 30.51 ? 78   LYS B CG  1 
ATOM   1276 C CD  . LYS B 1 78 ? 18.767  10.202  -3.357  1.00 31.34 ? 78   LYS B CD  1 
ATOM   1277 C CE  . LYS B 1 78 ? 19.545  11.510  -3.626  1.00 37.09 ? 78   LYS B CE  1 
ATOM   1278 N NZ  . LYS B 1 78 ? 19.198  12.100  -4.973  1.00 40.27 ? 78   LYS B NZ  1 
ATOM   1279 N N   . ASN B 1 79 ? 20.623  6.546   -0.717  1.00 25.59 ? 79   ASN B N   1 
ATOM   1280 C CA  . ASN B 1 79 ? 21.687  6.626   0.285   1.00 25.77 ? 79   ASN B CA  1 
ATOM   1281 C C   . ASN B 1 79 ? 22.687  5.475   0.143   1.00 24.92 ? 79   ASN B C   1 
ATOM   1282 O O   . ASN B 1 79 ? 23.898  5.685   0.181   1.00 23.08 ? 79   ASN B O   1 
ATOM   1283 C CB  . ASN B 1 79 ? 21.069  6.585   1.680   1.00 26.19 ? 79   ASN B CB  1 
ATOM   1284 C CG  . ASN B 1 79 ? 22.091  6.688   2.788   1.00 30.43 ? 79   ASN B CG  1 
ATOM   1285 O OD1 . ASN B 1 79 ? 22.449  5.686   3.392   1.00 38.19 ? 79   ASN B OD1 1 
ATOM   1286 N ND2 . ASN B 1 79 ? 22.554  7.908   3.090   1.00 34.48 ? 79   ASN B ND2 1 
ATOM   1287 N N   . ILE B 1 80 ? 22.186  4.250   -0.048  1.00 23.54 ? 80   ILE B N   1 
ATOM   1288 C CA  . ILE B 1 80 ? 23.111  3.121   -0.228  1.00 24.54 ? 80   ILE B CA  1 
ATOM   1289 C C   . ILE B 1 80 ? 23.910  3.264   -1.484  1.00 22.17 ? 80   ILE B C   1 
ATOM   1290 O O   . ILE B 1 80 ? 25.075  2.902   -1.560  1.00 22.15 ? 80   ILE B O   1 
ATOM   1291 C CB  . ILE B 1 80 ? 22.373  1.767   -0.378  1.00 25.13 ? 80   ILE B CB  1 
ATOM   1292 C CG1 . ILE B 1 80 ? 21.675  1.356   0.897   1.00 25.65 ? 80   ILE B CG1 1 
ATOM   1293 C CG2 . ILE B 1 80 ? 23.401  0.662   -0.724  1.00 28.84 ? 80   ILE B CG2 1 
ATOM   1294 C CD1 . ILE B 1 80 ? 20.837  0.028   0.647   1.00 27.69 ? 80   ILE B CD1 1 
ATOM   1295 N N   . LYS B 1 81 ? 23.229  3.685   -2.522  1.00 21.74 ? 81   LYS B N   1 
ATOM   1296 C CA  . LYS B 1 81 ? 23.821  3.872   -3.800  1.00 22.52 ? 81   LYS B CA  1 
ATOM   1297 C C   . LYS B 1 81 ? 24.948  4.943   -3.736  1.00 21.63 ? 81   LYS B C   1 
ATOM   1298 O O   . LYS B 1 81 ? 26.030  4.775   -4.333  1.00 20.92 ? 81   LYS B O   1 
ATOM   1299 C CB  . LYS B 1 81 ? 22.700  4.307   -4.704  1.00 22.83 ? 81   LYS B CB  1 
ATOM   1300 C CG  . LYS B 1 81 ? 22.899  4.080   -6.157  1.00 29.45 ? 81   LYS B CG  1 
ATOM   1301 C CD  . LYS B 1 81 ? 21.647  4.512   -6.932  1.00 35.02 ? 81   LYS B CD  1 
ATOM   1302 C CE  . LYS B 1 81 ? 20.547  3.429   -6.883  1.00 39.17 ? 81   LYS B CE  1 
ATOM   1303 N NZ  . LYS B 1 81 ? 19.670  3.497   -8.080  1.00 41.67 ? 81   LYS B NZ  1 
ATOM   1304 N N   . GLN B 1 82 ? 24.703  6.030   -3.001  1.00 19.51 ? 82   GLN B N   1 
ATOM   1305 C CA  . GLN B 1 82 ? 25.730  7.056   -2.827  1.00 19.28 ? 82   GLN B CA  1 
ATOM   1306 C C   . GLN B 1 82 ? 26.905  6.485   -2.070  1.00 19.17 ? 82   GLN B C   1 
ATOM   1307 O O   . GLN B 1 82 ? 28.085  6.828   -2.356  1.00 18.67 ? 82   GLN B O   1 
ATOM   1308 C CB  . GLN B 1 82 ? 25.173  8.240   -2.035  1.00 18.87 ? 82   GLN B CB  1 
ATOM   1309 C CG  . GLN B 1 82 ? 24.310  9.145   -2.866  1.00 21.06 ? 82   GLN B CG  1 
ATOM   1310 C CD  . GLN B 1 82 ? 23.367  10.014  -2.044  1.00 24.63 ? 82   GLN B CD  1 
ATOM   1311 O OE1 . GLN B 1 82 ? 23.437  10.039  -0.819  1.00 29.03 ? 82   GLN B OE1 1 
ATOM   1312 N NE2 . GLN B 1 82 ? 22.475  10.722  -2.722  1.00 22.52 ? 82   GLN B NE2 1 
ATOM   1313 N N   . GLN B 1 83 ? 26.579  5.668   -1.060  1.00 18.80 ? 83   GLN B N   1 
ATOM   1314 C CA  . GLN B 1 83 ? 27.607  5.060   -0.225  1.00 21.02 ? 83   GLN B CA  1 
ATOM   1315 C C   . GLN B 1 83 ? 28.463  4.106   -1.072  1.00 21.02 ? 83   GLN B C   1 
ATOM   1316 O O   . GLN B 1 83 ? 29.681  4.093   -0.958  1.00 21.52 ? 83   GLN B O   1 
ATOM   1317 C CB  . GLN B 1 83 ? 26.971  4.301   0.946   1.00 21.24 ? 83   GLN B CB  1 
ATOM   1318 C CG  . GLN B 1 83 ? 28.026  3.609   1.850   1.00 22.91 ? 83   GLN B CG  1 
ATOM   1319 C CD  . GLN B 1 83 ? 27.432  2.818   2.989   1.00 22.60 ? 83   GLN B CD  1 
ATOM   1320 O OE1 . GLN B 1 83 ? 26.210  2.696   3.125   1.00 26.91 ? 83   GLN B OE1 1 
ATOM   1321 N NE2 . GLN B 1 83 ? 28.291  2.246   3.797   1.00 26.18 ? 83   GLN B NE2 1 
ATOM   1322 N N   . LEU B 1 84 ? 27.836  3.353   -1.973  1.00 20.70 ? 84   LEU B N   1 
ATOM   1323 C CA  . LEU B 1 84 ? 28.556  2.444   -2.900  1.00 20.71 ? 84   LEU B CA  1 
ATOM   1324 C C   . LEU B 1 84 ? 29.437  3.192   -3.892  1.00 21.37 ? 84   LEU B C   1 
ATOM   1325 O O   . LEU B 1 84 ? 30.586  2.794   -4.146  1.00 20.57 ? 84   LEU B O   1 
ATOM   1326 C CB  . LEU B 1 84 ? 27.576  1.548   -3.693  1.00 20.79 ? 84   LEU B CB  1 
ATOM   1327 C CG  . LEU B 1 84 ? 28.157  0.789   -4.923  1.00 20.96 ? 84   LEU B CG  1 
ATOM   1328 C CD1 . LEU B 1 84 ? 29.192  -0.271  -4.519  1.00 19.66 ? 84   LEU B CD1 1 
ATOM   1329 C CD2 . LEU B 1 84 ? 27.068  0.147   -5.791  1.00 23.16 ? 84   LEU B CD2 1 
ATOM   1330 N N   . ASP B 1 85 ? 28.873  4.248   -4.495  1.00 22.06 ? 85   ASP B N   1 
ATOM   1331 C CA  . ASP B 1 85 ? 29.576  5.036   -5.518  1.00 21.91 ? 85   ASP B CA  1 
ATOM   1332 C C   . ASP B 1 85 ? 30.830  5.725   -4.992  1.00 21.95 ? 85   ASP B C   1 
ATOM   1333 O O   . ASP B 1 85 ? 31.804  5.930   -5.779  1.00 22.33 ? 85   ASP B O   1 
ATOM   1334 C CB  . ASP B 1 85 ? 28.650  6.102   -6.103  1.00 23.18 ? 85   ASP B CB  1 
ATOM   1335 C CG  . ASP B 1 85 ? 27.543  5.501   -6.976  1.00 26.31 ? 85   ASP B CG  1 
ATOM   1336 O OD1 . ASP B 1 85 ? 27.733  4.380   -7.462  1.00 30.51 ? 85   ASP B OD1 1 
ATOM   1337 O OD2 . ASP B 1 85 ? 26.478  6.116   -7.151  1.00 27.69 ? 85   ASP B OD2 1 
ATOM   1338 N N   . ALA B 1 86 ? 30.813  6.085   -3.698  1.00 20.01 ? 86   ALA B N   1 
ATOM   1339 C CA  . ALA B 1 86 ? 31.980  6.754   -3.061  1.00 21.07 ? 86   ALA B CA  1 
ATOM   1340 C C   . ALA B 1 86 ? 33.080  5.726   -2.758  1.00 21.06 ? 86   ALA B C   1 
ATOM   1341 O O   . ALA B 1 86 ? 34.272  6.008   -2.978  1.00 19.44 ? 86   ALA B O   1 
ATOM   1342 C CB  . ALA B 1 86 ? 31.593  7.525   -1.757  1.00 17.53 ? 86   ALA B CB  1 
ATOM   1343 N N   . LEU B 1 87 ? 32.658  4.557   -2.244  1.00 21.53 ? 87   LEU B N   1 
ATOM   1344 C CA  . LEU B 1 87 ? 33.512  3.394   -2.116  1.00 22.62 ? 87   LEU B CA  1 
ATOM   1345 C C   . LEU B 1 87 ? 34.169  2.956   -3.436  1.00 23.15 ? 87   LEU B C   1 
ATOM   1346 O O   . LEU B 1 87 ? 35.360  2.653   -3.479  1.00 24.92 ? 87   LEU B O   1 
ATOM   1347 C CB  . LEU B 1 87 ? 32.729  2.238   -1.455  1.00 23.52 ? 87   LEU B CB  1 
ATOM   1348 C CG  . LEU B 1 87 ? 33.496  0.977   -0.999  1.00 25.31 ? 87   LEU B CG  1 
ATOM   1349 C CD1 . LEU B 1 87 ? 34.529  1.346   0.041   1.00 22.14 ? 87   LEU B CD1 1 
ATOM   1350 C CD2 . LEU B 1 87 ? 32.538  -0.063  -0.447  1.00 23.38 ? 87   LEU B CD2 1 
ATOM   1351 N N   . LYS B 1 88 ? 33.412  2.924   -4.519  1.00 22.84 ? 88   LYS B N   1 
ATOM   1352 C CA  . LYS B 1 88 ? 33.965  2.522   -5.776  1.00 22.39 ? 88   LYS B CA  1 
ATOM   1353 C C   . LYS B 1 88 ? 35.102  3.489   -6.117  1.00 22.81 ? 88   LYS B C   1 
ATOM   1354 O O   . LYS B 1 88 ? 36.189  3.056   -6.494  1.00 22.41 ? 88   LYS B O   1 
ATOM   1355 C CB  . LYS B 1 88 ? 32.901  2.530   -6.872  1.00 21.74 ? 88   LYS B CB  1 
ATOM   1356 C CG  . LYS B 1 88 ? 32.383  1.162   -7.195  1.00 23.51 ? 88   LYS B CG  1 
ATOM   1357 C CD  . LYS B 1 88 ? 31.044  1.183   -7.866  1.00 25.23 ? 88   LYS B CD  1 
ATOM   1358 C CE  . LYS B 1 88 ? 31.179  1.164   -9.414  1.00 23.98 ? 88   LYS B CE  1 
ATOM   1359 N NZ  . LYS B 1 88 ? 29.854  1.392   -10.073 1.00 26.28 ? 88   LYS B NZ  1 
ATOM   1360 N N   . LEU B 1 89 ? 34.849  4.786   -5.957  1.00 21.07 ? 89   LEU B N   1 
ATOM   1361 C CA  . LEU B 1 89 ? 35.882  5.783   -6.216  1.00 21.73 ? 89   LEU B CA  1 
ATOM   1362 C C   . LEU B 1 89 ? 37.103  5.660   -5.309  1.00 21.64 ? 89   LEU B C   1 
ATOM   1363 O O   . LEU B 1 89 ? 38.226  5.717   -5.778  1.00 22.61 ? 89   LEU B O   1 
ATOM   1364 C CB  . LEU B 1 89 ? 35.273  7.177   -6.137  1.00 20.84 ? 89   LEU B CB  1 
ATOM   1365 C CG  . LEU B 1 89 ? 36.124  8.385   -6.491  1.00 24.26 ? 89   LEU B CG  1 
ATOM   1366 C CD1 . LEU B 1 89 ? 36.569  8.311   -7.918  1.00 22.85 ? 89   LEU B CD1 1 
ATOM   1367 C CD2 . LEU B 1 89 ? 35.249  9.668   -6.159  1.00 21.76 ? 89   LEU B CD2 1 
ATOM   1368 N N   . ARG B 1 90 ? 36.879  5.484   -4.009  1.00 21.63 ? 90   ARG B N   1 
ATOM   1369 C CA  . ARG B 1 90 ? 37.933  5.181   -3.066  1.00 22.23 ? 90   ARG B CA  1 
ATOM   1370 C C   . ARG B 1 90 ? 38.772  3.949   -3.467  1.00 22.22 ? 90   ARG B C   1 
ATOM   1371 O O   . ARG B 1 90 ? 40.009  3.990   -3.526  1.00 21.84 ? 90   ARG B O   1 
ATOM   1372 C CB  . ARG B 1 90 ? 37.294  4.946   -1.697  1.00 21.90 ? 90   ARG B CB  1 
ATOM   1373 C CG  . ARG B 1 90 ? 38.153  5.463   -0.582  1.00 26.76 ? 90   ARG B CG  1 
ATOM   1374 C CD  . ARG B 1 90 ? 37.615  5.221   0.795   1.00 26.09 ? 90   ARG B CD  1 
ATOM   1375 N NE  . ARG B 1 90 ? 38.781  5.275   1.670   1.00 26.44 ? 90   ARG B NE  1 
ATOM   1376 C CZ  . ARG B 1 90 ? 38.945  4.579   2.776   1.00 29.19 ? 90   ARG B CZ  1 
ATOM   1377 N NH1 . ARG B 1 90 ? 38.024  3.704   3.180   1.00 29.29 ? 90   ARG B NH1 1 
ATOM   1378 N NH2 . ARG B 1 90 ? 40.070  4.718   3.448   1.00 29.05 ? 90   ARG B NH2 1 
ATOM   1379 N N   . PHE B 1 91 ? 38.089  2.851   -3.751  1.00 21.87 ? 91   PHE B N   1 
ATOM   1380 C CA  . PHE B 1 91 ? 38.734  1.667   -4.340  1.00 22.83 ? 91   PHE B CA  1 
ATOM   1381 C C   . PHE B 1 91 ? 39.546  1.985   -5.613  1.00 23.36 ? 91   PHE B C   1 
ATOM   1382 O O   . PHE B 1 91 ? 40.677  1.511   -5.769  1.00 22.46 ? 91   PHE B O   1 
ATOM   1383 C CB  . PHE B 1 91 ? 37.702  0.550   -4.571  1.00 22.21 ? 91   PHE B CB  1 
ATOM   1384 C CG  . PHE B 1 91 ? 38.255  -0.685  -5.293  1.00 26.42 ? 91   PHE B CG  1 
ATOM   1385 C CD1 . PHE B 1 91 ? 39.084  -1.583  -4.630  1.00 25.08 ? 91   PHE B CD1 1 
ATOM   1386 C CD2 . PHE B 1 91 ? 37.895  -0.956  -6.612  1.00 26.30 ? 91   PHE B CD2 1 
ATOM   1387 C CE1 . PHE B 1 91 ? 39.577  -2.721  -5.272  1.00 26.67 ? 91   PHE B CE1 1 
ATOM   1388 C CE2 . PHE B 1 91 ? 38.375  -2.086  -7.270  1.00 29.21 ? 91   PHE B CE2 1 
ATOM   1389 C CZ  . PHE B 1 91 ? 39.226  -2.986  -6.587  1.00 26.47 ? 91   PHE B CZ  1 
ATOM   1390 N N   . ASP B 1 92 ? 38.990  2.814   -6.499  1.00 24.15 ? 92   ASP B N   1 
ATOM   1391 C CA  . ASP B 1 92 ? 39.699  3.267   -7.688  1.00 25.67 ? 92   ASP B CA  1 
ATOM   1392 C C   . ASP B 1 92 ? 41.000  3.957   -7.308  1.00 26.68 ? 92   ASP B C   1 
ATOM   1393 O O   . ASP B 1 92 ? 41.987  3.876   -8.028  1.00 26.57 ? 92   ASP B O   1 
ATOM   1394 C CB  . ASP B 1 92 ? 38.857  4.275   -8.477  1.00 25.73 ? 92   ASP B CB  1 
ATOM   1395 C CG  . ASP B 1 92 ? 37.688  3.626   -9.249  1.00 27.78 ? 92   ASP B CG  1 
ATOM   1396 O OD1 . ASP B 1 92 ? 37.622  2.369   -9.325  1.00 29.61 ? 92   ASP B OD1 1 
ATOM   1397 O OD2 . ASP B 1 92 ? 36.843  4.394   -9.801  1.00 24.14 ? 92   ASP B OD2 1 
ATOM   1398 N N   . ARG B 1 93 ? 40.998  4.652   -6.179  1.00 27.70 ? 93   ARG B N   1 
ATOM   1399 C CA  . ARG B 1 93 ? 42.162  5.448   -5.789  1.00 28.73 ? 93   ARG B CA  1 
ATOM   1400 C C   . ARG B 1 93 ? 43.166  4.679   -4.919  1.00 30.74 ? 93   ARG B C   1 
ATOM   1401 O O   . ARG B 1 93 ? 44.054  5.261   -4.317  1.00 31.28 ? 93   ARG B O   1 
ATOM   1402 C CB  . ARG B 1 93 ? 41.698  6.769   -5.169  1.00 28.24 ? 93   ARG B CB  1 
ATOM   1403 C CG  . ARG B 1 93 ? 40.854  7.628   -6.167  1.00 28.06 ? 93   ARG B CG  1 
ATOM   1404 C CD  . ARG B 1 93 ? 40.128  8.775   -5.507  1.00 27.19 ? 93   ARG B CD  1 
ATOM   1405 N NE  . ARG B 1 93 ? 39.736  9.826   -6.459  1.00 23.75 ? 93   ARG B NE  1 
ATOM   1406 C CZ  . ARG B 1 93 ? 38.941  10.840  -6.157  1.00 22.07 ? 93   ARG B CZ  1 
ATOM   1407 N NH1 . ARG B 1 93 ? 38.435  10.934  -4.938  1.00 21.67 ? 93   ARG B NH1 1 
ATOM   1408 N NH2 . ARG B 1 93 ? 38.653  11.758  -7.058  1.00 23.07 ? 93   ARG B NH2 1 
ATOM   1409 N N   . ARG B 1 94 ? 43.035  3.353   -4.863  1.00 33.03 ? 94   ARG B N   1 
ATOM   1410 C CA  . ARG B 1 94 ? 43.939  2.521   -4.070  1.00 35.40 ? 94   ARG B CA  1 
ATOM   1411 C C   . ARG B 1 94 ? 45.388  2.702   -4.562  1.00 35.54 ? 94   ARG B C   1 
ATOM   1412 O O   . ARG B 1 94 ? 45.621  2.650   -5.783  1.00 37.34 ? 94   ARG B O   1 
ATOM   1413 C CB  . ARG B 1 94 ? 43.578  1.051   -4.258  1.00 36.15 ? 94   ARG B CB  1 
ATOM   1414 C CG  . ARG B 1 94 ? 42.484  0.573   -3.422  1.00 38.65 ? 94   ARG B CG  1 
ATOM   1415 C CD  . ARG B 1 94 ? 42.564  -0.926  -3.384  1.00 43.53 ? 94   ARG B CD  1 
ATOM   1416 N NE  . ARG B 1 94 ? 43.136  -1.399  -2.123  1.00 47.68 ? 94   ARG B NE  1 
ATOM   1417 C CZ  . ARG B 1 94 ? 43.241  -2.683  -1.800  1.00 49.68 ? 94   ARG B CZ  1 
ATOM   1418 N NH1 . ARG B 1 94 ? 42.806  -3.619  -2.642  1.00 49.89 ? 94   ARG B NH1 1 
ATOM   1419 N NH2 . ARG B 1 94 ? 43.772  -3.029  -0.640  1.00 49.64 ? 94   ARG B NH2 1 
HETATM 1420 O O   . HOH C 2 .  ? 9.458   -5.362  2.283   1.00 37.05 ? 2001 HOH A O   1 
HETATM 1421 O O   . HOH C 2 .  ? 16.938  -0.668  7.202   1.00 25.38 ? 2002 HOH A O   1 
HETATM 1422 O O   . HOH C 2 .  ? 19.568  0.814   7.372   1.00 36.10 ? 2003 HOH A O   1 
HETATM 1423 O O   . HOH C 2 .  ? 23.867  -0.979  8.476   1.00 47.77 ? 2004 HOH A O   1 
HETATM 1424 O O   . HOH C 2 .  ? 29.456  -2.573  9.294   1.00 54.83 ? 2005 HOH A O   1 
HETATM 1425 O O   . HOH C 2 .  ? 27.662  -13.529 -9.576  1.00 32.81 ? 2006 HOH A O   1 
HETATM 1426 O O   . HOH C 2 .  ? 36.240  -4.610  7.544   1.00 29.84 ? 2007 HOH A O   1 
HETATM 1427 O O   . HOH C 2 .  ? 15.289  -6.751  -2.920  1.00 27.76 ? 2008 HOH A O   1 
HETATM 1428 O O   . HOH C 2 .  ? 33.736  5.179   0.876   1.00 25.41 ? 2009 HOH A O   1 
HETATM 1429 O O   . HOH C 2 .  ? 35.080  -3.793  9.561   1.00 44.52 ? 2010 HOH A O   1 
HETATM 1430 O O   . HOH C 2 .  ? 40.798  -7.847  7.058   1.00 57.79 ? 2011 HOH A O   1 
HETATM 1431 O O   . HOH C 2 .  ? 45.717  2.246   -1.745  1.00 42.79 ? 2012 HOH A O   1 
HETATM 1432 O O   . HOH C 2 .  ? 42.906  -1.994  -6.543  1.00 50.67 ? 2013 HOH A O   1 
HETATM 1433 O O   . HOH C 2 .  ? 43.457  -9.549  -7.716  1.00 40.37 ? 2014 HOH A O   1 
HETATM 1434 O O   . HOH C 2 .  ? 33.312  -4.088  -9.711  1.00 34.49 ? 2015 HOH A O   1 
HETATM 1435 O O   . HOH C 2 .  ? 33.660  -8.983  -11.128 1.00 50.01 ? 2016 HOH A O   1 
HETATM 1436 O O   . HOH C 2 .  ? 36.210  -12.757 -6.027  1.00 36.73 ? 2017 HOH A O   1 
HETATM 1437 O O   . HOH C 2 .  ? 32.105  -12.355 -4.107  1.00 30.73 ? 2018 HOH A O   1 
HETATM 1438 O O   . HOH C 2 .  ? 30.638  -10.750 -8.830  1.00 33.82 ? 2019 HOH A O   1 
HETATM 1439 O O   . HOH C 2 .  ? 29.860  -13.439 -6.696  1.00 28.96 ? 2020 HOH A O   1 
HETATM 1440 O O   . HOH C 2 .  ? 24.068  -10.034 -6.131  1.00 34.75 ? 2021 HOH A O   1 
HETATM 1441 O O   . HOH C 2 .  ? 18.155  -6.848  -2.859  1.00 28.11 ? 2022 HOH A O   1 
HETATM 1442 O O   . HOH C 2 .  ? 13.697  -7.057  -7.075  1.00 32.82 ? 2023 HOH A O   1 
HETATM 1443 O O   . HOH C 2 .  ? 18.811  -9.090  -4.381  1.00 24.88 ? 2024 HOH A O   1 
HETATM 1444 O O   . HOH C 2 .  ? 12.733  2.160   -7.959  1.00 30.93 ? 2025 HOH A O   1 
HETATM 1445 O O   . HOH C 2 .  ? 2.655   -4.166  -2.684  1.00 68.15 ? 2026 HOH A O   1 
HETATM 1446 O O   . HOH C 2 .  ? -2.154  -1.389  -0.682  1.00 49.48 ? 2027 HOH A O   1 
HETATM 1447 O O   . HOH C 2 .  ? -10.988 0.822   -9.799  1.00 34.72 ? 2028 HOH A O   1 
HETATM 1448 O O   . HOH C 2 .  ? -21.303 2.886   -9.017  1.00 35.75 ? 2029 HOH A O   1 
HETATM 1449 O O   . HOH C 2 .  ? -17.106 5.754   -6.897  1.00 51.75 ? 2030 HOH A O   1 
HETATM 1450 O O   . HOH C 2 .  ? -21.253 -2.279  -13.835 1.00 33.54 ? 2031 HOH A O   1 
HETATM 1451 O O   . HOH C 2 .  ? -29.330 -3.564  -4.261  1.00 18.09 ? 2032 HOH A O   1 
HETATM 1452 O O   . HOH C 2 .  ? -33.543 -2.003  -8.554  1.00 21.85 ? 2033 HOH A O   1 
HETATM 1453 O O   . HOH C 2 .  ? -39.124 -5.176  -6.318  1.00 38.10 ? 2034 HOH A O   1 
HETATM 1454 O O   . HOH C 2 .  ? -41.371 3.404   -1.418  1.00 43.21 ? 2035 HOH A O   1 
HETATM 1455 O O   . HOH D 2 .  ? -6.247  -0.631  9.544   1.00 55.14 ? 2001 HOH B O   1 
HETATM 1456 O O   . HOH D 2 .  ? -32.642 -4.495  -7.347  1.00 22.91 ? 2002 HOH B O   1 
HETATM 1457 O O   . HOH D 2 .  ? -23.822 -5.382  8.856   1.00 41.76 ? 2003 HOH B O   1 
HETATM 1458 O O   . HOH D 2 .  ? -42.212 -4.224  -3.555  1.00 32.21 ? 2004 HOH B O   1 
HETATM 1459 O O   . HOH D 2 .  ? -21.180 -10.664 5.258   1.00 56.85 ? 2005 HOH B O   1 
HETATM 1460 O O   . HOH D 2 .  ? -31.966 -3.820  -5.023  1.00 36.54 ? 2006 HOH B O   1 
HETATM 1461 O O   . HOH D 2 .  ? -42.203 -6.847  -2.491  1.00 41.52 ? 2007 HOH B O   1 
HETATM 1462 O O   . HOH D 2 .  ? -46.695 -6.637  2.312   1.00 46.10 ? 2008 HOH B O   1 
HETATM 1463 O O   . HOH D 2 .  ? -44.739 -8.586  0.832   1.00 47.96 ? 2009 HOH B O   1 
HETATM 1464 O O   . HOH D 2 .  ? -47.713 0.742   1.524   1.00 53.98 ? 2010 HOH B O   1 
HETATM 1465 O O   . HOH D 2 .  ? -47.833 -5.271  11.199  1.00 35.74 ? 2011 HOH B O   1 
HETATM 1466 O O   . HOH D 2 .  ? -48.967 -0.723  11.528  1.00 46.60 ? 2012 HOH B O   1 
HETATM 1467 O O   . HOH D 2 .  ? -45.162 2.746   7.916   1.00 50.11 ? 2013 HOH B O   1 
HETATM 1468 O O   . HOH D 2 .  ? -44.689 1.679   14.458  1.00 41.54 ? 2014 HOH B O   1 
HETATM 1469 O O   . HOH D 2 .  ? -36.807 -2.395  10.017  1.00 37.52 ? 2015 HOH B O   1 
HETATM 1470 O O   . HOH D 2 .  ? -41.988 -0.773  1.817   1.00 36.53 ? 2016 HOH B O   1 
HETATM 1471 O O   . HOH D 2 .  ? -38.228 2.413   4.690   1.00 45.57 ? 2017 HOH B O   1 
HETATM 1472 O O   . HOH D 2 .  ? -32.091 3.122   12.609  1.00 60.66 ? 2018 HOH B O   1 
HETATM 1473 O O   . HOH D 2 .  ? -28.457 3.128   11.053  1.00 43.59 ? 2019 HOH B O   1 
HETATM 1474 O O   . HOH D 2 .  ? -24.233 5.743   12.328  1.00 46.39 ? 2020 HOH B O   1 
HETATM 1475 O O   . HOH D 2 .  ? -26.346 11.091  9.003   1.00 44.02 ? 2021 HOH B O   1 
HETATM 1476 O O   . HOH D 2 .  ? -16.032 11.078  -0.568  1.00 41.94 ? 2022 HOH B O   1 
HETATM 1477 O O   . HOH D 2 .  ? -11.353 7.679   -3.292  1.00 33.19 ? 2023 HOH B O   1 
HETATM 1478 O O   . HOH D 2 .  ? -9.523  11.833  2.417   1.00 29.08 ? 2024 HOH B O   1 
HETATM 1479 O O   . HOH D 2 .  ? -3.859  10.689  -1.414  1.00 36.22 ? 2025 HOH B O   1 
HETATM 1480 O O   . HOH D 2 .  ? -4.570  12.813  2.474   1.00 38.87 ? 2026 HOH B O   1 
HETATM 1481 O O   . HOH D 2 .  ? 9.181   4.174   3.627   1.00 38.84 ? 2027 HOH B O   1 
HETATM 1482 O O   . HOH D 2 .  ? 9.997   -2.530  -1.583  1.00 43.39 ? 2028 HOH B O   1 
HETATM 1483 O O   . HOH D 2 .  ? 16.062  5.732   -4.977  1.00 28.59 ? 2029 HOH B O   1 
HETATM 1484 O O   . HOH D 2 .  ? 20.083  3.606   3.287   1.00 30.06 ? 2030 HOH B O   1 
HETATM 1485 O O   . HOH D 2 .  ? 11.712  4.272   4.797   1.00 41.45 ? 2031 HOH B O   1 
HETATM 1486 O O   . HOH D 2 .  ? 20.813  1.074   -8.725  1.00 60.85 ? 2032 HOH B O   1 
HETATM 1487 O O   . HOH D 2 .  ? 31.017  2.671   3.370   1.00 27.52 ? 2033 HOH B O   1 
HETATM 1488 O O   . HOH D 2 .  ? 24.290  3.982   4.011   1.00 44.16 ? 2034 HOH B O   1 
HETATM 1489 O O   . HOH D 2 .  ? 31.348  4.659   1.124   1.00 22.54 ? 2035 HOH B O   1 
HETATM 1490 O O   . HOH D 2 .  ? 31.297  5.791   -8.321  1.00 19.43 ? 2036 HOH B O   1 
HETATM 1491 O O   . HOH D 2 .  ? 35.298  8.697   -2.551  1.00 21.41 ? 2037 HOH B O   1 
HETATM 1492 O O   . HOH D 2 .  ? 29.885  4.379   -9.770  1.00 52.22 ? 2038 HOH B O   1 
HETATM 1493 O O   . HOH D 2 .  ? 41.529  4.902   -1.524  1.00 32.83 ? 2039 HOH B O   1 
HETATM 1494 O O   . HOH D 2 .  ? 36.493  13.619  -6.761  1.00 23.72 ? 2040 HOH B O   1 
# 
loop_
_pdbx_poly_seq_scheme.asym_id 
_pdbx_poly_seq_scheme.entity_id 
_pdbx_poly_seq_scheme.seq_id 
_pdbx_poly_seq_scheme.mon_id 
_pdbx_poly_seq_scheme.ndb_seq_num 
_pdbx_poly_seq_scheme.pdb_seq_num 
_pdbx_poly_seq_scheme.auth_seq_num 
_pdbx_poly_seq_scheme.pdb_mon_id 
_pdbx_poly_seq_scheme.auth_mon_id 
_pdbx_poly_seq_scheme.pdb_strand_id 
_pdbx_poly_seq_scheme.pdb_ins_code 
_pdbx_poly_seq_scheme.hetero 
A 1 1  MET 1  1  ?  ?   ?   A . n 
A 1 2  ASN 2  2  ?  ?   ?   A . n 
A 1 3  ASN 3  3  ?  ?   ?   A . n 
A 1 4  SER 4  4  ?  ?   ?   A . n 
A 1 5  GLU 5  5  ?  ?   ?   A . n 
A 1 6  ASP 6  6  6  ASP ASP A . n 
A 1 7  PRO 7  7  7  PRO PRO A . n 
A 1 8  PHE 8  8  8  PHE PHE A . n 
A 1 9  GLN 9  9  9  GLN GLN A . n 
A 1 10 GLN 10 10 10 GLN GLN A . n 
A 1 11 VAL 11 11 11 VAL VAL A . n 
A 1 12 VAL 12 12 12 VAL VAL A . n 
A 1 13 LYS 13 13 13 LYS LYS A . n 
A 1 14 ASP 14 14 14 ASP ASP A . n 
A 1 15 THR 15 15 15 THR THR A . n 
A 1 16 LYS 16 16 16 LYS LYS A . n 
A 1 17 GLU 17 17 17 GLU GLU A . n 
A 1 18 GLN 18 18 18 GLN GLN A . n 
A 1 19 LEU 19 19 19 LEU LEU A . n 
A 1 20 ASN 20 20 20 ASN ASN A . n 
A 1 21 ARG 21 21 21 ARG ARG A . n 
A 1 22 ILE 22 22 22 ILE ILE A . n 
A 1 23 ASN 23 23 23 ASN ASN A . n 
A 1 24 ASN 24 24 24 ASN ASN A . n 
A 1 25 TYR 25 25 25 TYR TYR A . n 
A 1 26 ILE 26 26 26 ILE ILE A . n 
A 1 27 THR 27 27 27 THR THR A . n 
A 1 28 ARG 28 28 28 ARG ARG A . n 
A 1 29 HIS 29 29 29 HIS HIS A . n 
A 1 30 ASN 30 30 30 ASN ASN A . n 
A 1 31 THR 31 31 31 THR THR A . n 
A 1 32 ALA 32 32 32 ALA ALA A . n 
A 1 33 GLY 33 33 ?  ?   ?   A . n 
A 1 34 ASP 34 34 ?  ?   ?   A . n 
A 1 35 ASP 35 35 ?  ?   ?   A . n 
A 1 36 ASP 36 36 ?  ?   ?   A . n 
A 1 37 GLN 37 37 ?  ?   ?   A . n 
A 1 38 GLU 38 38 38 GLU GLU A . n 
A 1 39 GLU 39 39 39 GLU GLU A . n 
A 1 40 GLU 40 40 40 GLU GLU A . n 
A 1 41 ILE 41 41 41 ILE ILE A . n 
A 1 42 GLN 42 42 42 GLN GLN A . n 
A 1 43 ASP 43 43 43 ASP ASP A . n 
A 1 44 ILE 44 44 44 ILE ILE A . n 
A 1 45 LEU 45 45 45 LEU LEU A . n 
A 1 46 LYS 46 46 46 LYS LYS A . n 
A 1 47 ASP 47 47 47 ASP ASP A . n 
A 1 48 VAL 48 48 48 VAL VAL A . n 
A 1 49 GLU 49 49 49 GLU GLU A . n 
A 1 50 GLU 50 50 50 GLU GLU A . n 
A 1 51 THR 51 51 51 THR THR A . n 
A 1 52 ILE 52 52 52 ILE ILE A . n 
A 1 53 VAL 53 53 53 VAL VAL A . n 
A 1 54 ASP 54 54 54 ASP ASP A . n 
A 1 55 LEU 55 55 55 LEU LEU A . n 
A 1 56 ASP 56 56 56 ASP ASP A . n 
A 1 57 ARG 57 57 57 ARG ARG A . n 
A 1 58 SER 58 58 58 SER SER A . n 
A 1 59 ILE 59 59 59 ILE ILE A . n 
A 1 60 ILE 60 60 60 ILE ILE A . n 
A 1 61 VAL 61 61 61 VAL VAL A . n 
A 1 62 MET 62 62 62 MET MET A . n 
A 1 63 LYS 63 63 63 LYS LYS A . n 
A 1 64 ARG 64 64 64 ARG ARG A . n 
A 1 65 ASP 65 65 65 ASP ASP A . n 
A 1 66 GLU 66 66 66 GLU GLU A . n 
A 1 67 ASN 67 67 67 ASN ASN A . n 
A 1 68 GLU 68 68 68 GLU GLU A . n 
A 1 69 ASP 69 69 69 ASP ASP A . n 
A 1 70 VAL 70 70 70 VAL VAL A . n 
A 1 71 SER 71 71 71 SER SER A . n 
A 1 72 GLY 72 72 72 GLY GLY A . n 
A 1 73 ARG 73 73 73 ARG ARG A . n 
A 1 74 GLU 74 74 74 GLU GLU A . n 
A 1 75 ALA 75 75 75 ALA ALA A . n 
A 1 76 GLN 76 76 76 GLN GLN A . n 
A 1 77 VAL 77 77 77 VAL VAL A . n 
A 1 78 LYS 78 78 78 LYS LYS A . n 
A 1 79 ASN 79 79 79 ASN ASN A . n 
A 1 80 ILE 80 80 80 ILE ILE A . n 
A 1 81 LYS 81 81 81 LYS LYS A . n 
A 1 82 GLN 82 82 82 GLN GLN A . n 
A 1 83 GLN 83 83 83 GLN GLN A . n 
A 1 84 LEU 84 84 84 LEU LEU A . n 
A 1 85 ASP 85 85 85 ASP ASP A . n 
A 1 86 ALA 86 86 86 ALA ALA A . n 
A 1 87 LEU 87 87 87 LEU LEU A . n 
A 1 88 LYS 88 88 88 LYS LYS A . n 
A 1 89 LEU 89 89 89 LEU LEU A . n 
A 1 90 ARG 90 90 90 ARG ARG A . n 
A 1 91 PHE 91 91 91 PHE PHE A . n 
A 1 92 ASP 92 92 92 ASP ASP A . n 
A 1 93 ARG 93 93 ?  ?   ?   A . n 
A 1 94 ARG 94 94 ?  ?   ?   A . n 
A 1 95 ILE 95 95 ?  ?   ?   A . n 
B 1 1  MET 1  1  ?  ?   ?   B . n 
B 1 2  ASN 2  2  ?  ?   ?   B . n 
B 1 3  ASN 3  3  ?  ?   ?   B . n 
B 1 4  SER 4  4  ?  ?   ?   B . n 
B 1 5  GLU 5  5  ?  ?   ?   B . n 
B 1 6  ASP 6  6  6  ASP ASP B . n 
B 1 7  PRO 7  7  7  PRO PRO B . n 
B 1 8  PHE 8  8  8  PHE PHE B . n 
B 1 9  GLN 9  9  9  GLN GLN B . n 
B 1 10 GLN 10 10 10 GLN GLN B . n 
B 1 11 VAL 11 11 11 VAL VAL B . n 
B 1 12 VAL 12 12 12 VAL VAL B . n 
B 1 13 LYS 13 13 13 LYS LYS B . n 
B 1 14 ASP 14 14 14 ASP ASP B . n 
B 1 15 THR 15 15 15 THR THR B . n 
B 1 16 LYS 16 16 16 LYS LYS B . n 
B 1 17 GLU 17 17 17 GLU GLU B . n 
B 1 18 GLN 18 18 18 GLN GLN B . n 
B 1 19 LEU 19 19 19 LEU LEU B . n 
B 1 20 ASN 20 20 20 ASN ASN B . n 
B 1 21 ARG 21 21 21 ARG ARG B . n 
B 1 22 ILE 22 22 22 ILE ILE B . n 
B 1 23 ASN 23 23 23 ASN ASN B . n 
B 1 24 ASN 24 24 24 ASN ASN B . n 
B 1 25 TYR 25 25 25 TYR TYR B . n 
B 1 26 ILE 26 26 26 ILE ILE B . n 
B 1 27 THR 27 27 27 THR THR B . n 
B 1 28 ARG 28 28 28 ARG ARG B . n 
B 1 29 HIS 29 29 29 HIS HIS B . n 
B 1 30 ASN 30 30 30 ASN ASN B . n 
B 1 31 THR 31 31 31 THR THR B . n 
B 1 32 ALA 32 32 32 ALA ALA B . n 
B 1 33 GLY 33 33 33 GLY GLY B . n 
B 1 34 ASP 34 34 34 ASP ASP B . n 
B 1 35 ASP 35 35 35 ASP ASP B . n 
B 1 36 ASP 36 36 36 ASP ASP B . n 
B 1 37 GLN 37 37 37 GLN GLN B . n 
B 1 38 GLU 38 38 38 GLU GLU B . n 
B 1 39 GLU 39 39 39 GLU GLU B . n 
B 1 40 GLU 40 40 40 GLU GLU B . n 
B 1 41 ILE 41 41 41 ILE ILE B . n 
B 1 42 GLN 42 42 42 GLN GLN B . n 
B 1 43 ASP 43 43 43 ASP ASP B . n 
B 1 44 ILE 44 44 44 ILE ILE B . n 
B 1 45 LEU 45 45 45 LEU LEU B . n 
B 1 46 LYS 46 46 46 LYS LYS B . n 
B 1 47 ASP 47 47 47 ASP ASP B . n 
B 1 48 VAL 48 48 48 VAL VAL B . n 
B 1 49 GLU 49 49 49 GLU GLU B . n 
B 1 50 GLU 50 50 50 GLU GLU B . n 
B 1 51 THR 51 51 51 THR THR B . n 
B 1 52 ILE 52 52 52 ILE ILE B . n 
B 1 53 VAL 53 53 53 VAL VAL B . n 
B 1 54 ASP 54 54 54 ASP ASP B . n 
B 1 55 LEU 55 55 55 LEU LEU B . n 
B 1 56 ASP 56 56 56 ASP ASP B . n 
B 1 57 ARG 57 57 57 ARG ARG B . n 
B 1 58 SER 58 58 58 SER SER B . n 
B 1 59 ILE 59 59 59 ILE ILE B . n 
B 1 60 ILE 60 60 60 ILE ILE B . n 
B 1 61 VAL 61 61 61 VAL VAL B . n 
B 1 62 MET 62 62 62 MET MET B . n 
B 1 63 LYS 63 63 63 LYS LYS B . n 
B 1 64 ARG 64 64 64 ARG ARG B . n 
B 1 65 ASP 65 65 65 ASP ASP B . n 
B 1 66 GLU 66 66 66 GLU GLU B . n 
B 1 67 ASN 67 67 67 ASN ASN B . n 
B 1 68 GLU 68 68 68 GLU GLU B . n 
B 1 69 ASP 69 69 69 ASP ASP B . n 
B 1 70 VAL 70 70 70 VAL VAL B . n 
B 1 71 SER 71 71 71 SER SER B . n 
B 1 72 GLY 72 72 72 GLY GLY B . n 
B 1 73 ARG 73 73 73 ARG ARG B . n 
B 1 74 GLU 74 74 74 GLU GLU B . n 
B 1 75 ALA 75 75 75 ALA ALA B . n 
B 1 76 GLN 76 76 76 GLN GLN B . n 
B 1 77 VAL 77 77 77 VAL VAL B . n 
B 1 78 LYS 78 78 78 LYS LYS B . n 
B 1 79 ASN 79 79 79 ASN ASN B . n 
B 1 80 ILE 80 80 80 ILE ILE B . n 
B 1 81 LYS 81 81 81 LYS LYS B . n 
B 1 82 GLN 82 82 82 GLN GLN B . n 
B 1 83 GLN 83 83 83 GLN GLN B . n 
B 1 84 LEU 84 84 84 LEU LEU B . n 
B 1 85 ASP 85 85 85 ASP ASP B . n 
B 1 86 ALA 86 86 86 ALA ALA B . n 
B 1 87 LEU 87 87 87 LEU LEU B . n 
B 1 88 LYS 88 88 88 LYS LYS B . n 
B 1 89 LEU 89 89 89 LEU LEU B . n 
B 1 90 ARG 90 90 90 ARG ARG B . n 
B 1 91 PHE 91 91 91 PHE PHE B . n 
B 1 92 ASP 92 92 92 ASP ASP B . n 
B 1 93 ARG 93 93 93 ARG ARG B . n 
B 1 94 ARG 94 94 94 ARG ARG B . n 
B 1 95 ILE 95 95 ?  ?   ?   B . n 
# 
loop_
_pdbx_nonpoly_scheme.asym_id 
_pdbx_nonpoly_scheme.entity_id 
_pdbx_nonpoly_scheme.mon_id 
_pdbx_nonpoly_scheme.ndb_seq_num 
_pdbx_nonpoly_scheme.pdb_seq_num 
_pdbx_nonpoly_scheme.auth_seq_num 
_pdbx_nonpoly_scheme.pdb_mon_id 
_pdbx_nonpoly_scheme.auth_mon_id 
_pdbx_nonpoly_scheme.pdb_strand_id 
_pdbx_nonpoly_scheme.pdb_ins_code 
C 2 HOH 1  2001 2001 HOH HOH A . 
C 2 HOH 2  2002 2002 HOH HOH A . 
C 2 HOH 3  2003 2003 HOH HOH A . 
C 2 HOH 4  2004 2004 HOH HOH A . 
C 2 HOH 5  2005 2005 HOH HOH A . 
C 2 HOH 6  2006 2006 HOH HOH A . 
C 2 HOH 7  2007 2007 HOH HOH A . 
C 2 HOH 8  2008 2008 HOH HOH A . 
C 2 HOH 9  2009 2009 HOH HOH A . 
C 2 HOH 10 2010 2010 HOH HOH A . 
C 2 HOH 11 2011 2011 HOH HOH A . 
C 2 HOH 12 2012 2012 HOH HOH A . 
C 2 HOH 13 2013 2013 HOH HOH A . 
C 2 HOH 14 2014 2014 HOH HOH A . 
C 2 HOH 15 2015 2015 HOH HOH A . 
C 2 HOH 16 2016 2016 HOH HOH A . 
C 2 HOH 17 2017 2017 HOH HOH A . 
C 2 HOH 18 2018 2018 HOH HOH A . 
C 2 HOH 19 2019 2019 HOH HOH A . 
C 2 HOH 20 2020 2020 HOH HOH A . 
C 2 HOH 21 2021 2021 HOH HOH A . 
C 2 HOH 22 2022 2022 HOH HOH A . 
C 2 HOH 23 2023 2023 HOH HOH A . 
C 2 HOH 24 2024 2024 HOH HOH A . 
C 2 HOH 25 2025 2025 HOH HOH A . 
C 2 HOH 26 2026 2026 HOH HOH A . 
C 2 HOH 27 2027 2027 HOH HOH A . 
C 2 HOH 28 2028 2028 HOH HOH A . 
C 2 HOH 29 2029 2029 HOH HOH A . 
C 2 HOH 30 2030 2030 HOH HOH A . 
C 2 HOH 31 2031 2031 HOH HOH A . 
C 2 HOH 32 2032 2032 HOH HOH A . 
C 2 HOH 33 2033 2033 HOH HOH A . 
C 2 HOH 34 2034 2034 HOH HOH A . 
C 2 HOH 35 2035 2035 HOH HOH A . 
D 2 HOH 1  2001 2001 HOH HOH B . 
D 2 HOH 2  2002 2002 HOH HOH B . 
D 2 HOH 3  2003 2003 HOH HOH B . 
D 2 HOH 4  2004 2004 HOH HOH B . 
D 2 HOH 5  2005 2005 HOH HOH B . 
D 2 HOH 6  2006 2006 HOH HOH B . 
D 2 HOH 7  2007 2007 HOH HOH B . 
D 2 HOH 8  2008 2008 HOH HOH B . 
D 2 HOH 9  2009 2009 HOH HOH B . 
D 2 HOH 10 2010 2010 HOH HOH B . 
D 2 HOH 11 2011 2011 HOH HOH B . 
D 2 HOH 12 2012 2012 HOH HOH B . 
D 2 HOH 13 2013 2013 HOH HOH B . 
D 2 HOH 14 2014 2014 HOH HOH B . 
D 2 HOH 15 2015 2015 HOH HOH B . 
D 2 HOH 16 2016 2016 HOH HOH B . 
D 2 HOH 17 2017 2017 HOH HOH B . 
D 2 HOH 18 2018 2018 HOH HOH B . 
D 2 HOH 19 2019 2019 HOH HOH B . 
D 2 HOH 20 2020 2020 HOH HOH B . 
D 2 HOH 21 2021 2021 HOH HOH B . 
D 2 HOH 22 2022 2022 HOH HOH B . 
D 2 HOH 23 2023 2023 HOH HOH B . 
D 2 HOH 24 2024 2024 HOH HOH B . 
D 2 HOH 25 2025 2025 HOH HOH B . 
D 2 HOH 26 2026 2026 HOH HOH B . 
D 2 HOH 27 2027 2027 HOH HOH B . 
D 2 HOH 28 2028 2028 HOH HOH B . 
D 2 HOH 29 2029 2029 HOH HOH B . 
D 2 HOH 30 2030 2030 HOH HOH B . 
D 2 HOH 31 2031 2031 HOH HOH B . 
D 2 HOH 32 2032 2032 HOH HOH B . 
D 2 HOH 33 2033 2033 HOH HOH B . 
D 2 HOH 34 2034 2034 HOH HOH B . 
D 2 HOH 35 2035 2035 HOH HOH B . 
D 2 HOH 36 2036 2036 HOH HOH B . 
D 2 HOH 37 2037 2037 HOH HOH B . 
D 2 HOH 38 2038 2038 HOH HOH B . 
D 2 HOH 39 2039 2039 HOH HOH B . 
D 2 HOH 40 2040 2040 HOH HOH B . 
# 
_pdbx_struct_assembly.id                   1 
_pdbx_struct_assembly.details              author_and_software_defined_assembly 
_pdbx_struct_assembly.method_details       PQS 
_pdbx_struct_assembly.oligomeric_details   dimeric 
_pdbx_struct_assembly.oligomeric_count     2 
# 
_pdbx_struct_assembly_gen.assembly_id       1 
_pdbx_struct_assembly_gen.oper_expression   1 
_pdbx_struct_assembly_gen.asym_id_list      A,B,C,D 
# 
_pdbx_struct_oper_list.id                   1 
_pdbx_struct_oper_list.type                 'identity operation' 
_pdbx_struct_oper_list.name                 1_555 
_pdbx_struct_oper_list.symmetry_operation   x,y,z 
_pdbx_struct_oper_list.matrix[1][1]         1.0000000000 
_pdbx_struct_oper_list.matrix[1][2]         0.0000000000 
_pdbx_struct_oper_list.matrix[1][3]         0.0000000000 
_pdbx_struct_oper_list.vector[1]            0.0000000000 
_pdbx_struct_oper_list.matrix[2][1]         0.0000000000 
_pdbx_struct_oper_list.matrix[2][2]         1.0000000000 
_pdbx_struct_oper_list.matrix[2][3]         0.0000000000 
_pdbx_struct_oper_list.vector[2]            0.0000000000 
_pdbx_struct_oper_list.matrix[3][1]         0.0000000000 
_pdbx_struct_oper_list.matrix[3][2]         0.0000000000 
_pdbx_struct_oper_list.matrix[3][3]         1.0000000000 
_pdbx_struct_oper_list.vector[3]            0.0000000000 
# 
loop_
_pdbx_audit_revision_history.ordinal 
_pdbx_audit_revision_history.data_content_type 
_pdbx_audit_revision_history.major_revision 
_pdbx_audit_revision_history.minor_revision 
_pdbx_audit_revision_history.revision_date 
1 'Structure model' 1 0 2006-01-25 
2 'Structure model' 1 1 2011-05-08 
3 'Structure model' 1 2 2011-07-13 
4 'Structure model' 1 3 2023-12-13 
# 
_pdbx_audit_revision_details.ordinal             1 
_pdbx_audit_revision_details.revision_ordinal    1 
_pdbx_audit_revision_details.data_content_type   'Structure model' 
_pdbx_audit_revision_details.provider            repository 
_pdbx_audit_revision_details.type                'Initial release' 
_pdbx_audit_revision_details.description         ? 
_pdbx_audit_revision_details.details             ? 
# 
loop_
_pdbx_audit_revision_group.ordinal 
_pdbx_audit_revision_group.revision_ordinal 
_pdbx_audit_revision_group.data_content_type 
_pdbx_audit_revision_group.group 
1 2 'Structure model' 'Version format compliance' 
2 3 'Structure model' 'Version format compliance' 
3 4 'Structure model' 'Data collection'           
4 4 'Structure model' 'Database references'       
5 4 'Structure model' Other                       
6 4 'Structure model' 'Refinement description'    
# 
loop_
_pdbx_audit_revision_category.ordinal 
_pdbx_audit_revision_category.revision_ordinal 
_pdbx_audit_revision_category.data_content_type 
_pdbx_audit_revision_category.category 
1 4 'Structure model' chem_comp_atom                
2 4 'Structure model' chem_comp_bond                
3 4 'Structure model' database_2                    
4 4 'Structure model' pdbx_database_status          
5 4 'Structure model' pdbx_initial_refinement_model 
# 
loop_
_pdbx_audit_revision_item.ordinal 
_pdbx_audit_revision_item.revision_ordinal 
_pdbx_audit_revision_item.data_content_type 
_pdbx_audit_revision_item.item 
1 4 'Structure model' '_database_2.pdbx_DOI'                 
2 4 'Structure model' '_database_2.pdbx_database_accession'  
3 4 'Structure model' '_pdbx_database_status.status_code_sf' 
# 
loop_
_software.name 
_software.classification 
_software.version 
_software.citation_id 
_software.pdbx_ordinal 
REFMAC refinement       5.2.0005 ? 1 
MOSFLM 'data reduction' .        ? 2 
SCALA  'data scaling'   .        ? 3 
PHASER phasing          .        ? 4 
# 
_pdbx_validate_symm_contact.id                1 
_pdbx_validate_symm_contact.PDB_model_num     1 
_pdbx_validate_symm_contact.auth_atom_id_1    OD2 
_pdbx_validate_symm_contact.auth_asym_id_1    A 
_pdbx_validate_symm_contact.auth_comp_id_1    ASP 
_pdbx_validate_symm_contact.auth_seq_id_1     92 
_pdbx_validate_symm_contact.PDB_ins_code_1    ? 
_pdbx_validate_symm_contact.label_alt_id_1    ? 
_pdbx_validate_symm_contact.site_symmetry_1   1_555 
_pdbx_validate_symm_contact.auth_atom_id_2    OD2 
_pdbx_validate_symm_contact.auth_asym_id_2    B 
_pdbx_validate_symm_contact.auth_comp_id_2    ASP 
_pdbx_validate_symm_contact.auth_seq_id_2     85 
_pdbx_validate_symm_contact.PDB_ins_code_2    ? 
_pdbx_validate_symm_contact.label_alt_id_2    ? 
_pdbx_validate_symm_contact.site_symmetry_2   2_675 
_pdbx_validate_symm_contact.dist              2.19 
# 
loop_
_pdbx_unobs_or_zero_occ_residues.id 
_pdbx_unobs_or_zero_occ_residues.PDB_model_num 
_pdbx_unobs_or_zero_occ_residues.polymer_flag 
_pdbx_unobs_or_zero_occ_residues.occupancy_flag 
_pdbx_unobs_or_zero_occ_residues.auth_asym_id 
_pdbx_unobs_or_zero_occ_residues.auth_comp_id 
_pdbx_unobs_or_zero_occ_residues.auth_seq_id 
_pdbx_unobs_or_zero_occ_residues.PDB_ins_code 
_pdbx_unobs_or_zero_occ_residues.label_asym_id 
_pdbx_unobs_or_zero_occ_residues.label_comp_id 
_pdbx_unobs_or_zero_occ_residues.label_seq_id 
1  1 Y 1 A MET 1  ? A MET 1  
2  1 Y 1 A ASN 2  ? A ASN 2  
3  1 Y 1 A ASN 3  ? A ASN 3  
4  1 Y 1 A SER 4  ? A SER 4  
5  1 Y 1 A GLU 5  ? A GLU 5  
6  1 Y 1 A GLY 33 ? A GLY 33 
7  1 Y 1 A ASP 34 ? A ASP 34 
8  1 Y 1 A ASP 35 ? A ASP 35 
9  1 Y 1 A ASP 36 ? A ASP 36 
10 1 Y 1 A GLN 37 ? A GLN 37 
11 1 Y 1 A ARG 93 ? A ARG 93 
12 1 Y 1 A ARG 94 ? A ARG 94 
13 1 Y 1 A ILE 95 ? A ILE 95 
14 1 Y 1 B MET 1  ? B MET 1  
15 1 Y 1 B ASN 2  ? B ASN 2  
16 1 Y 1 B ASN 3  ? B ASN 3  
17 1 Y 1 B SER 4  ? B SER 4  
18 1 Y 1 B GLU 5  ? B GLU 5  
19 1 Y 1 B ILE 95 ? B ILE 95 
# 
loop_
_chem_comp_atom.comp_id 
_chem_comp_atom.atom_id 
_chem_comp_atom.type_symbol 
_chem_comp_atom.pdbx_aromatic_flag 
_chem_comp_atom.pdbx_stereo_config 
_chem_comp_atom.pdbx_ordinal 
ALA N    N N N 1   
ALA CA   C N S 2   
ALA C    C N N 3   
ALA O    O N N 4   
ALA CB   C N N 5   
ALA OXT  O N N 6   
ALA H    H N N 7   
ALA H2   H N N 8   
ALA HA   H N N 9   
ALA HB1  H N N 10  
ALA HB2  H N N 11  
ALA HB3  H N N 12  
ALA HXT  H N N 13  
ARG N    N N N 14  
ARG CA   C N S 15  
ARG C    C N N 16  
ARG O    O N N 17  
ARG CB   C N N 18  
ARG CG   C N N 19  
ARG CD   C N N 20  
ARG NE   N N N 21  
ARG CZ   C N N 22  
ARG NH1  N N N 23  
ARG NH2  N N N 24  
ARG OXT  O N N 25  
ARG H    H N N 26  
ARG H2   H N N 27  
ARG HA   H N N 28  
ARG HB2  H N N 29  
ARG HB3  H N N 30  
ARG HG2  H N N 31  
ARG HG3  H N N 32  
ARG HD2  H N N 33  
ARG HD3  H N N 34  
ARG HE   H N N 35  
ARG HH11 H N N 36  
ARG HH12 H N N 37  
ARG HH21 H N N 38  
ARG HH22 H N N 39  
ARG HXT  H N N 40  
ASN N    N N N 41  
ASN CA   C N S 42  
ASN C    C N N 43  
ASN O    O N N 44  
ASN CB   C N N 45  
ASN CG   C N N 46  
ASN OD1  O N N 47  
ASN ND2  N N N 48  
ASN OXT  O N N 49  
ASN H    H N N 50  
ASN H2   H N N 51  
ASN HA   H N N 52  
ASN HB2  H N N 53  
ASN HB3  H N N 54  
ASN HD21 H N N 55  
ASN HD22 H N N 56  
ASN HXT  H N N 57  
ASP N    N N N 58  
ASP CA   C N S 59  
ASP C    C N N 60  
ASP O    O N N 61  
ASP CB   C N N 62  
ASP CG   C N N 63  
ASP OD1  O N N 64  
ASP OD2  O N N 65  
ASP OXT  O N N 66  
ASP H    H N N 67  
ASP H2   H N N 68  
ASP HA   H N N 69  
ASP HB2  H N N 70  
ASP HB3  H N N 71  
ASP HD2  H N N 72  
ASP HXT  H N N 73  
GLN N    N N N 74  
GLN CA   C N S 75  
GLN C    C N N 76  
GLN O    O N N 77  
GLN CB   C N N 78  
GLN CG   C N N 79  
GLN CD   C N N 80  
GLN OE1  O N N 81  
GLN NE2  N N N 82  
GLN OXT  O N N 83  
GLN H    H N N 84  
GLN H2   H N N 85  
GLN HA   H N N 86  
GLN HB2  H N N 87  
GLN HB3  H N N 88  
GLN HG2  H N N 89  
GLN HG3  H N N 90  
GLN HE21 H N N 91  
GLN HE22 H N N 92  
GLN HXT  H N N 93  
GLU N    N N N 94  
GLU CA   C N S 95  
GLU C    C N N 96  
GLU O    O N N 97  
GLU CB   C N N 98  
GLU CG   C N N 99  
GLU CD   C N N 100 
GLU OE1  O N N 101 
GLU OE2  O N N 102 
GLU OXT  O N N 103 
GLU H    H N N 104 
GLU H2   H N N 105 
GLU HA   H N N 106 
GLU HB2  H N N 107 
GLU HB3  H N N 108 
GLU HG2  H N N 109 
GLU HG3  H N N 110 
GLU HE2  H N N 111 
GLU HXT  H N N 112 
GLY N    N N N 113 
GLY CA   C N N 114 
GLY C    C N N 115 
GLY O    O N N 116 
GLY OXT  O N N 117 
GLY H    H N N 118 
GLY H2   H N N 119 
GLY HA2  H N N 120 
GLY HA3  H N N 121 
GLY HXT  H N N 122 
HIS N    N N N 123 
HIS CA   C N S 124 
HIS C    C N N 125 
HIS O    O N N 126 
HIS CB   C N N 127 
HIS CG   C Y N 128 
HIS ND1  N Y N 129 
HIS CD2  C Y N 130 
HIS CE1  C Y N 131 
HIS NE2  N Y N 132 
HIS OXT  O N N 133 
HIS H    H N N 134 
HIS H2   H N N 135 
HIS HA   H N N 136 
HIS HB2  H N N 137 
HIS HB3  H N N 138 
HIS HD1  H N N 139 
HIS HD2  H N N 140 
HIS HE1  H N N 141 
HIS HE2  H N N 142 
HIS HXT  H N N 143 
HOH O    O N N 144 
HOH H1   H N N 145 
HOH H2   H N N 146 
ILE N    N N N 147 
ILE CA   C N S 148 
ILE C    C N N 149 
ILE O    O N N 150 
ILE CB   C N S 151 
ILE CG1  C N N 152 
ILE CG2  C N N 153 
ILE CD1  C N N 154 
ILE OXT  O N N 155 
ILE H    H N N 156 
ILE H2   H N N 157 
ILE HA   H N N 158 
ILE HB   H N N 159 
ILE HG12 H N N 160 
ILE HG13 H N N 161 
ILE HG21 H N N 162 
ILE HG22 H N N 163 
ILE HG23 H N N 164 
ILE HD11 H N N 165 
ILE HD12 H N N 166 
ILE HD13 H N N 167 
ILE HXT  H N N 168 
LEU N    N N N 169 
LEU CA   C N S 170 
LEU C    C N N 171 
LEU O    O N N 172 
LEU CB   C N N 173 
LEU CG   C N N 174 
LEU CD1  C N N 175 
LEU CD2  C N N 176 
LEU OXT  O N N 177 
LEU H    H N N 178 
LEU H2   H N N 179 
LEU HA   H N N 180 
LEU HB2  H N N 181 
LEU HB3  H N N 182 
LEU HG   H N N 183 
LEU HD11 H N N 184 
LEU HD12 H N N 185 
LEU HD13 H N N 186 
LEU HD21 H N N 187 
LEU HD22 H N N 188 
LEU HD23 H N N 189 
LEU HXT  H N N 190 
LYS N    N N N 191 
LYS CA   C N S 192 
LYS C    C N N 193 
LYS O    O N N 194 
LYS CB   C N N 195 
LYS CG   C N N 196 
LYS CD   C N N 197 
LYS CE   C N N 198 
LYS NZ   N N N 199 
LYS OXT  O N N 200 
LYS H    H N N 201 
LYS H2   H N N 202 
LYS HA   H N N 203 
LYS HB2  H N N 204 
LYS HB3  H N N 205 
LYS HG2  H N N 206 
LYS HG3  H N N 207 
LYS HD2  H N N 208 
LYS HD3  H N N 209 
LYS HE2  H N N 210 
LYS HE3  H N N 211 
LYS HZ1  H N N 212 
LYS HZ2  H N N 213 
LYS HZ3  H N N 214 
LYS HXT  H N N 215 
MET N    N N N 216 
MET CA   C N S 217 
MET C    C N N 218 
MET O    O N N 219 
MET CB   C N N 220 
MET CG   C N N 221 
MET SD   S N N 222 
MET CE   C N N 223 
MET OXT  O N N 224 
MET H    H N N 225 
MET H2   H N N 226 
MET HA   H N N 227 
MET HB2  H N N 228 
MET HB3  H N N 229 
MET HG2  H N N 230 
MET HG3  H N N 231 
MET HE1  H N N 232 
MET HE2  H N N 233 
MET HE3  H N N 234 
MET HXT  H N N 235 
PHE N    N N N 236 
PHE CA   C N S 237 
PHE C    C N N 238 
PHE O    O N N 239 
PHE CB   C N N 240 
PHE CG   C Y N 241 
PHE CD1  C Y N 242 
PHE CD2  C Y N 243 
PHE CE1  C Y N 244 
PHE CE2  C Y N 245 
PHE CZ   C Y N 246 
PHE OXT  O N N 247 
PHE H    H N N 248 
PHE H2   H N N 249 
PHE HA   H N N 250 
PHE HB2  H N N 251 
PHE HB3  H N N 252 
PHE HD1  H N N 253 
PHE HD2  H N N 254 
PHE HE1  H N N 255 
PHE HE2  H N N 256 
PHE HZ   H N N 257 
PHE HXT  H N N 258 
PRO N    N N N 259 
PRO CA   C N S 260 
PRO C    C N N 261 
PRO O    O N N 262 
PRO CB   C N N 263 
PRO CG   C N N 264 
PRO CD   C N N 265 
PRO OXT  O N N 266 
PRO H    H N N 267 
PRO HA   H N N 268 
PRO HB2  H N N 269 
PRO HB3  H N N 270 
PRO HG2  H N N 271 
PRO HG3  H N N 272 
PRO HD2  H N N 273 
PRO HD3  H N N 274 
PRO HXT  H N N 275 
SER N    N N N 276 
SER CA   C N S 277 
SER C    C N N 278 
SER O    O N N 279 
SER CB   C N N 280 
SER OG   O N N 281 
SER OXT  O N N 282 
SER H    H N N 283 
SER H2   H N N 284 
SER HA   H N N 285 
SER HB2  H N N 286 
SER HB3  H N N 287 
SER HG   H N N 288 
SER HXT  H N N 289 
THR N    N N N 290 
THR CA   C N S 291 
THR C    C N N 292 
THR O    O N N 293 
THR CB   C N R 294 
THR OG1  O N N 295 
THR CG2  C N N 296 
THR OXT  O N N 297 
THR H    H N N 298 
THR H2   H N N 299 
THR HA   H N N 300 
THR HB   H N N 301 
THR HG1  H N N 302 
THR HG21 H N N 303 
THR HG22 H N N 304 
THR HG23 H N N 305 
THR HXT  H N N 306 
TYR N    N N N 307 
TYR CA   C N S 308 
TYR C    C N N 309 
TYR O    O N N 310 
TYR CB   C N N 311 
TYR CG   C Y N 312 
TYR CD1  C Y N 313 
TYR CD2  C Y N 314 
TYR CE1  C Y N 315 
TYR CE2  C Y N 316 
TYR CZ   C Y N 317 
TYR OH   O N N 318 
TYR OXT  O N N 319 
TYR H    H N N 320 
TYR H2   H N N 321 
TYR HA   H N N 322 
TYR HB2  H N N 323 
TYR HB3  H N N 324 
TYR HD1  H N N 325 
TYR HD2  H N N 326 
TYR HE1  H N N 327 
TYR HE2  H N N 328 
TYR HH   H N N 329 
TYR HXT  H N N 330 
VAL N    N N N 331 
VAL CA   C N S 332 
VAL C    C N N 333 
VAL O    O N N 334 
VAL CB   C N N 335 
VAL CG1  C N N 336 
VAL CG2  C N N 337 
VAL OXT  O N N 338 
VAL H    H N N 339 
VAL H2   H N N 340 
VAL HA   H N N 341 
VAL HB   H N N 342 
VAL HG11 H N N 343 
VAL HG12 H N N 344 
VAL HG13 H N N 345 
VAL HG21 H N N 346 
VAL HG22 H N N 347 
VAL HG23 H N N 348 
VAL HXT  H N N 349 
# 
loop_
_chem_comp_bond.comp_id 
_chem_comp_bond.atom_id_1 
_chem_comp_bond.atom_id_2 
_chem_comp_bond.value_order 
_chem_comp_bond.pdbx_aromatic_flag 
_chem_comp_bond.pdbx_stereo_config 
_chem_comp_bond.pdbx_ordinal 
ALA N   CA   sing N N 1   
ALA N   H    sing N N 2   
ALA N   H2   sing N N 3   
ALA CA  C    sing N N 4   
ALA CA  CB   sing N N 5   
ALA CA  HA   sing N N 6   
ALA C   O    doub N N 7   
ALA C   OXT  sing N N 8   
ALA CB  HB1  sing N N 9   
ALA CB  HB2  sing N N 10  
ALA CB  HB3  sing N N 11  
ALA OXT HXT  sing N N 12  
ARG N   CA   sing N N 13  
ARG N   H    sing N N 14  
ARG N   H2   sing N N 15  
ARG CA  C    sing N N 16  
ARG CA  CB   sing N N 17  
ARG CA  HA   sing N N 18  
ARG C   O    doub N N 19  
ARG C   OXT  sing N N 20  
ARG CB  CG   sing N N 21  
ARG CB  HB2  sing N N 22  
ARG CB  HB3  sing N N 23  
ARG CG  CD   sing N N 24  
ARG CG  HG2  sing N N 25  
ARG CG  HG3  sing N N 26  
ARG CD  NE   sing N N 27  
ARG CD  HD2  sing N N 28  
ARG CD  HD3  sing N N 29  
ARG NE  CZ   sing N N 30  
ARG NE  HE   sing N N 31  
ARG CZ  NH1  sing N N 32  
ARG CZ  NH2  doub N N 33  
ARG NH1 HH11 sing N N 34  
ARG NH1 HH12 sing N N 35  
ARG NH2 HH21 sing N N 36  
ARG NH2 HH22 sing N N 37  
ARG OXT HXT  sing N N 38  
ASN N   CA   sing N N 39  
ASN N   H    sing N N 40  
ASN N   H2   sing N N 41  
ASN CA  C    sing N N 42  
ASN CA  CB   sing N N 43  
ASN CA  HA   sing N N 44  
ASN C   O    doub N N 45  
ASN C   OXT  sing N N 46  
ASN CB  CG   sing N N 47  
ASN CB  HB2  sing N N 48  
ASN CB  HB3  sing N N 49  
ASN CG  OD1  doub N N 50  
ASN CG  ND2  sing N N 51  
ASN ND2 HD21 sing N N 52  
ASN ND2 HD22 sing N N 53  
ASN OXT HXT  sing N N 54  
ASP N   CA   sing N N 55  
ASP N   H    sing N N 56  
ASP N   H2   sing N N 57  
ASP CA  C    sing N N 58  
ASP CA  CB   sing N N 59  
ASP CA  HA   sing N N 60  
ASP C   O    doub N N 61  
ASP C   OXT  sing N N 62  
ASP CB  CG   sing N N 63  
ASP CB  HB2  sing N N 64  
ASP CB  HB3  sing N N 65  
ASP CG  OD1  doub N N 66  
ASP CG  OD2  sing N N 67  
ASP OD2 HD2  sing N N 68  
ASP OXT HXT  sing N N 69  
GLN N   CA   sing N N 70  
GLN N   H    sing N N 71  
GLN N   H2   sing N N 72  
GLN CA  C    sing N N 73  
GLN CA  CB   sing N N 74  
GLN CA  HA   sing N N 75  
GLN C   O    doub N N 76  
GLN C   OXT  sing N N 77  
GLN CB  CG   sing N N 78  
GLN CB  HB2  sing N N 79  
GLN CB  HB3  sing N N 80  
GLN CG  CD   sing N N 81  
GLN CG  HG2  sing N N 82  
GLN CG  HG3  sing N N 83  
GLN CD  OE1  doub N N 84  
GLN CD  NE2  sing N N 85  
GLN NE2 HE21 sing N N 86  
GLN NE2 HE22 sing N N 87  
GLN OXT HXT  sing N N 88  
GLU N   CA   sing N N 89  
GLU N   H    sing N N 90  
GLU N   H2   sing N N 91  
GLU CA  C    sing N N 92  
GLU CA  CB   sing N N 93  
GLU CA  HA   sing N N 94  
GLU C   O    doub N N 95  
GLU C   OXT  sing N N 96  
GLU CB  CG   sing N N 97  
GLU CB  HB2  sing N N 98  
GLU CB  HB3  sing N N 99  
GLU CG  CD   sing N N 100 
GLU CG  HG2  sing N N 101 
GLU CG  HG3  sing N N 102 
GLU CD  OE1  doub N N 103 
GLU CD  OE2  sing N N 104 
GLU OE2 HE2  sing N N 105 
GLU OXT HXT  sing N N 106 
GLY N   CA   sing N N 107 
GLY N   H    sing N N 108 
GLY N   H2   sing N N 109 
GLY CA  C    sing N N 110 
GLY CA  HA2  sing N N 111 
GLY CA  HA3  sing N N 112 
GLY C   O    doub N N 113 
GLY C   OXT  sing N N 114 
GLY OXT HXT  sing N N 115 
HIS N   CA   sing N N 116 
HIS N   H    sing N N 117 
HIS N   H2   sing N N 118 
HIS CA  C    sing N N 119 
HIS CA  CB   sing N N 120 
HIS CA  HA   sing N N 121 
HIS C   O    doub N N 122 
HIS C   OXT  sing N N 123 
HIS CB  CG   sing N N 124 
HIS CB  HB2  sing N N 125 
HIS CB  HB3  sing N N 126 
HIS CG  ND1  sing Y N 127 
HIS CG  CD2  doub Y N 128 
HIS ND1 CE1  doub Y N 129 
HIS ND1 HD1  sing N N 130 
HIS CD2 NE2  sing Y N 131 
HIS CD2 HD2  sing N N 132 
HIS CE1 NE2  sing Y N 133 
HIS CE1 HE1  sing N N 134 
HIS NE2 HE2  sing N N 135 
HIS OXT HXT  sing N N 136 
HOH O   H1   sing N N 137 
HOH O   H2   sing N N 138 
ILE N   CA   sing N N 139 
ILE N   H    sing N N 140 
ILE N   H2   sing N N 141 
ILE CA  C    sing N N 142 
ILE CA  CB   sing N N 143 
ILE CA  HA   sing N N 144 
ILE C   O    doub N N 145 
ILE C   OXT  sing N N 146 
ILE CB  CG1  sing N N 147 
ILE CB  CG2  sing N N 148 
ILE CB  HB   sing N N 149 
ILE CG1 CD1  sing N N 150 
ILE CG1 HG12 sing N N 151 
ILE CG1 HG13 sing N N 152 
ILE CG2 HG21 sing N N 153 
ILE CG2 HG22 sing N N 154 
ILE CG2 HG23 sing N N 155 
ILE CD1 HD11 sing N N 156 
ILE CD1 HD12 sing N N 157 
ILE CD1 HD13 sing N N 158 
ILE OXT HXT  sing N N 159 
LEU N   CA   sing N N 160 
LEU N   H    sing N N 161 
LEU N   H2   sing N N 162 
LEU CA  C    sing N N 163 
LEU CA  CB   sing N N 164 
LEU CA  HA   sing N N 165 
LEU C   O    doub N N 166 
LEU C   OXT  sing N N 167 
LEU CB  CG   sing N N 168 
LEU CB  HB2  sing N N 169 
LEU CB  HB3  sing N N 170 
LEU CG  CD1  sing N N 171 
LEU CG  CD2  sing N N 172 
LEU CG  HG   sing N N 173 
LEU CD1 HD11 sing N N 174 
LEU CD1 HD12 sing N N 175 
LEU CD1 HD13 sing N N 176 
LEU CD2 HD21 sing N N 177 
LEU CD2 HD22 sing N N 178 
LEU CD2 HD23 sing N N 179 
LEU OXT HXT  sing N N 180 
LYS N   CA   sing N N 181 
LYS N   H    sing N N 182 
LYS N   H2   sing N N 183 
LYS CA  C    sing N N 184 
LYS CA  CB   sing N N 185 
LYS CA  HA   sing N N 186 
LYS C   O    doub N N 187 
LYS C   OXT  sing N N 188 
LYS CB  CG   sing N N 189 
LYS CB  HB2  sing N N 190 
LYS CB  HB3  sing N N 191 
LYS CG  CD   sing N N 192 
LYS CG  HG2  sing N N 193 
LYS CG  HG3  sing N N 194 
LYS CD  CE   sing N N 195 
LYS CD  HD2  sing N N 196 
LYS CD  HD3  sing N N 197 
LYS CE  NZ   sing N N 198 
LYS CE  HE2  sing N N 199 
LYS CE  HE3  sing N N 200 
LYS NZ  HZ1  sing N N 201 
LYS NZ  HZ2  sing N N 202 
LYS NZ  HZ3  sing N N 203 
LYS OXT HXT  sing N N 204 
MET N   CA   sing N N 205 
MET N   H    sing N N 206 
MET N   H2   sing N N 207 
MET CA  C    sing N N 208 
MET CA  CB   sing N N 209 
MET CA  HA   sing N N 210 
MET C   O    doub N N 211 
MET C   OXT  sing N N 212 
MET CB  CG   sing N N 213 
MET CB  HB2  sing N N 214 
MET CB  HB3  sing N N 215 
MET CG  SD   sing N N 216 
MET CG  HG2  sing N N 217 
MET CG  HG3  sing N N 218 
MET SD  CE   sing N N 219 
MET CE  HE1  sing N N 220 
MET CE  HE2  sing N N 221 
MET CE  HE3  sing N N 222 
MET OXT HXT  sing N N 223 
PHE N   CA   sing N N 224 
PHE N   H    sing N N 225 
PHE N   H2   sing N N 226 
PHE CA  C    sing N N 227 
PHE CA  CB   sing N N 228 
PHE CA  HA   sing N N 229 
PHE C   O    doub N N 230 
PHE C   OXT  sing N N 231 
PHE CB  CG   sing N N 232 
PHE CB  HB2  sing N N 233 
PHE CB  HB3  sing N N 234 
PHE CG  CD1  doub Y N 235 
PHE CG  CD2  sing Y N 236 
PHE CD1 CE1  sing Y N 237 
PHE CD1 HD1  sing N N 238 
PHE CD2 CE2  doub Y N 239 
PHE CD2 HD2  sing N N 240 
PHE CE1 CZ   doub Y N 241 
PHE CE1 HE1  sing N N 242 
PHE CE2 CZ   sing Y N 243 
PHE CE2 HE2  sing N N 244 
PHE CZ  HZ   sing N N 245 
PHE OXT HXT  sing N N 246 
PRO N   CA   sing N N 247 
PRO N   CD   sing N N 248 
PRO N   H    sing N N 249 
PRO CA  C    sing N N 250 
PRO CA  CB   sing N N 251 
PRO CA  HA   sing N N 252 
PRO C   O    doub N N 253 
PRO C   OXT  sing N N 254 
PRO CB  CG   sing N N 255 
PRO CB  HB2  sing N N 256 
PRO CB  HB3  sing N N 257 
PRO CG  CD   sing N N 258 
PRO CG  HG2  sing N N 259 
PRO CG  HG3  sing N N 260 
PRO CD  HD2  sing N N 261 
PRO CD  HD3  sing N N 262 
PRO OXT HXT  sing N N 263 
SER N   CA   sing N N 264 
SER N   H    sing N N 265 
SER N   H2   sing N N 266 
SER CA  C    sing N N 267 
SER CA  CB   sing N N 268 
SER CA  HA   sing N N 269 
SER C   O    doub N N 270 
SER C   OXT  sing N N 271 
SER CB  OG   sing N N 272 
SER CB  HB2  sing N N 273 
SER CB  HB3  sing N N 274 
SER OG  HG   sing N N 275 
SER OXT HXT  sing N N 276 
THR N   CA   sing N N 277 
THR N   H    sing N N 278 
THR N   H2   sing N N 279 
THR CA  C    sing N N 280 
THR CA  CB   sing N N 281 
THR CA  HA   sing N N 282 
THR C   O    doub N N 283 
THR C   OXT  sing N N 284 
THR CB  OG1  sing N N 285 
THR CB  CG2  sing N N 286 
THR CB  HB   sing N N 287 
THR OG1 HG1  sing N N 288 
THR CG2 HG21 sing N N 289 
THR CG2 HG22 sing N N 290 
THR CG2 HG23 sing N N 291 
THR OXT HXT  sing N N 292 
TYR N   CA   sing N N 293 
TYR N   H    sing N N 294 
TYR N   H2   sing N N 295 
TYR CA  C    sing N N 296 
TYR CA  CB   sing N N 297 
TYR CA  HA   sing N N 298 
TYR C   O    doub N N 299 
TYR C   OXT  sing N N 300 
TYR CB  CG   sing N N 301 
TYR CB  HB2  sing N N 302 
TYR CB  HB3  sing N N 303 
TYR CG  CD1  doub Y N 304 
TYR CG  CD2  sing Y N 305 
TYR CD1 CE1  sing Y N 306 
TYR CD1 HD1  sing N N 307 
TYR CD2 CE2  doub Y N 308 
TYR CD2 HD2  sing N N 309 
TYR CE1 CZ   doub Y N 310 
TYR CE1 HE1  sing N N 311 
TYR CE2 CZ   sing Y N 312 
TYR CE2 HE2  sing N N 313 
TYR CZ  OH   sing N N 314 
TYR OH  HH   sing N N 315 
TYR OXT HXT  sing N N 316 
VAL N   CA   sing N N 317 
VAL N   H    sing N N 318 
VAL N   H2   sing N N 319 
VAL CA  C    sing N N 320 
VAL CA  CB   sing N N 321 
VAL CA  HA   sing N N 322 
VAL C   O    doub N N 323 
VAL C   OXT  sing N N 324 
VAL CB  CG1  sing N N 325 
VAL CB  CG2  sing N N 326 
VAL CB  HB   sing N N 327 
VAL CG1 HG11 sing N N 328 
VAL CG1 HG12 sing N N 329 
VAL CG1 HG13 sing N N 330 
VAL CG2 HG21 sing N N 331 
VAL CG2 HG22 sing N N 332 
VAL CG2 HG23 sing N N 333 
VAL OXT HXT  sing N N 334 
# 
_pdbx_entity_nonpoly.entity_id   2 
_pdbx_entity_nonpoly.name        water 
_pdbx_entity_nonpoly.comp_id     HOH 
# 
_pdbx_initial_refinement_model.id               1 
_pdbx_initial_refinement_model.entity_id_list   ? 
_pdbx_initial_refinement_model.type             'experimental model' 
_pdbx_initial_refinement_model.source_name      PDB 
_pdbx_initial_refinement_model.accession_code   2C5I 
_pdbx_initial_refinement_model.details          'PDB ENTRY 2C5I' 
# 
